data_8CQL
#
_entry.id   8CQL
#
_cell.length_a   92.688
_cell.length_b   92.688
_cell.length_c   359.622
_cell.angle_alpha   90.00
_cell.angle_beta   90.00
_cell.angle_gamma   90.00
#
_symmetry.space_group_name_H-M   'P 41 21 2'
#
loop_
_entity.id
_entity.type
_entity.pdbx_description
1 polymer Elongin-B
2 polymer Elongin-C
3 polymer 'von Hippel-Lindau disease tumor suppressor'
4 non-polymer (2~{S},4~{R})-1-[(2~{S})-2-[(1-fluoranylcyclopropyl)carbonylamino]-3,3-dimethyl-butanoyl]-~{N}-[(1~{S})-1-[5-fluoranyl-2-methoxy-4-(4-methyl-1,3-thiazol-5-yl)phenyl]ethyl]-4-oxidanyl-pyrrolidine-2-carboxamide
5 water water
#
loop_
_entity_poly.entity_id
_entity_poly.type
_entity_poly.pdbx_seq_one_letter_code
_entity_poly.pdbx_strand_id
1 'polypeptide(L)'
;MDVFLMIRRHKTTIFTDAKESSTVFELKRIVEGILKRPPDEQRLYKDDQLLDDGKTLGE(CAS)GFTSQTARPQAPATVG
LAFRADDTFEAL(CAS)IEPFSSPPELPDVMK
;
A,D,G,J
2 'polypeptide(L)'
;MMYVKLISSDGHEFIVKREHALTSGTIKAMLSGPGQFAENETNEVNFREIPSHVLSKVCMYFTYKVRYTNSSTEIPEFPI
APEIALELLMAANFLDC
;
B,E,H,K
3 'polypeptide(L)'
;GSMEAGRPRPVLRSVNSREPSQVIF(CAS)NRSPRVVLPVWLNFDGEPQPYPTLPPGTGRRIHSYRGHLWLFRDAGTHDG
LLVNQTELFVPSLNVDGQPIFANITLPVYTLKERCLQVVRSLVKPENYRRLDIVRSLYEDLEDHPNVQKDLERLTQERIA
HQRMGD
;
C,F,I,L
#
loop_
_chem_comp.id
_chem_comp.type
_chem_comp.name
_chem_comp.formula
VH3 non-polymer (2~{S},4~{R})-1-[(2~{S})-2-[(1-fluoranylcyclopropyl)carbonylamino]-3,3-dimethyl-butanoyl]-~{N}-[(1~{S})-1-[5-fluoranyl-2-methoxy-4-(4-methyl-1,3-thiazol-5-yl)phenyl]ethyl]-4-oxidanyl-pyrrolidine-2-carboxamide 'C28 H36 F2 N4 O5 S'
#
# COMPACT_ATOMS: atom_id res chain seq x y z
N MET A 1 -2.41 -28.44 -39.45
CA MET A 1 -1.61 -28.35 -40.66
C MET A 1 -0.89 -26.99 -40.74
N ASP A 2 -1.55 -25.94 -40.26
CA ASP A 2 -0.97 -24.61 -40.27
C ASP A 2 -0.01 -24.46 -39.10
N VAL A 3 1.17 -23.90 -39.36
CA VAL A 3 2.15 -23.60 -38.31
C VAL A 3 2.47 -22.12 -38.35
N PHE A 4 2.83 -21.56 -37.20
CA PHE A 4 3.09 -20.14 -37.05
C PHE A 4 4.49 -19.97 -36.49
N LEU A 5 5.29 -19.16 -37.15
CA LEU A 5 6.69 -19.09 -36.77
C LEU A 5 7.32 -17.73 -36.62
N MET A 6 8.45 -17.70 -35.95
CA MET A 6 9.21 -16.48 -35.84
C MET A 6 10.56 -16.75 -36.47
N ILE A 7 10.80 -16.20 -37.65
CA ILE A 7 12.08 -16.37 -38.30
C ILE A 7 12.98 -15.26 -37.79
N ARG A 8 14.05 -15.63 -37.11
CA ARG A 8 14.86 -14.62 -36.48
C ARG A 8 16.35 -14.54 -36.79
N ARG A 9 16.86 -13.32 -36.93
CA ARG A 9 18.27 -13.10 -37.19
C ARG A 9 18.64 -11.75 -36.59
N HIS A 10 19.65 -11.73 -35.70
CA HIS A 10 20.14 -10.50 -35.06
C HIS A 10 18.96 -9.83 -34.37
N LYS A 11 18.61 -8.61 -34.72
CA LYS A 11 17.46 -7.90 -34.18
C LYS A 11 16.29 -7.89 -35.15
N THR A 12 16.25 -8.85 -36.08
CA THR A 12 15.18 -8.99 -37.04
C THR A 12 14.32 -10.19 -36.65
N THR A 13 13.01 -10.01 -36.67
CA THR A 13 12.10 -11.08 -36.33
C THR A 13 10.92 -11.03 -37.27
N ILE A 14 10.80 -12.04 -38.11
CA ILE A 14 9.68 -12.11 -39.05
C ILE A 14 8.62 -13.06 -38.57
N PHE A 15 7.40 -12.58 -38.41
CA PHE A 15 6.31 -13.43 -38.02
C PHE A 15 5.64 -13.90 -39.30
N THR A 16 5.51 -15.20 -39.46
CA THR A 16 4.89 -15.74 -40.67
C THR A 16 4.34 -17.12 -40.36
N ASP A 17 3.48 -17.61 -41.26
CA ASP A 17 2.89 -18.93 -41.13
C ASP A 17 3.07 -19.72 -42.42
N ALA A 18 2.93 -21.03 -42.30
CA ALA A 18 3.02 -21.95 -43.42
C ALA A 18 2.30 -23.24 -43.04
N LYS A 19 2.46 -24.29 -43.84
CA LYS A 19 1.85 -25.58 -43.58
C LYS A 19 2.93 -26.57 -43.17
N GLU A 20 2.53 -27.59 -42.39
CA GLU A 20 3.48 -28.63 -42.01
C GLU A 20 4.04 -29.35 -43.24
N SER A 21 3.22 -29.46 -44.29
CA SER A 21 3.63 -30.07 -45.55
C SER A 21 4.60 -29.20 -46.34
N SER A 22 4.62 -27.89 -46.10
CA SER A 22 5.52 -26.98 -46.81
C SER A 22 6.95 -27.36 -46.54
N THR A 23 7.84 -27.02 -47.46
CA THR A 23 9.24 -27.37 -47.31
C THR A 23 10.02 -26.19 -46.76
N VAL A 24 11.25 -26.49 -46.33
CA VAL A 24 12.16 -25.45 -45.85
C VAL A 24 12.48 -24.46 -46.98
N PHE A 25 12.59 -24.95 -48.21
CA PHE A 25 12.91 -24.07 -49.32
C PHE A 25 11.81 -23.04 -49.55
N GLU A 26 10.54 -23.47 -49.48
CA GLU A 26 9.44 -22.52 -49.65
C GLU A 26 9.46 -21.47 -48.55
N LEU A 27 9.90 -21.85 -47.35
CA LEU A 27 10.07 -20.88 -46.28
C LEU A 27 11.19 -19.89 -46.60
N LYS A 28 12.25 -20.37 -47.27
CA LYS A 28 13.32 -19.48 -47.71
C LYS A 28 12.84 -18.51 -48.78
N ARG A 29 11.89 -18.93 -49.61
CA ARG A 29 11.33 -18.02 -50.61
C ARG A 29 10.60 -16.88 -49.93
N ILE A 30 9.92 -17.16 -48.82
CA ILE A 30 9.25 -16.10 -48.08
C ILE A 30 10.26 -15.13 -47.49
N VAL A 31 11.36 -15.65 -46.93
CA VAL A 31 12.41 -14.77 -46.42
C VAL A 31 12.97 -13.91 -47.56
N GLU A 32 13.10 -14.50 -48.75
CA GLU A 32 13.64 -13.77 -49.89
C GLU A 32 12.75 -12.59 -50.29
N GLY A 33 11.44 -12.79 -50.32
CA GLY A 33 10.55 -11.71 -50.68
C GLY A 33 10.62 -10.55 -49.71
N ILE A 34 10.79 -10.84 -48.41
CA ILE A 34 10.83 -9.80 -47.39
C ILE A 34 12.20 -9.14 -47.33
N LEU A 35 13.27 -9.95 -47.24
CA LEU A 35 14.61 -9.45 -46.98
C LEU A 35 15.51 -9.43 -48.21
N LYS A 36 15.00 -9.80 -49.39
CA LYS A 36 15.73 -9.65 -50.65
C LYS A 36 17.05 -10.43 -50.66
N ARG A 37 17.03 -11.64 -50.11
CA ARG A 37 18.21 -12.52 -50.14
C ARG A 37 17.79 -13.88 -50.65
N PRO A 38 18.48 -14.44 -51.63
CA PRO A 38 18.03 -15.68 -52.29
C PRO A 38 18.18 -16.89 -51.38
N PRO A 39 17.39 -17.94 -51.62
CA PRO A 39 17.50 -19.15 -50.79
C PRO A 39 18.91 -19.70 -50.67
N ASP A 40 19.69 -19.70 -51.75
CA ASP A 40 21.05 -20.22 -51.67
C ASP A 40 21.91 -19.47 -50.66
N GLU A 41 21.69 -18.17 -50.46
CA GLU A 41 22.51 -17.41 -49.53
C GLU A 41 21.89 -17.28 -48.14
N GLN A 42 20.94 -18.13 -47.78
CA GLN A 42 20.39 -18.15 -46.43
C GLN A 42 20.44 -19.57 -45.87
N ARG A 43 20.66 -19.67 -44.56
CA ARG A 43 20.59 -20.93 -43.84
C ARG A 43 19.54 -20.84 -42.75
N LEU A 44 18.62 -21.78 -42.75
CA LEU A 44 17.58 -21.79 -41.73
C LEU A 44 17.87 -22.86 -40.69
N TYR A 45 17.56 -22.57 -39.44
CA TYR A 45 17.90 -23.49 -38.37
C TYR A 45 16.80 -23.77 -37.40
N LYS A 46 16.76 -24.97 -36.85
CA LYS A 46 15.83 -25.26 -35.79
C LYS A 46 16.79 -25.44 -34.66
N ASP A 47 16.72 -24.56 -33.68
CA ASP A 47 17.69 -24.61 -32.61
C ASP A 47 19.05 -24.44 -33.25
N ASP A 48 19.95 -25.38 -33.02
CA ASP A 48 21.28 -25.30 -33.62
C ASP A 48 21.42 -26.21 -34.82
N GLN A 49 20.31 -26.77 -35.29
CA GLN A 49 20.37 -27.70 -36.41
C GLN A 49 19.98 -27.11 -37.73
N LEU A 50 20.85 -27.27 -38.73
CA LEU A 50 20.53 -26.80 -40.07
C LEU A 50 19.37 -27.61 -40.64
N LEU A 51 18.55 -26.95 -41.43
CA LEU A 51 17.40 -27.60 -42.03
C LEU A 51 17.59 -27.72 -43.53
N ASP A 52 17.42 -28.92 -44.06
CA ASP A 52 17.61 -29.16 -45.48
C ASP A 52 16.44 -28.60 -46.27
N ASP A 53 16.76 -27.98 -47.41
CA ASP A 53 15.73 -27.30 -48.20
C ASP A 53 14.58 -28.23 -48.56
N GLY A 54 14.86 -29.50 -48.81
CA GLY A 54 13.83 -30.41 -49.30
C GLY A 54 12.86 -30.95 -48.27
N LYS A 55 13.21 -30.91 -46.99
CA LYS A 55 12.36 -31.53 -45.97
C LYS A 55 11.26 -30.57 -45.49
N THR A 56 10.11 -31.16 -45.16
CA THR A 56 8.96 -30.40 -44.69
C THR A 56 9.13 -29.92 -43.25
N LEU A 57 8.39 -28.85 -42.93
CA LEU A 57 8.42 -28.29 -41.58
C LEU A 57 7.92 -29.29 -40.55
N GLY A 58 6.92 -30.11 -40.91
CA GLY A 58 6.45 -31.12 -39.98
C GLY A 58 7.52 -32.13 -39.62
N GLU A 59 8.30 -32.57 -40.62
CA GLU A 59 9.37 -33.53 -40.37
C GLU A 59 10.45 -32.92 -39.50
N CAS A 60 10.64 -31.61 -39.63
CA CAS A 60 11.66 -30.93 -38.86
CB CAS A 60 12.19 -29.76 -39.67
C CAS A 60 11.13 -30.46 -37.53
O CAS A 60 11.78 -29.61 -36.92
SG CAS A 60 13.02 -30.27 -41.12
AS CAS A 60 14.82 -31.27 -40.26
CE1 CAS A 60 14.52 -33.24 -40.29
CE2 CAS A 60 16.42 -30.86 -41.37
N GLY A 61 9.99 -30.97 -37.07
CA GLY A 61 9.49 -30.64 -35.75
C GLY A 61 8.55 -29.47 -35.57
N PHE A 62 8.16 -28.84 -36.67
CA PHE A 62 7.25 -27.72 -36.59
C PHE A 62 5.83 -28.22 -36.79
N THR A 63 5.06 -28.25 -35.72
CA THR A 63 3.72 -28.80 -35.80
C THR A 63 2.69 -27.72 -35.47
N SER A 64 1.44 -27.97 -35.87
CA SER A 64 0.38 -27.01 -35.60
C SER A 64 0.24 -26.72 -34.12
N GLN A 65 0.69 -27.64 -33.26
CA GLN A 65 0.52 -27.52 -31.83
C GLN A 65 1.78 -27.09 -31.08
N THR A 66 2.94 -27.08 -31.72
CA THR A 66 4.08 -26.39 -31.14
C THR A 66 4.32 -25.02 -31.75
N ALA A 67 3.88 -24.81 -32.99
CA ALA A 67 4.01 -23.54 -33.67
C ALA A 67 2.61 -22.92 -33.73
N ARG A 68 2.25 -22.30 -32.67
CA ARG A 68 0.90 -21.79 -32.48
C ARG A 68 0.86 -20.29 -32.72
N PRO A 69 -0.28 -19.74 -33.14
CA PRO A 69 -0.33 -18.29 -33.39
C PRO A 69 0.03 -17.48 -32.17
N GLN A 70 -0.48 -17.86 -31.01
CA GLN A 70 -0.20 -17.16 -29.76
C GLN A 70 1.13 -17.57 -29.14
N ALA A 71 1.86 -18.49 -29.74
CA ALA A 71 3.16 -18.94 -29.25
C ALA A 71 3.92 -19.57 -30.41
N PRO A 72 4.42 -18.72 -31.32
CA PRO A 72 5.07 -19.25 -32.52
C PRO A 72 6.44 -19.88 -32.30
N ALA A 73 6.79 -20.84 -33.14
CA ALA A 73 8.09 -21.50 -33.05
C ALA A 73 9.17 -20.64 -33.65
N THR A 74 10.36 -20.70 -33.08
CA THR A 74 11.45 -19.88 -33.57
C THR A 74 12.30 -20.61 -34.58
N VAL A 75 12.54 -19.96 -35.71
CA VAL A 75 13.42 -20.54 -36.71
C VAL A 75 14.57 -19.58 -36.89
N GLY A 76 15.79 -20.08 -36.80
CA GLY A 76 16.97 -19.24 -36.93
C GLY A 76 17.32 -18.99 -38.39
N LEU A 77 17.89 -17.81 -38.65
CA LEU A 77 18.24 -17.39 -40.00
C LEU A 77 19.67 -16.87 -40.01
N ALA A 78 20.44 -17.34 -41.00
CA ALA A 78 21.82 -16.90 -41.20
C ALA A 78 22.04 -16.61 -42.68
N PHE A 79 22.67 -15.48 -42.96
CA PHE A 79 22.89 -15.06 -44.34
C PHE A 79 24.31 -15.38 -44.77
N ARG A 80 24.57 -15.25 -46.07
CA ARG A 80 25.90 -15.41 -46.62
C ARG A 80 26.44 -14.04 -46.97
N ALA A 81 27.64 -13.72 -46.48
CA ALA A 81 28.36 -12.50 -46.82
C ALA A 81 29.45 -12.86 -47.82
N ASP A 82 29.17 -12.62 -49.10
CA ASP A 82 30.11 -12.89 -50.19
C ASP A 82 30.50 -14.37 -50.20
N ASP A 83 31.65 -14.68 -49.60
CA ASP A 83 32.19 -16.04 -49.68
C ASP A 83 31.54 -16.95 -48.65
N THR A 84 31.73 -16.65 -47.37
CA THR A 84 31.33 -17.53 -46.28
C THR A 84 29.95 -17.12 -45.74
N PHE A 85 29.38 -18.03 -44.96
CA PHE A 85 28.13 -17.77 -44.24
C PHE A 85 28.42 -17.25 -42.85
N GLU A 86 27.64 -16.28 -42.41
CA GLU A 86 27.76 -15.81 -41.03
C GLU A 86 27.28 -16.90 -40.08
N ALA A 87 27.74 -16.82 -38.84
CA ALA A 87 27.25 -17.70 -37.80
C ALA A 87 25.84 -17.29 -37.35
N LEU A 88 25.07 -18.27 -36.89
CA LEU A 88 23.74 -17.99 -36.38
C LEU A 88 23.83 -17.20 -35.08
N CAS A 89 23.18 -16.04 -35.02
CA CAS A 89 23.14 -15.29 -33.78
CB CAS A 89 24.29 -14.29 -33.71
C CAS A 89 21.81 -14.59 -33.69
O CAS A 89 21.41 -13.83 -34.60
SG CAS A 89 24.15 -13.31 -32.25
AS CAS A 89 24.38 -11.24 -33.06
CE1 CAS A 89 22.75 -10.18 -32.64
CE2 CAS A 89 25.98 -10.36 -32.25
N ILE A 90 21.09 -14.84 -32.59
CA ILE A 90 19.81 -14.22 -32.37
C ILE A 90 19.84 -13.32 -31.15
N GLU A 91 19.70 -12.02 -31.36
CA GLU A 91 19.67 -11.08 -30.25
C GLU A 91 18.42 -11.31 -29.41
N PRO A 92 18.54 -11.46 -28.10
CA PRO A 92 17.35 -11.69 -27.27
C PRO A 92 16.51 -10.42 -27.15
N PHE A 93 15.24 -10.63 -26.82
CA PHE A 93 14.35 -9.52 -26.53
C PHE A 93 14.74 -8.89 -25.20
N SER A 94 14.22 -7.69 -24.94
CA SER A 94 14.61 -6.99 -23.72
C SER A 94 14.15 -7.76 -22.50
N SER A 95 14.78 -7.43 -21.37
CA SER A 95 14.29 -8.25 -20.27
C SER A 95 13.29 -7.46 -19.44
N PRO A 96 12.24 -8.10 -18.94
CA PRO A 96 11.29 -7.39 -18.08
C PRO A 96 11.93 -7.05 -16.75
N PRO A 97 11.43 -6.03 -16.07
CA PRO A 97 11.90 -5.75 -14.71
C PRO A 97 11.43 -6.84 -13.75
N GLU A 98 12.03 -6.82 -12.57
CA GLU A 98 11.60 -7.73 -11.50
C GLU A 98 10.14 -7.48 -11.15
N LEU A 99 9.46 -8.55 -10.74
CA LEU A 99 8.08 -8.43 -10.35
C LEU A 99 7.93 -7.38 -9.25
N PRO A 100 6.99 -6.45 -9.37
CA PRO A 100 6.72 -5.52 -8.27
C PRO A 100 6.28 -6.28 -7.02
N ASP A 101 6.43 -5.64 -5.87
CA ASP A 101 6.15 -6.31 -4.60
C ASP A 101 4.70 -6.76 -4.53
N VAL A 102 3.77 -5.87 -4.93
CA VAL A 102 2.35 -6.17 -4.88
C VAL A 102 1.95 -7.35 -5.78
N MET A 103 2.86 -7.84 -6.61
CA MET A 103 2.55 -8.94 -7.51
C MET A 103 3.15 -10.27 -7.08
N LYS A 104 4.11 -10.27 -6.17
CA LYS A 104 4.75 -11.50 -5.71
C LYS A 104 3.83 -12.32 -4.82
N MET B 1 2.92 -11.54 -50.19
CA MET B 1 2.07 -10.75 -49.31
C MET B 1 2.83 -9.52 -48.83
N MET B 2 2.15 -8.39 -48.66
CA MET B 2 2.86 -7.20 -48.26
C MET B 2 3.11 -7.29 -46.76
N TYR B 3 4.33 -6.95 -46.34
CA TYR B 3 4.70 -6.93 -44.95
C TYR B 3 4.95 -5.50 -44.50
N VAL B 4 4.91 -5.29 -43.19
CA VAL B 4 5.23 -4.01 -42.57
C VAL B 4 6.23 -4.27 -41.45
N LYS B 5 6.93 -3.21 -41.05
CA LYS B 5 7.94 -3.31 -40.00
C LYS B 5 7.51 -2.53 -38.78
N LEU B 6 7.57 -3.17 -37.62
CA LEU B 6 7.28 -2.55 -36.34
C LEU B 6 8.56 -2.58 -35.52
N ILE B 7 9.07 -1.40 -35.18
CA ILE B 7 10.35 -1.28 -34.49
C ILE B 7 10.10 -0.97 -33.01
N SER B 8 10.69 -1.77 -32.13
CA SER B 8 10.50 -1.59 -30.69
C SER B 8 11.44 -0.50 -30.17
N SER B 9 11.24 -0.14 -28.90
CA SER B 9 12.03 0.93 -28.30
C SER B 9 13.51 0.58 -28.24
N ASP B 10 13.83 -0.70 -28.09
CA ASP B 10 15.22 -1.15 -28.06
C ASP B 10 15.72 -1.62 -29.43
N GLY B 11 15.06 -1.19 -30.51
CA GLY B 11 15.60 -1.40 -31.84
C GLY B 11 15.32 -2.73 -32.49
N HIS B 12 14.57 -3.63 -31.85
CA HIS B 12 14.20 -4.87 -32.52
C HIS B 12 13.20 -4.56 -33.62
N GLU B 13 13.38 -5.20 -34.76
CA GLU B 13 12.53 -4.97 -35.93
C GLU B 13 11.65 -6.20 -36.12
N PHE B 14 10.34 -6.00 -36.02
CA PHE B 14 9.37 -7.08 -36.20
C PHE B 14 8.66 -6.86 -37.52
N ILE B 15 8.67 -7.88 -38.37
CA ILE B 15 8.11 -7.80 -39.71
C ILE B 15 6.91 -8.72 -39.76
N VAL B 16 5.72 -8.15 -39.93
CA VAL B 16 4.46 -8.88 -39.88
C VAL B 16 3.65 -8.58 -41.14
N LYS B 17 2.80 -9.53 -41.51
CA LYS B 17 1.95 -9.38 -42.68
C LYS B 17 1.07 -8.14 -42.56
N ARG B 18 0.97 -7.39 -43.65
CA ARG B 18 0.17 -6.16 -43.63
C ARG B 18 -1.25 -6.47 -43.17
N GLU B 19 -1.87 -7.50 -43.77
CA GLU B 19 -3.25 -7.83 -43.39
C GLU B 19 -3.37 -8.16 -41.90
N HIS B 20 -2.36 -8.84 -41.35
CA HIS B 20 -2.39 -9.16 -39.92
C HIS B 20 -2.33 -7.90 -39.07
N ALA B 21 -1.48 -6.94 -39.44
CA ALA B 21 -1.31 -5.72 -38.65
C ALA B 21 -2.55 -4.82 -38.71
N LEU B 22 -3.33 -4.92 -39.78
CA LEU B 22 -4.53 -4.10 -39.91
C LEU B 22 -5.67 -4.52 -38.99
N THR B 23 -5.47 -5.57 -38.18
CA THR B 23 -6.29 -5.79 -37.00
C THR B 23 -6.43 -4.56 -36.13
N SER B 24 -5.33 -3.85 -35.91
CA SER B 24 -5.35 -2.65 -35.10
C SER B 24 -5.68 -1.47 -36.00
N GLY B 25 -6.80 -0.81 -35.72
CA GLY B 25 -7.06 0.45 -36.38
C GLY B 25 -6.00 1.48 -36.05
N THR B 26 -5.39 1.32 -34.90
CA THR B 26 -4.30 2.20 -34.55
C THR B 26 -3.17 2.00 -35.54
N ILE B 27 -2.77 0.76 -35.78
CA ILE B 27 -1.66 0.50 -36.69
C ILE B 27 -2.02 0.92 -38.10
N LYS B 28 -3.25 0.64 -38.53
CA LYS B 28 -3.72 1.09 -39.85
C LYS B 28 -3.55 2.60 -40.00
N ALA B 29 -3.95 3.35 -38.96
CA ALA B 29 -3.79 4.80 -38.98
C ALA B 29 -2.33 5.20 -38.89
N MET B 30 -1.54 4.48 -38.10
CA MET B 30 -0.12 4.77 -37.97
C MET B 30 0.62 4.53 -39.28
N LEU B 31 0.09 3.68 -40.16
CA LEU B 31 0.67 3.49 -41.48
C LEU B 31 0.27 4.60 -42.45
N SER B 32 -0.82 5.31 -42.17
CA SER B 32 -1.24 6.44 -42.99
C SER B 32 -1.40 7.69 -42.13
N THR B 42 3.26 4.76 -45.17
CA THR B 42 4.47 4.14 -44.65
C THR B 42 4.33 2.63 -44.44
N ASN B 43 5.48 1.96 -44.49
CA ASN B 43 5.60 0.52 -44.23
C ASN B 43 6.22 0.24 -42.87
N GLU B 44 6.75 1.25 -42.17
CA GLU B 44 7.44 1.08 -40.92
C GLU B 44 6.86 2.04 -39.88
N VAL B 45 6.85 1.59 -38.63
CA VAL B 45 6.39 2.39 -37.49
C VAL B 45 7.37 2.16 -36.35
N ASN B 46 7.80 3.24 -35.70
CA ASN B 46 8.65 3.15 -34.52
C ASN B 46 7.80 3.29 -33.27
N PHE B 47 8.01 2.41 -32.30
CA PHE B 47 7.35 2.46 -31.01
C PHE B 47 8.46 2.74 -29.99
N ARG B 48 8.72 4.02 -29.77
CA ARG B 48 9.83 4.41 -28.92
C ARG B 48 9.55 4.19 -27.43
N GLU B 49 8.33 3.82 -27.08
CA GLU B 49 7.97 3.56 -25.69
C GLU B 49 7.68 2.09 -25.40
N ILE B 50 7.71 1.22 -26.40
CA ILE B 50 7.33 -0.19 -26.21
C ILE B 50 8.54 -1.10 -26.45
N PRO B 51 9.06 -1.75 -25.40
CA PRO B 51 10.24 -2.61 -25.57
C PRO B 51 9.90 -3.91 -26.29
N SER B 52 10.96 -4.62 -26.70
CA SER B 52 10.81 -5.79 -27.56
C SER B 52 10.11 -6.94 -26.86
N HIS B 53 10.25 -7.06 -25.54
CA HIS B 53 9.51 -8.13 -24.86
C HIS B 53 8.03 -7.82 -24.75
N VAL B 54 7.61 -6.61 -25.11
CA VAL B 54 6.20 -6.27 -25.21
C VAL B 54 5.72 -6.30 -26.65
N LEU B 55 6.48 -5.68 -27.56
CA LEU B 55 6.05 -5.61 -28.96
C LEU B 55 6.03 -6.99 -29.61
N SER B 56 6.89 -7.91 -29.16
CA SER B 56 6.82 -9.27 -29.67
C SER B 56 5.48 -9.91 -29.36
N LYS B 57 4.97 -9.68 -28.14
CA LYS B 57 3.66 -10.19 -27.74
C LYS B 57 2.54 -9.54 -28.53
N VAL B 58 2.68 -8.26 -28.86
CA VAL B 58 1.66 -7.60 -29.66
C VAL B 58 1.53 -8.28 -31.02
N CYS B 59 2.67 -8.65 -31.62
CA CYS B 59 2.61 -9.32 -32.92
C CYS B 59 1.95 -10.69 -32.81
N MET B 60 2.19 -11.40 -31.71
CA MET B 60 1.51 -12.66 -31.43
C MET B 60 0.00 -12.43 -31.30
N TYR B 61 -0.41 -11.32 -30.68
CA TYR B 61 -1.84 -11.03 -30.57
C TYR B 61 -2.46 -10.83 -31.95
N PHE B 62 -1.72 -10.17 -32.87
CA PHE B 62 -2.21 -10.01 -34.23
C PHE B 62 -2.52 -11.37 -34.86
N THR B 63 -1.55 -12.30 -34.78
CA THR B 63 -1.75 -13.61 -35.37
C THR B 63 -2.89 -14.35 -34.66
N TYR B 64 -2.93 -14.26 -33.33
CA TYR B 64 -3.98 -14.91 -32.57
C TYR B 64 -5.36 -14.41 -32.99
N LYS B 65 -5.50 -13.09 -33.15
CA LYS B 65 -6.79 -12.49 -33.49
C LYS B 65 -7.23 -12.87 -34.91
N VAL B 66 -6.34 -12.80 -35.89
CA VAL B 66 -6.71 -13.15 -37.26
C VAL B 66 -7.14 -14.62 -37.33
N ARG B 67 -6.46 -15.49 -36.60
CA ARG B 67 -6.74 -16.92 -36.71
C ARG B 67 -8.07 -17.27 -36.07
N TYR B 68 -8.38 -16.70 -34.92
CA TYR B 68 -9.48 -17.17 -34.09
C TYR B 68 -10.72 -16.29 -34.12
N THR B 69 -10.71 -15.19 -34.87
CA THR B 69 -11.91 -14.37 -35.00
C THR B 69 -12.96 -15.09 -35.86
N ASN B 70 -14.18 -15.18 -35.32
CA ASN B 70 -15.31 -15.84 -35.98
C ASN B 70 -14.96 -17.29 -36.36
N SER B 71 -14.44 -18.03 -35.40
CA SER B 71 -14.21 -19.46 -35.56
C SER B 71 -15.01 -20.20 -34.50
N SER B 72 -15.65 -21.30 -34.92
CA SER B 72 -16.38 -22.15 -34.00
C SER B 72 -15.48 -23.15 -33.30
N THR B 73 -14.25 -23.30 -33.77
CA THR B 73 -13.28 -24.13 -33.07
C THR B 73 -12.99 -23.55 -31.69
N GLU B 74 -12.43 -24.41 -30.83
CA GLU B 74 -12.03 -23.97 -29.50
C GLU B 74 -10.95 -22.92 -29.58
N ILE B 75 -11.18 -21.79 -28.92
CA ILE B 75 -10.24 -20.68 -28.93
C ILE B 75 -9.34 -20.87 -27.71
N PRO B 76 -8.02 -20.89 -27.89
CA PRO B 76 -7.12 -21.03 -26.74
C PRO B 76 -6.94 -19.70 -26.03
N GLU B 77 -6.56 -19.79 -24.77
CA GLU B 77 -6.21 -18.60 -24.01
C GLU B 77 -5.00 -17.92 -24.64
N PHE B 78 -4.98 -16.58 -24.59
CA PHE B 78 -3.80 -15.84 -25.01
C PHE B 78 -2.86 -15.71 -23.83
N PRO B 79 -1.68 -16.35 -23.85
CA PRO B 79 -0.83 -16.39 -22.66
C PRO B 79 -0.10 -15.08 -22.43
N ILE B 80 -0.03 -14.67 -21.16
CA ILE B 80 0.70 -13.46 -20.77
C ILE B 80 1.51 -13.78 -19.51
N ALA B 81 2.84 -13.80 -19.65
CA ALA B 81 3.69 -14.03 -18.50
C ALA B 81 3.53 -12.90 -17.49
N PRO B 82 3.49 -13.21 -16.19
CA PRO B 82 3.28 -12.14 -15.19
C PRO B 82 4.33 -11.05 -15.26
N GLU B 83 5.56 -11.38 -15.67
CA GLU B 83 6.63 -10.39 -15.70
C GLU B 83 6.38 -9.28 -16.70
N ILE B 84 5.67 -9.56 -17.80
CA ILE B 84 5.38 -8.56 -18.82
C ILE B 84 3.98 -7.99 -18.72
N ALA B 85 3.20 -8.44 -17.74
CA ALA B 85 1.78 -8.10 -17.70
C ALA B 85 1.54 -6.60 -17.54
N LEU B 86 2.28 -5.94 -16.66
CA LEU B 86 2.07 -4.51 -16.51
C LEU B 86 2.49 -3.73 -17.74
N GLU B 87 3.65 -4.06 -18.33
CA GLU B 87 4.10 -3.33 -19.51
C GLU B 87 3.19 -3.60 -20.69
N LEU B 88 2.80 -4.86 -20.90
CA LEU B 88 1.86 -5.15 -21.97
C LEU B 88 0.56 -4.36 -21.80
N LEU B 89 0.06 -4.28 -20.56
CA LEU B 89 -1.17 -3.52 -20.31
C LEU B 89 -1.01 -2.07 -20.71
N MET B 90 0.11 -1.44 -20.31
CA MET B 90 0.34 -0.04 -20.65
C MET B 90 0.49 0.16 -22.15
N ALA B 91 1.18 -0.76 -22.83
CA ALA B 91 1.24 -0.69 -24.28
C ALA B 91 -0.15 -0.85 -24.88
N ALA B 92 -0.92 -1.80 -24.40
CA ALA B 92 -2.24 -2.02 -24.96
C ALA B 92 -3.17 -0.81 -24.72
N ASN B 93 -3.06 -0.18 -23.56
CA ASN B 93 -3.89 0.96 -23.24
C ASN B 93 -3.59 2.14 -24.15
N PHE B 94 -2.32 2.35 -24.46
CA PHE B 94 -1.93 3.46 -25.33
C PHE B 94 -2.26 3.19 -26.80
N LEU B 95 -2.30 1.94 -27.19
CA LEU B 95 -2.61 1.60 -28.57
C LEU B 95 -4.07 1.22 -28.70
N ASP B 96 -4.77 1.16 -27.58
CA ASP B 96 -6.20 0.82 -27.58
C ASP B 96 -6.47 -0.37 -28.47
N CYS B 97 -5.86 -1.49 -28.15
CA CYS B 97 -6.05 -2.70 -28.94
C CYS B 97 -6.53 -3.86 -28.05
N VAL C 11 -36.16 -5.95 -18.76
CA VAL C 11 -36.16 -6.12 -20.21
C VAL C 11 -35.81 -7.56 -20.57
N LEU C 12 -34.58 -7.95 -20.28
CA LEU C 12 -34.14 -9.33 -20.50
C LEU C 12 -34.58 -10.21 -19.35
N ARG C 13 -35.43 -11.20 -19.65
CA ARG C 13 -35.96 -12.10 -18.64
C ARG C 13 -36.34 -13.40 -19.32
N SER C 14 -36.47 -14.45 -18.53
CA SER C 14 -36.95 -15.72 -19.04
C SER C 14 -38.46 -15.72 -19.21
N VAL C 15 -38.92 -16.43 -20.23
CA VAL C 15 -40.34 -16.68 -20.45
C VAL C 15 -40.72 -17.92 -19.66
N ASN C 16 -41.81 -17.87 -18.90
CA ASN C 16 -42.28 -19.05 -18.16
C ASN C 16 -43.04 -19.94 -19.11
N SER C 17 -42.32 -20.58 -20.01
CA SER C 17 -42.94 -21.38 -21.05
C SER C 17 -43.52 -22.68 -20.50
N ARG C 18 -42.90 -23.22 -19.47
CA ARG C 18 -43.31 -24.50 -18.92
C ARG C 18 -43.12 -25.63 -19.94
N GLU C 19 -42.26 -25.43 -20.91
CA GLU C 19 -41.96 -26.45 -21.92
C GLU C 19 -40.55 -26.97 -21.71
N PRO C 20 -40.37 -28.22 -21.33
CA PRO C 20 -39.02 -28.70 -21.03
C PRO C 20 -38.18 -28.68 -22.30
N SER C 21 -36.88 -28.47 -22.10
CA SER C 21 -35.92 -28.49 -23.20
C SER C 21 -34.61 -28.96 -22.60
N GLN C 22 -34.05 -30.03 -23.15
CA GLN C 22 -32.80 -30.58 -22.62
C GLN C 22 -31.63 -29.98 -23.38
N VAL C 23 -30.58 -29.59 -22.64
CA VAL C 23 -29.46 -28.87 -23.19
C VAL C 23 -28.17 -29.54 -22.76
N ILE C 24 -27.17 -29.47 -23.64
CA ILE C 24 -25.85 -29.95 -23.30
C ILE C 24 -24.96 -28.73 -23.10
N PHE C 25 -24.60 -28.46 -21.86
CA PHE C 25 -23.70 -27.38 -21.57
C PHE C 25 -22.29 -27.89 -21.79
N CAS C 26 -21.64 -27.39 -22.81
CA CAS C 26 -20.31 -27.86 -23.16
CB CAS C 26 -20.30 -28.36 -24.62
C CAS C 26 -19.27 -26.80 -23.00
O CAS C 26 -19.22 -25.84 -23.77
SG CAS C 26 -18.71 -28.97 -25.07
AS CAS C 26 -18.65 -30.92 -24.00
CE1 CAS C 26 -16.86 -31.13 -23.16
CE2 CAS C 26 -18.98 -32.39 -25.29
N ASN C 27 -18.41 -26.97 -22.00
CA ASN C 27 -17.34 -26.00 -21.73
C ASN C 27 -16.08 -26.23 -22.57
N ARG C 28 -16.02 -25.63 -23.75
CA ARG C 28 -14.82 -25.69 -24.60
C ARG C 28 -13.92 -24.50 -24.31
N SER C 29 -13.55 -24.33 -23.06
CA SER C 29 -12.71 -23.20 -22.67
C SER C 29 -11.79 -23.64 -21.55
N PRO C 30 -10.69 -22.93 -21.32
CA PRO C 30 -9.83 -23.24 -20.18
C PRO C 30 -10.32 -22.65 -18.86
N ARG C 31 -11.48 -22.01 -18.84
CA ARG C 31 -12.01 -21.38 -17.64
C ARG C 31 -13.05 -22.27 -16.95
N VAL C 32 -13.12 -22.14 -15.63
CA VAL C 32 -14.26 -22.70 -14.89
C VAL C 32 -15.45 -21.81 -15.18
N VAL C 33 -16.50 -22.38 -15.77
CA VAL C 33 -17.61 -21.63 -16.31
C VAL C 33 -18.75 -21.60 -15.29
N LEU C 34 -19.32 -20.42 -15.09
CA LEU C 34 -20.50 -20.25 -14.25
C LEU C 34 -21.70 -19.98 -15.14
N PRO C 35 -22.66 -20.92 -15.16
CA PRO C 35 -23.88 -20.65 -15.92
C PRO C 35 -24.82 -19.73 -15.15
N VAL C 36 -25.39 -18.74 -15.81
CA VAL C 36 -26.25 -17.76 -15.16
C VAL C 36 -27.59 -17.74 -15.88
N TRP C 37 -28.65 -18.01 -15.14
CA TRP C 37 -29.97 -17.98 -15.71
C TRP C 37 -30.70 -16.73 -15.27
N LEU C 38 -31.27 -16.02 -16.21
CA LEU C 38 -32.06 -14.84 -15.89
C LEU C 38 -33.47 -15.31 -15.57
N ASN C 39 -33.94 -15.02 -14.35
CA ASN C 39 -35.22 -15.57 -13.92
C ASN C 39 -36.35 -14.75 -14.56
N PHE C 40 -37.57 -15.04 -14.16
CA PHE C 40 -38.70 -14.37 -14.78
C PHE C 40 -38.76 -12.90 -14.42
N ASP C 41 -38.18 -12.53 -13.29
CA ASP C 41 -38.07 -11.13 -12.91
C ASP C 41 -36.85 -10.46 -13.53
N GLY C 42 -36.07 -11.18 -14.32
CA GLY C 42 -34.89 -10.63 -14.94
C GLY C 42 -33.65 -10.60 -14.07
N GLU C 43 -33.70 -11.21 -12.90
CA GLU C 43 -32.55 -11.25 -11.99
C GLU C 43 -31.59 -12.35 -12.43
N PRO C 44 -30.29 -12.09 -12.46
CA PRO C 44 -29.33 -13.16 -12.74
C PRO C 44 -29.31 -14.16 -11.60
N GLN C 45 -29.36 -15.44 -11.94
CA GLN C 45 -29.41 -16.50 -10.94
C GLN C 45 -28.34 -17.54 -11.24
N PRO C 46 -27.31 -17.67 -10.41
CA PRO C 46 -26.18 -18.55 -10.73
C PRO C 46 -26.47 -20.02 -10.51
N TYR C 47 -25.83 -20.84 -11.35
CA TYR C 47 -26.05 -22.27 -11.28
C TYR C 47 -24.72 -22.96 -11.07
N PRO C 48 -24.74 -24.28 -10.93
CA PRO C 48 -23.50 -25.00 -10.64
C PRO C 48 -22.41 -24.81 -11.68
N THR C 49 -21.15 -24.77 -11.24
CA THR C 49 -20.03 -24.54 -12.14
C THR C 49 -19.64 -25.70 -13.02
N LEU C 50 -18.86 -25.40 -14.05
CA LEU C 50 -18.41 -26.43 -14.98
C LEU C 50 -16.90 -26.33 -15.15
N PRO C 51 -16.19 -27.39 -14.78
CA PRO C 51 -14.73 -27.38 -14.95
C PRO C 51 -14.36 -27.27 -16.42
N PRO C 52 -13.13 -26.84 -16.72
CA PRO C 52 -12.72 -26.72 -18.12
C PRO C 52 -12.81 -28.05 -18.85
N GLY C 53 -13.35 -28.00 -20.07
CA GLY C 53 -13.41 -29.19 -20.90
C GLY C 53 -14.41 -30.23 -20.46
N THR C 54 -15.39 -29.86 -19.66
CA THR C 54 -16.41 -30.80 -19.20
C THR C 54 -17.75 -30.44 -19.82
N GLY C 55 -18.59 -31.45 -19.99
CA GLY C 55 -19.93 -31.25 -20.51
C GLY C 55 -20.95 -31.90 -19.60
N ARG C 56 -22.12 -31.28 -19.54
CA ARG C 56 -23.18 -31.80 -18.72
C ARG C 56 -24.54 -31.62 -19.37
N ARG C 57 -25.37 -32.65 -19.34
CA ARG C 57 -26.73 -32.58 -19.87
C ARG C 57 -27.64 -32.04 -18.78
N ILE C 58 -28.27 -30.91 -19.07
CA ILE C 58 -29.10 -30.28 -18.08
C ILE C 58 -30.50 -30.09 -18.56
N HIS C 59 -31.43 -29.90 -17.64
CA HIS C 59 -32.81 -29.66 -18.01
C HIS C 59 -33.17 -28.20 -17.81
N SER C 60 -33.64 -27.57 -18.88
CA SER C 60 -34.06 -26.18 -18.80
C SER C 60 -35.42 -26.09 -19.48
N TYR C 61 -35.77 -24.89 -19.94
CA TYR C 61 -37.06 -24.71 -20.55
C TYR C 61 -37.01 -23.82 -21.77
N ARG C 62 -37.83 -24.13 -22.75
CA ARG C 62 -37.87 -23.37 -23.99
C ARG C 62 -38.18 -21.91 -23.69
N GLY C 63 -37.41 -21.00 -24.27
CA GLY C 63 -37.58 -19.59 -24.05
C GLY C 63 -36.87 -19.02 -22.82
N HIS C 64 -36.04 -19.81 -22.17
CA HIS C 64 -35.27 -19.30 -21.04
C HIS C 64 -33.98 -18.65 -21.49
N LEU C 65 -33.45 -17.73 -20.71
CA LEU C 65 -32.27 -16.96 -21.09
C LEU C 65 -31.08 -17.36 -20.22
N TRP C 66 -29.96 -17.59 -20.88
CA TRP C 66 -28.74 -17.95 -20.18
C TRP C 66 -27.51 -17.23 -20.67
N LEU C 67 -26.61 -16.89 -19.77
CA LEU C 67 -25.31 -16.35 -20.15
C LEU C 67 -24.26 -17.08 -19.32
N PHE C 68 -22.99 -16.93 -19.73
CA PHE C 68 -21.93 -17.76 -19.16
C PHE C 68 -20.71 -16.92 -18.87
N ARG C 69 -20.13 -17.13 -17.68
CA ARG C 69 -19.08 -16.28 -17.16
C ARG C 69 -17.99 -17.13 -16.52
N ASP C 70 -16.79 -16.55 -16.44
CA ASP C 70 -15.74 -17.17 -15.63
C ASP C 70 -16.23 -17.22 -14.19
N ALA C 71 -16.16 -18.41 -13.58
CA ALA C 71 -16.74 -18.55 -12.25
C ALA C 71 -15.94 -17.79 -11.21
N GLY C 72 -14.65 -17.57 -11.45
CA GLY C 72 -13.80 -16.91 -10.49
C GLY C 72 -13.70 -15.41 -10.67
N THR C 73 -13.69 -14.95 -11.93
CA THR C 73 -13.46 -13.56 -12.26
C THR C 73 -14.66 -12.87 -12.89
N HIS C 74 -15.67 -13.62 -13.30
CA HIS C 74 -16.89 -13.14 -13.96
C HIS C 74 -16.64 -12.58 -15.35
N ASP C 75 -15.45 -12.82 -15.93
CA ASP C 75 -15.23 -12.50 -17.33
C ASP C 75 -16.32 -13.12 -18.19
N GLY C 76 -16.83 -12.36 -19.15
CA GLY C 76 -17.86 -12.87 -20.03
C GLY C 76 -17.31 -13.87 -21.02
N LEU C 77 -18.13 -14.87 -21.34
CA LEU C 77 -17.79 -15.92 -22.29
C LEU C 77 -18.86 -16.00 -23.36
N LEU C 78 -18.55 -16.74 -24.41
CA LEU C 78 -19.45 -16.91 -25.52
C LEU C 78 -20.13 -18.27 -25.44
N VAL C 79 -21.37 -18.32 -25.90
CA VAL C 79 -22.13 -19.55 -26.03
C VAL C 79 -22.72 -19.57 -27.43
N ASN C 80 -22.35 -20.55 -28.23
CA ASN C 80 -22.78 -20.60 -29.62
C ASN C 80 -22.33 -19.32 -30.34
N GLN C 81 -21.16 -18.82 -29.99
CA GLN C 81 -20.56 -17.63 -30.60
C GLN C 81 -21.36 -16.35 -30.35
N THR C 82 -22.22 -16.33 -29.33
CA THR C 82 -22.94 -15.10 -28.99
C THR C 82 -22.98 -14.96 -27.47
N GLU C 83 -23.59 -13.87 -27.01
CA GLU C 83 -23.58 -13.56 -25.59
C GLU C 83 -24.65 -14.32 -24.83
N LEU C 84 -25.80 -14.55 -25.45
CA LEU C 84 -26.96 -15.14 -24.78
C LEU C 84 -27.40 -16.42 -25.48
N PHE C 85 -27.88 -17.35 -24.66
CA PHE C 85 -28.40 -18.62 -25.15
C PHE C 85 -29.83 -18.85 -24.71
N VAL C 86 -30.68 -19.22 -25.65
CA VAL C 86 -32.07 -19.52 -25.37
C VAL C 86 -32.34 -20.95 -25.87
N PRO C 87 -32.68 -21.89 -24.99
CA PRO C 87 -32.98 -23.25 -25.44
C PRO C 87 -34.20 -23.28 -26.36
N SER C 88 -34.18 -24.18 -27.32
CA SER C 88 -35.24 -24.32 -28.30
C SER C 88 -35.83 -25.73 -28.25
N LEU C 89 -36.65 -26.03 -29.25
CA LEU C 89 -37.34 -27.31 -29.33
C LEU C 89 -36.36 -28.45 -29.58
N ASN C 90 -36.49 -29.53 -28.81
CA ASN C 90 -35.72 -30.75 -29.02
C ASN C 90 -36.41 -31.59 -30.09
N VAL C 91 -36.01 -31.40 -31.34
CA VAL C 91 -36.52 -32.24 -32.41
C VAL C 91 -35.91 -33.64 -32.31
N ASP C 92 -36.75 -34.67 -32.41
CA ASP C 92 -36.29 -36.06 -32.44
C ASP C 92 -35.48 -36.44 -31.21
N GLY C 93 -35.78 -35.85 -30.06
CA GLY C 93 -35.05 -36.19 -28.85
C GLY C 93 -33.63 -35.66 -28.77
N GLN C 94 -33.15 -34.91 -29.77
CA GLN C 94 -31.81 -34.36 -29.68
C GLN C 94 -31.77 -33.24 -28.66
N PRO C 95 -30.82 -33.32 -27.71
CA PRO C 95 -30.68 -32.18 -26.82
C PRO C 95 -30.07 -31.00 -27.57
N ILE C 96 -30.24 -29.80 -27.04
CA ILE C 96 -29.67 -28.62 -27.67
C ILE C 96 -28.27 -28.42 -27.16
N PHE C 97 -27.35 -28.08 -28.05
CA PHE C 97 -25.98 -27.90 -27.65
C PHE C 97 -25.65 -26.45 -27.39
N ALA C 98 -25.07 -26.17 -26.23
CA ALA C 98 -24.66 -24.82 -25.90
C ALA C 98 -23.14 -24.83 -25.77
N ASN C 99 -22.46 -24.32 -26.78
CA ASN C 99 -21.00 -24.37 -26.80
C ASN C 99 -20.37 -23.17 -26.14
N ILE C 100 -19.75 -23.39 -25.01
CA ILE C 100 -19.17 -22.29 -24.22
C ILE C 100 -17.70 -22.17 -24.59
N THR C 101 -17.34 -21.05 -25.23
CA THR C 101 -15.98 -20.80 -25.69
C THR C 101 -15.47 -19.48 -25.15
N LEU C 102 -14.14 -19.35 -25.13
CA LEU C 102 -13.53 -18.06 -24.89
C LEU C 102 -13.85 -17.13 -26.06
N PRO C 103 -14.13 -15.86 -25.80
CA PRO C 103 -14.13 -14.88 -26.88
C PRO C 103 -12.69 -14.51 -27.21
N VAL C 104 -12.52 -13.81 -28.33
CA VAL C 104 -11.24 -13.18 -28.63
C VAL C 104 -11.27 -11.83 -27.93
N TYR C 105 -10.71 -11.77 -26.73
CA TYR C 105 -10.67 -10.53 -25.99
C TYR C 105 -9.76 -9.53 -26.70
N THR C 106 -10.02 -8.24 -26.48
CA THR C 106 -9.02 -7.25 -26.82
C THR C 106 -7.79 -7.49 -25.94
N LEU C 107 -6.62 -7.11 -26.47
CA LEU C 107 -5.38 -7.28 -25.70
C LEU C 107 -5.45 -6.52 -24.39
N LYS C 108 -6.10 -5.35 -24.38
CA LYS C 108 -6.21 -4.57 -23.16
C LYS C 108 -7.04 -5.29 -22.11
N GLU C 109 -8.22 -5.78 -22.49
CA GLU C 109 -9.05 -6.51 -21.55
C GLU C 109 -8.35 -7.78 -21.07
N ARG C 110 -7.68 -8.50 -21.98
CA ARG C 110 -6.91 -9.67 -21.58
C ARG C 110 -5.82 -9.29 -20.58
N CYS C 111 -5.15 -8.16 -20.80
CA CYS C 111 -4.13 -7.69 -19.86
C CYS C 111 -4.74 -7.31 -18.53
N LEU C 112 -5.90 -6.66 -18.53
CA LEU C 112 -6.57 -6.34 -17.28
C LEU C 112 -6.87 -7.60 -16.48
N GLN C 113 -7.29 -8.67 -17.17
CA GLN C 113 -7.59 -9.93 -16.50
C GLN C 113 -6.35 -10.48 -15.80
N VAL C 114 -5.22 -10.56 -16.53
CA VAL C 114 -4.01 -11.11 -15.93
C VAL C 114 -3.60 -10.29 -14.70
N VAL C 115 -3.62 -8.97 -14.82
CA VAL C 115 -3.20 -8.12 -13.71
C VAL C 115 -4.16 -8.26 -12.53
N ARG C 116 -5.46 -8.28 -12.81
CA ARG C 116 -6.44 -8.50 -11.74
C ARG C 116 -6.18 -9.83 -11.03
N SER C 117 -5.78 -10.87 -11.77
CA SER C 117 -5.52 -12.15 -11.13
C SER C 117 -4.25 -12.14 -10.29
N LEU C 118 -3.40 -11.13 -10.44
CA LEU C 118 -2.11 -11.13 -9.77
C LEU C 118 -1.99 -10.11 -8.65
N VAL C 119 -2.88 -9.12 -8.59
CA VAL C 119 -2.78 -8.04 -7.62
C VAL C 119 -4.10 -7.96 -6.88
N LYS C 120 -4.03 -8.00 -5.55
CA LYS C 120 -5.24 -7.83 -4.76
C LYS C 120 -5.84 -6.46 -5.05
N PRO C 121 -7.17 -6.33 -5.00
CA PRO C 121 -7.78 -5.03 -5.31
C PRO C 121 -7.29 -3.89 -4.44
N GLU C 122 -6.91 -4.17 -3.18
CA GLU C 122 -6.34 -3.14 -2.32
C GLU C 122 -5.00 -2.60 -2.80
N ASN C 123 -4.25 -3.36 -3.59
CA ASN C 123 -2.93 -2.94 -4.02
C ASN C 123 -2.85 -2.40 -5.45
N TYR C 124 -3.98 -2.20 -6.14
CA TYR C 124 -3.93 -1.70 -7.52
C TYR C 124 -3.22 -0.35 -7.61
N ARG C 125 -3.57 0.58 -6.72
CA ARG C 125 -3.02 1.92 -6.77
C ARG C 125 -1.57 2.00 -6.29
N ARG C 126 -0.97 0.87 -5.91
CA ARG C 126 0.45 0.82 -5.61
C ARG C 126 1.26 0.36 -6.82
N LEU C 127 0.60 0.17 -7.95
CA LEU C 127 1.26 -0.22 -9.19
C LEU C 127 1.75 1.02 -9.93
N ASP C 128 2.94 0.90 -10.54
CA ASP C 128 3.53 1.99 -11.30
C ASP C 128 3.00 1.92 -12.73
N ILE C 129 1.80 2.47 -12.91
CA ILE C 129 1.09 2.50 -14.18
C ILE C 129 0.29 3.81 -14.23
N VAL C 130 -0.20 4.16 -15.43
CA VAL C 130 -0.98 5.39 -15.54
C VAL C 130 -2.23 5.28 -14.68
N ARG C 131 -2.65 6.44 -14.15
CA ARG C 131 -3.79 6.47 -13.22
C ARG C 131 -5.07 6.00 -13.88
N SER C 132 -5.24 6.23 -15.19
CA SER C 132 -6.45 5.79 -15.86
C SER C 132 -6.64 4.28 -15.74
N LEU C 133 -5.55 3.51 -15.69
CA LEU C 133 -5.64 2.06 -15.55
C LEU C 133 -6.12 1.63 -14.17
N TYR C 134 -5.97 2.47 -13.14
CA TYR C 134 -6.50 2.14 -11.83
C TYR C 134 -8.01 1.95 -11.87
N GLU C 135 -8.72 2.90 -12.49
CA GLU C 135 -10.15 2.75 -12.65
C GLU C 135 -10.48 1.60 -13.59
N ASP C 136 -9.61 1.35 -14.58
CA ASP C 136 -9.83 0.22 -15.47
C ASP C 136 -9.74 -1.11 -14.72
N LEU C 137 -8.74 -1.24 -13.85
CA LEU C 137 -8.59 -2.47 -13.07
C LEU C 137 -9.77 -2.68 -12.14
N GLU C 138 -10.25 -1.61 -11.51
CA GLU C 138 -11.32 -1.73 -10.52
C GLU C 138 -12.67 -2.03 -11.14
N ASP C 139 -12.84 -1.78 -12.43
CA ASP C 139 -14.11 -2.05 -13.11
C ASP C 139 -14.17 -3.54 -13.48
N HIS C 140 -14.29 -4.36 -12.43
CA HIS C 140 -14.36 -5.80 -12.64
C HIS C 140 -15.61 -6.15 -13.44
N PRO C 141 -15.54 -7.18 -14.28
CA PRO C 141 -16.73 -7.60 -15.04
C PRO C 141 -17.90 -7.84 -14.08
N ASN C 142 -19.07 -7.36 -14.48
CA ASN C 142 -20.24 -7.33 -13.62
C ASN C 142 -21.45 -7.70 -14.45
N VAL C 143 -22.16 -8.76 -14.06
CA VAL C 143 -23.29 -9.22 -14.85
C VAL C 143 -24.40 -8.18 -14.83
N GLN C 144 -24.72 -7.63 -13.65
CA GLN C 144 -25.78 -6.62 -13.55
C GLN C 144 -25.45 -5.39 -14.39
N LYS C 145 -24.19 -4.95 -14.38
CA LYS C 145 -23.81 -3.80 -15.18
C LYS C 145 -23.96 -4.10 -16.67
N ASP C 146 -23.46 -5.27 -17.12
CA ASP C 146 -23.57 -5.62 -18.53
C ASP C 146 -25.02 -5.72 -18.99
N LEU C 147 -25.90 -6.22 -18.12
CA LEU C 147 -27.32 -6.31 -18.46
C LEU C 147 -27.93 -4.93 -18.67
N GLU C 148 -27.53 -3.95 -17.86
CA GLU C 148 -28.05 -2.60 -18.03
C GLU C 148 -27.62 -2.00 -19.37
N ARG C 149 -26.41 -2.31 -19.81
CA ARG C 149 -25.93 -1.81 -21.11
C ARG C 149 -26.77 -2.38 -22.25
N LEU C 150 -27.03 -3.69 -22.23
CA LEU C 150 -27.86 -4.29 -23.27
C LEU C 150 -29.25 -3.68 -23.28
N THR C 151 -29.80 -3.40 -22.10
CA THR C 151 -31.12 -2.79 -22.03
C THR C 151 -31.14 -1.42 -22.69
N GLN C 152 -30.00 -0.71 -22.69
CA GLN C 152 -29.90 0.58 -23.36
C GLN C 152 -29.96 0.46 -24.88
N GLU C 153 -29.76 -0.74 -25.43
CA GLU C 153 -29.73 -0.94 -26.88
C GLU C 153 -30.99 -0.39 -27.58
N MET D 1 12.91 -31.94 1.51
CA MET D 1 12.08 -30.89 2.06
C MET D 1 12.91 -29.69 2.51
N ASP D 2 12.27 -28.68 3.08
CA ASP D 2 12.93 -27.42 3.39
C ASP D 2 13.82 -27.48 4.63
N VAL D 3 15.05 -27.01 4.46
CA VAL D 3 16.04 -26.80 5.51
C VAL D 3 16.44 -25.34 5.47
N PHE D 4 16.77 -24.80 6.64
CA PHE D 4 17.04 -23.38 6.80
C PHE D 4 18.45 -23.20 7.36
N LEU D 5 19.24 -22.35 6.70
CA LEU D 5 20.69 -22.35 6.87
C LEU D 5 21.20 -20.93 7.05
N MET D 6 22.30 -20.83 7.78
CA MET D 6 23.10 -19.61 7.87
C MET D 6 24.44 -19.90 7.20
N ILE D 7 24.69 -19.27 6.06
CA ILE D 7 25.98 -19.39 5.38
C ILE D 7 26.86 -18.24 5.85
N ARG D 8 27.96 -18.57 6.52
CA ARG D 8 28.70 -17.59 7.30
C ARG D 8 30.16 -17.54 6.86
N ARG D 9 30.67 -16.33 6.64
CA ARG D 9 32.06 -16.09 6.32
C ARG D 9 32.46 -14.76 6.93
N HIS D 10 33.47 -14.78 7.80
CA HIS D 10 33.99 -13.58 8.45
C HIS D 10 32.84 -12.90 9.18
N LYS D 11 32.47 -11.67 8.83
CA LYS D 11 31.33 -10.98 9.43
C LYS D 11 30.14 -10.96 8.50
N THR D 12 30.09 -11.89 7.57
CA THR D 12 28.98 -12.03 6.64
C THR D 12 28.17 -13.25 7.04
N THR D 13 26.85 -13.11 7.02
CA THR D 13 25.95 -14.21 7.35
C THR D 13 24.80 -14.15 6.37
N ILE D 14 24.59 -15.22 5.62
CA ILE D 14 23.52 -15.28 4.64
C ILE D 14 22.46 -16.22 5.19
N PHE D 15 21.25 -15.71 5.34
CA PHE D 15 20.11 -16.53 5.74
C PHE D 15 19.42 -17.04 4.48
N THR D 16 19.40 -18.34 4.29
CA THR D 16 18.72 -18.85 3.12
C THR D 16 18.19 -20.24 3.44
N ASP D 17 17.27 -20.68 2.61
CA ASP D 17 16.66 -21.99 2.76
C ASP D 17 16.82 -22.75 1.45
N ALA D 18 16.69 -24.06 1.53
CA ALA D 18 16.80 -24.90 0.35
C ALA D 18 16.08 -26.21 0.66
N LYS D 19 16.28 -27.20 -0.18
CA LYS D 19 15.63 -28.48 0.01
C LYS D 19 16.65 -29.47 0.54
N GLU D 20 16.15 -30.45 1.29
CA GLU D 20 17.03 -31.50 1.75
C GLU D 20 17.65 -32.27 0.59
N SER D 21 16.90 -32.41 -0.51
CA SER D 21 17.38 -33.06 -1.72
C SER D 21 18.32 -32.18 -2.52
N SER D 22 18.26 -30.85 -2.35
CA SER D 22 19.14 -29.96 -3.09
C SER D 22 20.60 -30.23 -2.73
N THR D 23 21.49 -29.86 -3.65
CA THR D 23 22.91 -30.16 -3.55
C THR D 23 23.72 -28.99 -3.00
N VAL D 24 24.96 -29.31 -2.62
CA VAL D 24 25.90 -28.31 -2.14
C VAL D 24 26.22 -27.29 -3.23
N PHE D 25 26.33 -27.75 -4.49
CA PHE D 25 26.65 -26.83 -5.59
C PHE D 25 25.56 -25.77 -5.76
N GLU D 26 24.29 -26.17 -5.72
CA GLU D 26 23.21 -25.21 -5.84
C GLU D 26 23.26 -24.19 -4.72
N LEU D 27 23.73 -24.60 -3.55
CA LEU D 27 23.86 -23.67 -2.45
C LEU D 27 24.98 -22.65 -2.75
N LYS D 28 26.04 -23.10 -3.44
CA LYS D 28 27.09 -22.18 -3.90
C LYS D 28 26.56 -21.22 -4.95
N ARG D 29 25.60 -21.65 -5.77
CA ARG D 29 25.01 -20.74 -6.75
C ARG D 29 24.28 -19.60 -6.06
N ILE D 30 23.63 -19.88 -4.92
CA ILE D 30 22.98 -18.81 -4.15
C ILE D 30 24.03 -17.84 -3.61
N VAL D 31 25.15 -18.38 -3.12
CA VAL D 31 26.24 -17.52 -2.67
C VAL D 31 26.74 -16.63 -3.80
N GLU D 32 26.80 -17.19 -5.02
CA GLU D 32 27.27 -16.43 -6.16
C GLU D 32 26.36 -15.26 -6.47
N GLY D 33 25.04 -15.47 -6.44
CA GLY D 33 24.12 -14.40 -6.72
C GLY D 33 24.24 -13.25 -5.73
N ILE D 34 24.52 -13.56 -4.47
CA ILE D 34 24.63 -12.52 -3.45
C ILE D 34 26.01 -11.87 -3.48
N LEU D 35 27.07 -12.67 -3.42
CA LEU D 35 28.43 -12.15 -3.23
C LEU D 35 29.28 -12.12 -4.49
N LYS D 36 28.72 -12.54 -5.65
CA LYS D 36 29.37 -12.42 -6.96
C LYS D 36 30.72 -13.13 -7.02
N ARG D 37 30.80 -14.30 -6.43
CA ARG D 37 32.02 -15.08 -6.50
C ARG D 37 31.62 -16.44 -7.00
N PRO D 38 32.28 -16.91 -8.06
CA PRO D 38 31.89 -18.17 -8.67
C PRO D 38 32.03 -19.36 -7.72
N PRO D 39 31.23 -20.41 -7.95
CA PRO D 39 31.31 -21.62 -7.11
C PRO D 39 32.71 -22.16 -7.08
N ASP D 40 33.41 -22.06 -8.21
CA ASP D 40 34.78 -22.56 -8.30
C ASP D 40 35.66 -21.92 -7.25
N GLU D 41 35.35 -20.69 -6.89
CA GLU D 41 36.14 -19.98 -5.90
C GLU D 41 35.51 -20.02 -4.52
N GLN D 42 34.61 -20.96 -4.30
CA GLN D 42 33.95 -21.08 -3.02
C GLN D 42 34.17 -22.42 -2.36
N ARG D 43 34.32 -22.43 -1.05
CA ARG D 43 34.41 -23.69 -0.32
C ARG D 43 33.38 -23.66 0.80
N LEU D 44 32.53 -24.66 0.87
CA LEU D 44 31.51 -24.74 1.90
C LEU D 44 31.87 -25.81 2.91
N TYR D 45 31.63 -25.52 4.19
CA TYR D 45 32.04 -26.39 5.29
C TYR D 45 30.88 -26.63 6.24
N LYS D 46 30.85 -27.84 6.80
CA LYS D 46 30.05 -28.16 7.98
C LYS D 46 31.05 -28.49 9.08
N ASP D 47 31.08 -27.68 10.12
CA ASP D 47 32.15 -27.66 11.13
C ASP D 47 33.45 -27.44 10.38
N ASP D 48 34.45 -28.31 10.51
CA ASP D 48 35.69 -28.19 9.76
C ASP D 48 35.70 -29.04 8.50
N GLN D 49 34.60 -29.74 8.20
CA GLN D 49 34.59 -30.70 7.12
C GLN D 49 34.17 -30.03 5.83
N LEU D 50 35.04 -30.09 4.82
CA LEU D 50 34.71 -29.65 3.48
C LEU D 50 33.57 -30.49 2.91
N LEU D 51 32.73 -29.85 2.10
CA LEU D 51 31.54 -30.47 1.55
C LEU D 51 31.69 -30.68 0.05
N ASP D 52 31.37 -31.88 -0.40
CA ASP D 52 31.44 -32.19 -1.83
C ASP D 52 30.27 -31.55 -2.57
N ASP D 53 30.58 -30.97 -3.74
CA ASP D 53 29.58 -30.25 -4.53
C ASP D 53 28.38 -31.15 -4.85
N GLY D 54 28.63 -32.44 -5.10
CA GLY D 54 27.59 -33.37 -5.54
C GLY D 54 26.65 -33.88 -4.47
N LYS D 55 27.02 -33.76 -3.20
CA LYS D 55 26.23 -34.35 -2.12
C LYS D 55 25.01 -33.50 -1.79
N THR D 56 23.91 -34.16 -1.43
CA THR D 56 22.72 -33.45 -1.04
C THR D 56 22.86 -32.91 0.38
N LEU D 57 22.09 -31.85 0.67
CA LEU D 57 22.16 -31.22 1.98
C LEU D 57 21.81 -32.19 3.09
N GLY D 58 20.82 -33.07 2.84
CA GLY D 58 20.49 -34.08 3.83
C GLY D 58 21.64 -35.04 4.11
N GLU D 59 22.37 -35.42 3.07
CA GLU D 59 23.51 -36.31 3.23
C GLU D 59 24.60 -35.61 4.04
N CAS D 60 24.66 -34.29 3.93
CA CAS D 60 25.65 -33.54 4.67
CB CAS D 60 26.12 -32.28 3.95
C CAS D 60 25.10 -33.15 6.01
O CAS D 60 25.63 -32.20 6.63
SG CAS D 60 26.91 -32.72 2.44
AS CAS D 60 28.53 -34.12 3.11
CE1 CAS D 60 27.91 -35.95 2.63
CE2 CAS D 60 30.28 -33.78 2.23
N GLY D 61 24.06 -33.84 6.47
CA GLY D 61 23.58 -33.65 7.83
C GLY D 61 22.61 -32.52 8.06
N PHE D 62 22.23 -31.80 7.01
CA PHE D 62 21.28 -30.70 7.13
C PHE D 62 19.90 -31.25 6.85
N THR D 63 19.14 -31.49 7.90
CA THR D 63 17.82 -32.09 7.83
C THR D 63 16.81 -31.09 8.37
N SER D 64 15.55 -31.36 8.06
CA SER D 64 14.48 -30.46 8.45
C SER D 64 14.47 -30.16 9.94
N GLN D 65 14.97 -31.08 10.75
CA GLN D 65 14.83 -30.94 12.19
C GLN D 65 16.10 -30.48 12.89
N THR D 66 17.22 -30.40 12.19
CA THR D 66 18.37 -29.66 12.69
C THR D 66 18.51 -28.28 12.04
N ALA D 67 17.99 -28.10 10.83
CA ALA D 67 18.04 -26.81 10.13
C ALA D 67 16.63 -26.22 10.07
N ARG D 68 16.23 -25.58 11.17
CA ARG D 68 14.88 -25.10 11.39
C ARG D 68 14.81 -23.58 11.15
N PRO D 69 13.64 -23.06 10.75
CA PRO D 69 13.56 -21.62 10.47
C PRO D 69 13.96 -20.77 11.66
N GLN D 70 13.49 -21.12 12.86
CA GLN D 70 13.83 -20.39 14.07
C GLN D 70 15.18 -20.80 14.66
N ALA D 71 15.88 -21.76 14.06
CA ALA D 71 17.19 -22.21 14.55
C ALA D 71 17.97 -22.81 13.39
N PRO D 72 18.49 -21.96 12.52
CA PRO D 72 19.13 -22.47 11.29
C PRO D 72 20.49 -23.08 11.54
N ALA D 73 20.87 -24.01 10.67
CA ALA D 73 22.19 -24.63 10.72
C ALA D 73 23.24 -23.71 10.11
N THR D 74 24.45 -23.76 10.66
CA THR D 74 25.55 -22.93 10.19
C THR D 74 26.37 -23.67 9.14
N VAL D 75 26.58 -23.02 7.99
CA VAL D 75 27.45 -23.53 6.94
C VAL D 75 28.57 -22.52 6.76
N GLY D 76 29.83 -22.99 6.87
CA GLY D 76 30.97 -22.10 6.71
C GLY D 76 31.35 -21.92 5.25
N LEU D 77 31.86 -20.72 4.93
CA LEU D 77 32.21 -20.35 3.57
C LEU D 77 33.60 -19.72 3.52
N ALA D 78 34.42 -20.14 2.56
CA ALA D 78 35.75 -19.59 2.39
C ALA D 78 35.96 -19.34 0.92
N PHE D 79 36.54 -18.20 0.59
CA PHE D 79 36.72 -17.85 -0.79
C PHE D 79 38.15 -18.03 -1.23
N ARG D 80 38.39 -17.88 -2.51
CA ARG D 80 39.73 -18.00 -3.03
C ARG D 80 40.34 -16.63 -3.19
N ALA D 81 41.49 -16.42 -2.57
CA ALA D 81 42.19 -15.16 -2.74
C ALA D 81 43.29 -15.35 -3.74
N ASP D 82 42.98 -15.13 -5.00
CA ASP D 82 43.96 -15.32 -6.06
C ASP D 82 44.46 -16.75 -6.15
N ASP D 83 45.70 -16.97 -5.74
CA ASP D 83 46.28 -18.29 -5.85
C ASP D 83 45.66 -19.32 -4.94
N THR D 84 45.50 -18.98 -3.66
CA THR D 84 45.02 -19.97 -2.71
C THR D 84 43.69 -19.67 -2.08
N PHE D 85 43.12 -20.66 -1.43
CA PHE D 85 41.89 -20.46 -0.71
C PHE D 85 42.24 -20.05 0.69
N GLU D 86 41.52 -19.08 1.22
CA GLU D 86 41.73 -18.67 2.59
C GLU D 86 41.27 -19.77 3.54
N ALA D 87 41.79 -19.73 4.77
CA ALA D 87 41.30 -20.60 5.82
C ALA D 87 39.90 -20.14 6.26
N LEU D 88 39.12 -21.09 6.80
CA LEU D 88 37.78 -20.78 7.28
C LEU D 88 37.81 -19.87 8.50
N CAS D 89 37.19 -18.69 8.39
CA CAS D 89 37.10 -17.76 9.51
CB CAS D 89 38.07 -16.60 9.28
C CAS D 89 35.67 -17.29 9.65
O CAS D 89 35.14 -16.64 8.73
SG CAS D 89 37.91 -15.26 10.42
AS CAS D 89 38.77 -16.14 12.27
CE1 CAS D 89 40.43 -15.19 12.81
CE2 CAS D 89 37.48 -15.96 13.78
N ILE D 90 35.05 -17.60 10.77
CA ILE D 90 33.70 -17.13 11.05
C ILE D 90 33.74 -16.28 12.31
N GLU D 91 33.56 -14.97 12.17
CA GLU D 91 33.58 -14.11 13.34
C GLU D 91 32.36 -14.38 14.21
N PRO D 92 32.54 -14.59 15.50
CA PRO D 92 31.38 -14.86 16.37
C PRO D 92 30.55 -13.60 16.55
N PHE D 93 29.28 -13.81 16.91
CA PHE D 93 28.44 -12.69 17.23
C PHE D 93 28.85 -12.08 18.56
N SER D 94 28.37 -10.88 18.84
CA SER D 94 28.71 -10.22 20.08
C SER D 94 28.16 -11.02 21.26
N SER D 95 28.70 -10.74 22.44
CA SER D 95 28.20 -11.55 23.54
C SER D 95 27.16 -10.79 24.36
N PRO D 96 26.15 -11.49 24.87
CA PRO D 96 25.17 -10.82 25.73
C PRO D 96 25.80 -10.41 27.04
N PRO D 97 25.27 -9.39 27.70
CA PRO D 97 25.76 -9.03 29.04
C PRO D 97 25.41 -10.12 30.03
N GLU D 98 26.05 -10.05 31.20
CA GLU D 98 25.75 -11.02 32.25
C GLU D 98 24.28 -10.90 32.66
N LEU D 99 23.67 -12.05 32.94
CA LEU D 99 22.27 -12.06 33.33
C LEU D 99 22.08 -11.19 34.57
N PRO D 100 21.14 -10.24 34.55
CA PRO D 100 20.84 -9.48 35.76
C PRO D 100 20.30 -10.38 36.87
N ASP D 101 20.43 -9.88 38.10
CA ASP D 101 20.03 -10.67 39.27
C ASP D 101 18.54 -11.00 39.23
N VAL D 102 17.71 -10.00 38.92
CA VAL D 102 16.26 -10.19 38.90
C VAL D 102 15.80 -11.20 37.87
N MET D 103 16.67 -11.61 36.96
CA MET D 103 16.28 -12.54 35.92
C MET D 103 16.92 -13.91 36.14
N LYS D 104 17.94 -13.98 37.00
CA LYS D 104 18.65 -15.21 37.36
C LYS D 104 17.75 -16.02 38.27
N MET E 1 16.24 -14.75 -6.25
CA MET E 1 15.74 -14.05 -5.07
C MET E 1 16.52 -12.76 -4.81
N MET E 2 15.79 -11.66 -4.68
CA MET E 2 16.40 -10.42 -4.22
C MET E 2 16.69 -10.54 -2.73
N TYR E 3 17.89 -10.13 -2.33
CA TYR E 3 18.29 -10.11 -0.93
C TYR E 3 18.55 -8.67 -0.50
N VAL E 4 18.50 -8.42 0.81
CA VAL E 4 18.83 -7.13 1.40
C VAL E 4 19.87 -7.37 2.50
N LYS E 5 20.57 -6.31 2.87
CA LYS E 5 21.62 -6.39 3.88
C LYS E 5 21.25 -5.60 5.13
N LEU E 6 21.38 -6.23 6.29
CA LEU E 6 21.13 -5.62 7.59
C LEU E 6 22.42 -5.67 8.40
N ILE E 7 22.96 -4.51 8.75
CA ILE E 7 24.25 -4.42 9.44
C ILE E 7 24.01 -4.09 10.92
N SER E 8 24.59 -4.91 11.79
CA SER E 8 24.41 -4.73 13.23
C SER E 8 25.36 -3.65 13.75
N SER E 9 25.18 -3.32 15.03
CA SER E 9 25.97 -2.25 15.65
C SER E 9 27.47 -2.58 15.65
N ASP E 10 27.82 -3.87 15.75
CA ASP E 10 29.22 -4.27 15.72
C ASP E 10 29.69 -4.67 14.33
N GLY E 11 28.98 -4.25 13.27
CA GLY E 11 29.47 -4.40 11.92
C GLY E 11 29.22 -5.73 11.25
N HIS E 12 28.54 -6.66 11.91
CA HIS E 12 28.17 -7.91 11.26
C HIS E 12 27.11 -7.63 10.19
N GLU E 13 27.27 -8.27 9.03
CA GLU E 13 26.40 -8.04 7.89
C GLU E 13 25.52 -9.26 7.66
N PHE E 14 24.22 -9.08 7.80
CA PHE E 14 23.26 -10.16 7.62
C PHE E 14 22.52 -9.97 6.32
N ILE E 15 22.49 -11.01 5.50
CA ILE E 15 21.88 -10.95 4.18
C ILE E 15 20.67 -11.88 4.18
N VAL E 16 19.48 -11.30 4.02
CA VAL E 16 18.22 -12.03 4.12
C VAL E 16 17.42 -11.79 2.85
N LYS E 17 16.55 -12.76 2.52
CA LYS E 17 15.69 -12.61 1.35
C LYS E 17 14.81 -11.37 1.51
N ARG E 18 14.71 -10.59 0.43
CA ARG E 18 13.92 -9.36 0.47
C ARG E 18 12.50 -9.64 0.95
N GLU E 19 11.86 -10.67 0.37
CA GLU E 19 10.48 -10.98 0.75
C GLU E 19 10.35 -11.27 2.24
N HIS E 20 11.35 -11.94 2.83
CA HIS E 20 11.33 -12.21 4.26
C HIS E 20 11.44 -10.93 5.07
N ALA E 21 12.31 -10.01 4.66
CA ALA E 21 12.50 -8.79 5.44
C ALA E 21 11.27 -7.89 5.36
N LEU E 22 10.51 -7.96 4.27
CA LEU E 22 9.27 -7.19 4.12
C LEU E 22 8.11 -7.70 4.96
N THR E 23 8.29 -8.76 5.76
CA THR E 23 7.34 -9.02 6.83
C THR E 23 7.18 -7.79 7.73
N SER E 24 8.30 -7.12 8.02
CA SER E 24 8.29 -5.94 8.88
C SER E 24 8.00 -4.70 8.05
N GLY E 25 6.90 -4.01 8.35
CA GLY E 25 6.66 -2.72 7.73
C GLY E 25 7.74 -1.71 8.05
N THR E 26 8.33 -1.82 9.25
CA THR E 26 9.47 -0.97 9.59
C THR E 26 10.59 -1.13 8.59
N ILE E 27 11.00 -2.37 8.31
CA ILE E 27 12.11 -2.59 7.40
C ILE E 27 11.72 -2.23 5.98
N LYS E 28 10.51 -2.59 5.57
CA LYS E 28 10.02 -2.20 4.25
C LYS E 28 10.12 -0.68 4.05
N ALA E 29 9.70 0.08 5.05
CA ALA E 29 9.77 1.54 4.95
C ALA E 29 11.22 2.03 4.98
N MET E 30 12.07 1.39 5.79
CA MET E 30 13.48 1.76 5.84
C MET E 30 14.20 1.47 4.53
N LEU E 31 13.71 0.54 3.73
CA LEU E 31 14.27 0.28 2.41
C LEU E 31 13.80 1.30 1.38
N SER E 32 12.71 2.01 1.64
CA SER E 32 12.20 3.01 0.70
C SER E 32 12.13 4.38 1.36
N GLU E 41 15.07 4.27 -2.43
CA GLU E 41 15.16 2.81 -2.38
C GLU E 41 16.61 2.34 -2.17
N THR E 42 16.84 1.64 -1.06
CA THR E 42 18.15 1.10 -0.73
C THR E 42 18.06 -0.40 -0.50
N ASN E 43 19.18 -1.08 -0.69
CA ASN E 43 19.29 -2.52 -0.42
C ASN E 43 19.86 -2.83 0.96
N GLU E 44 20.53 -1.87 1.61
CA GLU E 44 21.17 -2.13 2.89
C GLU E 44 20.68 -1.12 3.91
N VAL E 45 20.61 -1.56 5.17
CA VAL E 45 20.18 -0.74 6.29
C VAL E 45 21.12 -1.01 7.45
N ASN E 46 21.60 0.04 8.11
CA ASN E 46 22.46 -0.10 9.28
C ASN E 46 21.65 0.08 10.56
N PHE E 47 21.86 -0.81 11.52
CA PHE E 47 21.20 -0.73 12.84
C PHE E 47 22.31 -0.48 13.86
N ARG E 48 22.56 0.79 14.16
CA ARG E 48 23.67 1.16 15.01
C ARG E 48 23.43 0.92 16.50
N GLU E 49 22.21 0.61 16.92
CA GLU E 49 21.96 0.34 18.33
C GLU E 49 21.61 -1.12 18.61
N ILE E 50 21.62 -1.98 17.60
CA ILE E 50 21.22 -3.37 17.72
C ILE E 50 22.44 -4.26 17.51
N PRO E 51 22.95 -4.91 18.54
CA PRO E 51 24.17 -5.72 18.39
C PRO E 51 23.90 -7.02 17.65
N SER E 52 24.99 -7.69 17.25
CA SER E 52 24.90 -8.84 16.34
C SER E 52 24.23 -10.05 16.98
N HIS E 53 24.34 -10.23 18.30
CA HIS E 53 23.65 -11.35 18.93
C HIS E 53 22.15 -11.11 19.05
N VAL E 54 21.68 -9.90 18.76
CA VAL E 54 20.26 -9.60 18.68
C VAL E 54 19.79 -9.60 17.23
N LEU E 55 20.55 -8.97 16.34
CA LEU E 55 20.11 -8.87 14.94
C LEU E 55 20.06 -10.24 14.28
N SER E 56 20.90 -11.18 14.69
CA SER E 56 20.81 -12.53 14.14
C SER E 56 19.46 -13.16 14.48
N LYS E 57 19.01 -12.99 15.72
CA LYS E 57 17.70 -13.50 16.12
C LYS E 57 16.57 -12.79 15.38
N VAL E 58 16.72 -11.50 15.10
CA VAL E 58 15.70 -10.80 14.34
C VAL E 58 15.54 -11.44 12.96
N CYS E 59 16.66 -11.78 12.32
CA CYS E 59 16.60 -12.40 11.01
C CYS E 59 15.95 -13.77 11.08
N MET E 60 16.26 -14.53 12.13
CA MET E 60 15.61 -15.82 12.33
C MET E 60 14.10 -15.64 12.46
N TYR E 61 13.66 -14.57 13.14
CA TYR E 61 12.23 -14.36 13.31
C TYR E 61 11.55 -14.11 11.96
N PHE E 62 12.22 -13.42 11.05
CA PHE E 62 11.68 -13.27 9.70
C PHE E 62 11.39 -14.62 9.08
N THR E 63 12.38 -15.53 9.18
CA THR E 63 12.19 -16.86 8.59
C THR E 63 11.07 -17.60 9.29
N TYR E 64 11.04 -17.55 10.62
CA TYR E 64 9.99 -18.21 11.37
C TYR E 64 8.61 -17.67 10.97
N LYS E 65 8.48 -16.35 10.86
CA LYS E 65 7.20 -15.74 10.51
C LYS E 65 6.79 -16.08 9.09
N VAL E 66 7.70 -16.00 8.12
CA VAL E 66 7.34 -16.35 6.75
C VAL E 66 6.92 -17.81 6.67
N ARG E 67 7.59 -18.67 7.41
CA ARG E 67 7.34 -20.10 7.32
C ARG E 67 6.01 -20.50 7.95
N TYR E 68 5.69 -19.93 9.11
CA TYR E 68 4.62 -20.45 9.95
C TYR E 68 3.35 -19.61 9.97
N THR E 69 3.32 -18.46 9.31
CA THR E 69 2.09 -17.68 9.29
C THR E 69 1.06 -18.36 8.42
N ASN E 70 -0.16 -18.50 8.95
CA ASN E 70 -1.26 -19.18 8.27
C ASN E 70 -0.85 -20.59 7.89
N SER E 71 -0.36 -21.33 8.88
CA SER E 71 -0.03 -22.73 8.70
C SER E 71 -0.91 -23.57 9.62
N SER E 72 -1.46 -24.65 9.08
CA SER E 72 -2.23 -25.59 9.87
C SER E 72 -1.34 -26.63 10.54
N THR E 73 -0.08 -26.73 10.13
CA THR E 73 0.85 -27.59 10.83
C THR E 73 1.05 -27.08 12.25
N GLU E 74 1.52 -27.98 13.12
CA GLU E 74 1.85 -27.56 14.46
C GLU E 74 2.99 -26.54 14.39
N ILE E 75 2.78 -25.37 14.99
CA ILE E 75 3.78 -24.31 14.97
C ILE E 75 4.65 -24.46 16.22
N PRO E 76 5.97 -24.49 16.06
CA PRO E 76 6.85 -24.56 17.22
C PRO E 76 7.03 -23.18 17.84
N GLU E 77 7.44 -23.20 19.11
CA GLU E 77 7.76 -21.98 19.83
C GLU E 77 8.95 -21.28 19.19
N PHE E 78 8.95 -19.95 19.23
CA PHE E 78 10.12 -19.18 18.82
C PHE E 78 11.02 -19.01 20.04
N PRO E 79 12.21 -19.61 20.05
CA PRO E 79 13.05 -19.62 21.26
C PRO E 79 13.81 -18.32 21.46
N ILE E 80 13.91 -17.90 22.73
CA ILE E 80 14.70 -16.73 23.11
C ILE E 80 15.51 -17.08 24.36
N ALA E 81 16.82 -17.12 24.23
CA ALA E 81 17.66 -17.38 25.40
C ALA E 81 17.51 -16.24 26.40
N PRO E 82 17.44 -16.54 27.70
CA PRO E 82 17.26 -15.47 28.71
C PRO E 82 18.33 -14.41 28.65
N GLU E 83 19.53 -14.76 28.21
CA GLU E 83 20.65 -13.80 28.18
C GLU E 83 20.40 -12.68 27.19
N ILE E 84 19.66 -12.94 26.10
CA ILE E 84 19.39 -11.93 25.08
C ILE E 84 17.99 -11.34 25.18
N ALA E 85 17.19 -11.76 26.16
CA ALA E 85 15.77 -11.40 26.18
C ALA E 85 15.56 -9.88 26.31
N LEU E 86 16.33 -9.23 27.18
CA LEU E 86 16.10 -7.80 27.39
C LEU E 86 16.46 -6.99 26.14
N GLU E 87 17.59 -7.30 25.50
CA GLU E 87 17.97 -6.55 24.31
C GLU E 87 17.06 -6.86 23.11
N LEU E 88 16.71 -8.14 22.92
CA LEU E 88 15.76 -8.46 21.86
C LEU E 88 14.44 -7.72 22.07
N LEU E 89 13.95 -7.68 23.32
CA LEU E 89 12.74 -6.94 23.59
C LEU E 89 12.90 -5.48 23.22
N MET E 90 14.05 -4.89 23.57
CA MET E 90 14.28 -3.48 23.29
C MET E 90 14.41 -3.22 21.79
N ALA E 91 15.12 -4.09 21.06
CA ALA E 91 15.13 -3.95 19.61
C ALA E 91 13.73 -4.11 19.04
N ALA E 92 13.01 -5.14 19.50
CA ALA E 92 11.66 -5.37 18.98
C ALA E 92 10.77 -4.19 19.30
N ASN E 93 10.94 -3.58 20.47
CA ASN E 93 10.16 -2.39 20.81
C ASN E 93 10.51 -1.21 19.91
N PHE E 94 11.79 -1.04 19.59
CA PHE E 94 12.19 0.06 18.70
C PHE E 94 11.83 -0.19 17.25
N LEU E 95 11.85 -1.43 16.81
CA LEU E 95 11.42 -1.74 15.45
C LEU E 95 9.93 -2.02 15.36
N ASP E 96 9.27 -2.27 16.49
CA ASP E 96 7.85 -2.58 16.52
C ASP E 96 7.52 -3.71 15.54
N CYS E 97 8.19 -4.85 15.73
CA CYS E 97 7.88 -6.04 14.93
C CYS E 97 7.54 -7.22 15.84
N VAL F 11 -22.19 -9.89 26.08
CA VAL F 11 -22.23 -9.80 24.62
C VAL F 11 -21.92 -11.17 24.01
N LEU F 12 -20.68 -11.63 24.18
CA LEU F 12 -20.28 -12.97 23.78
C LEU F 12 -20.68 -13.96 24.88
N ARG F 13 -21.53 -14.93 24.54
CA ARG F 13 -22.00 -15.88 25.53
C ARG F 13 -22.41 -17.19 24.83
N SER F 14 -22.47 -18.25 25.61
CA SER F 14 -23.00 -19.52 25.10
C SER F 14 -24.52 -19.47 25.09
N VAL F 15 -25.11 -20.13 24.10
CA VAL F 15 -26.55 -20.34 24.09
C VAL F 15 -26.83 -21.66 24.80
N ASN F 16 -27.85 -21.66 25.67
CA ASN F 16 -28.23 -22.86 26.40
C ASN F 16 -29.06 -23.73 25.52
N SER F 17 -28.41 -24.45 24.63
CA SER F 17 -29.10 -25.31 23.68
C SER F 17 -29.55 -26.67 24.17
N ARG F 18 -28.82 -27.23 25.13
CA ARG F 18 -29.13 -28.56 25.61
C ARG F 18 -28.94 -29.57 24.50
N GLU F 19 -28.23 -29.19 23.45
CA GLU F 19 -27.93 -30.11 22.36
C GLU F 19 -26.49 -30.56 22.49
N PRO F 20 -26.29 -31.83 22.83
CA PRO F 20 -24.92 -32.28 23.08
C PRO F 20 -24.06 -32.28 21.84
N SER F 21 -22.76 -32.09 22.07
CA SER F 21 -21.75 -32.14 21.02
C SER F 21 -20.47 -32.61 21.66
N GLN F 22 -19.88 -33.67 21.14
CA GLN F 22 -18.64 -34.18 21.70
C GLN F 22 -17.45 -33.59 20.95
N VAL F 23 -16.45 -33.16 21.70
CA VAL F 23 -15.33 -32.42 21.16
C VAL F 23 -14.05 -33.07 21.64
N ILE F 24 -13.04 -33.06 20.78
CA ILE F 24 -11.70 -33.47 21.14
C ILE F 24 -10.86 -32.22 21.26
N PHE F 25 -10.37 -31.96 22.46
CA PHE F 25 -9.48 -30.85 22.68
C PHE F 25 -8.08 -31.37 22.45
N CAS F 26 -7.49 -31.00 21.33
CA CAS F 26 -6.15 -31.46 20.97
CB CAS F 26 -6.21 -32.06 19.56
C CAS F 26 -5.11 -30.38 21.07
O CAS F 26 -5.03 -29.48 20.21
SG CAS F 26 -4.60 -32.56 19.03
AS CAS F 26 -4.37 -34.42 20.25
CE1 CAS F 26 -2.47 -34.61 20.79
CE2 CAS F 26 -4.95 -36.01 19.19
N ASN F 27 -4.30 -30.45 22.12
CA ASN F 27 -3.24 -29.47 22.34
C ASN F 27 -2.01 -29.68 21.46
N ARG F 28 -2.00 -29.05 20.29
CA ARG F 28 -0.84 -29.09 19.41
C ARG F 28 0.06 -27.88 19.63
N SER F 29 0.47 -27.67 20.88
CA SER F 29 1.33 -26.56 21.26
C SER F 29 2.21 -27.04 22.41
N PRO F 30 3.35 -26.38 22.63
CA PRO F 30 4.20 -26.75 23.77
C PRO F 30 3.76 -26.15 25.10
N ARG F 31 2.61 -25.48 25.15
CA ARG F 31 2.13 -24.87 26.39
C ARG F 31 1.11 -25.76 27.08
N VAL F 32 1.06 -25.64 28.40
CA VAL F 32 -0.06 -26.17 29.16
C VAL F 32 -1.26 -25.28 28.92
N VAL F 33 -2.32 -25.84 28.35
CA VAL F 33 -3.45 -25.09 27.81
C VAL F 33 -4.57 -25.03 28.85
N LEU F 34 -5.14 -23.85 29.04
CA LEU F 34 -6.31 -23.66 29.88
C LEU F 34 -7.53 -23.43 29.00
N PRO F 35 -8.48 -24.37 29.00
CA PRO F 35 -9.70 -24.12 28.24
C PRO F 35 -10.65 -23.20 29.01
N VAL F 36 -11.22 -22.23 28.33
CA VAL F 36 -12.08 -21.24 28.97
C VAL F 36 -13.42 -21.27 28.25
N TRP F 37 -14.47 -21.57 29.00
CA TRP F 37 -15.80 -21.57 28.44
C TRP F 37 -16.53 -20.30 28.80
N LEU F 38 -17.14 -19.68 27.82
CA LEU F 38 -17.95 -18.50 28.06
C LEU F 38 -19.34 -18.97 28.48
N ASN F 39 -19.75 -18.62 29.70
CA ASN F 39 -21.01 -19.15 30.21
C ASN F 39 -22.17 -18.34 29.61
N PHE F 40 -23.38 -18.63 30.05
CA PHE F 40 -24.55 -17.95 29.48
C PHE F 40 -24.59 -16.47 29.82
N ASP F 41 -23.95 -16.06 30.90
CA ASP F 41 -23.82 -14.64 31.21
C ASP F 41 -22.63 -14.00 30.54
N GLY F 42 -21.85 -14.75 29.77
CA GLY F 42 -20.67 -14.21 29.13
C GLY F 42 -19.45 -14.20 30.01
N GLU F 43 -19.54 -14.78 31.21
CA GLU F 43 -18.40 -14.81 32.12
C GLU F 43 -17.43 -15.91 31.70
N PRO F 44 -16.12 -15.63 31.66
CA PRO F 44 -15.16 -16.70 31.38
C PRO F 44 -15.09 -17.68 32.54
N GLN F 45 -15.12 -18.98 32.20
CA GLN F 45 -15.13 -20.03 33.21
C GLN F 45 -14.03 -21.03 32.89
N PRO F 46 -13.07 -21.16 33.80
CA PRO F 46 -11.92 -22.03 33.49
C PRO F 46 -12.23 -23.51 33.64
N TYR F 47 -11.57 -24.29 32.80
CA TYR F 47 -11.78 -25.72 32.83
C TYR F 47 -10.46 -26.41 33.05
N PRO F 48 -10.50 -27.74 33.17
CA PRO F 48 -9.26 -28.45 33.49
C PRO F 48 -8.19 -28.26 32.43
N THR F 49 -6.94 -28.24 32.85
CA THR F 49 -5.84 -27.99 31.93
C THR F 49 -5.39 -29.18 31.11
N LEU F 50 -4.66 -28.91 30.04
CA LEU F 50 -4.15 -29.96 29.18
C LEU F 50 -2.65 -29.82 28.99
N PRO F 51 -1.88 -30.86 29.36
CA PRO F 51 -0.42 -30.81 29.16
C PRO F 51 -0.07 -30.73 27.68
N PRO F 52 1.13 -30.27 27.34
CA PRO F 52 1.51 -30.15 25.92
C PRO F 52 1.41 -31.48 25.19
N GLY F 53 0.87 -31.42 23.98
CA GLY F 53 0.77 -32.60 23.14
C GLY F 53 -0.24 -33.64 23.58
N THR F 54 -1.20 -33.26 24.42
CA THR F 54 -2.20 -34.20 24.90
C THR F 54 -3.58 -33.85 24.32
N GLY F 55 -4.42 -34.86 24.23
CA GLY F 55 -5.79 -34.69 23.76
C GLY F 55 -6.77 -35.33 24.72
N ARG F 56 -7.98 -34.78 24.74
CA ARG F 56 -9.02 -35.29 25.61
C ARG F 56 -10.38 -35.14 24.97
N ARG F 57 -11.19 -36.19 25.03
CA ARG F 57 -12.55 -36.15 24.51
C ARG F 57 -13.45 -35.58 25.60
N ILE F 58 -14.10 -34.47 25.28
CA ILE F 58 -14.91 -33.80 26.26
C ILE F 58 -16.33 -33.66 25.78
N HIS F 59 -17.24 -33.40 26.70
CA HIS F 59 -18.62 -33.19 26.34
C HIS F 59 -19.03 -31.74 26.49
N SER F 60 -19.46 -31.12 25.40
CA SER F 60 -19.96 -29.76 25.45
C SER F 60 -21.31 -29.74 24.76
N TYR F 61 -21.67 -28.61 24.17
CA TYR F 61 -22.97 -28.49 23.54
C TYR F 61 -22.94 -27.58 22.34
N ARG F 62 -23.90 -27.77 21.44
CA ARG F 62 -24.00 -26.92 20.25
C ARG F 62 -24.24 -25.48 20.67
N GLY F 63 -23.50 -24.56 20.05
CA GLY F 63 -23.68 -23.16 20.35
C GLY F 63 -22.92 -22.65 21.54
N HIS F 64 -22.08 -23.47 22.15
CA HIS F 64 -21.27 -23.00 23.27
C HIS F 64 -20.00 -22.33 22.79
N LEU F 65 -19.49 -21.39 23.58
CA LEU F 65 -18.33 -20.61 23.19
C LEU F 65 -17.13 -21.00 24.04
N TRP F 66 -16.00 -21.23 23.35
CA TRP F 66 -14.76 -21.58 24.02
C TRP F 66 -13.55 -20.88 23.44
N LEU F 67 -12.61 -20.49 24.28
CA LEU F 67 -11.33 -19.97 23.84
C LEU F 67 -10.24 -20.66 24.66
N PHE F 68 -8.98 -20.48 24.25
CA PHE F 68 -7.89 -21.26 24.84
C PHE F 68 -6.69 -20.38 25.14
N ARG F 69 -6.10 -20.59 26.32
CA ARG F 69 -5.06 -19.73 26.85
C ARG F 69 -3.96 -20.58 27.47
N ASP F 70 -2.75 -20.03 27.50
CA ASP F 70 -1.68 -20.64 28.28
C ASP F 70 -2.06 -20.64 29.74
N ALA F 71 -1.99 -21.81 30.38
CA ALA F 71 -2.48 -21.94 31.75
C ALA F 71 -1.65 -21.16 32.75
N GLY F 72 -0.38 -20.89 32.45
CA GLY F 72 0.45 -20.20 33.41
C GLY F 72 0.48 -18.70 33.21
N THR F 73 0.47 -18.26 31.95
CA THR F 73 0.68 -16.87 31.59
C THR F 73 -0.54 -16.19 30.97
N HIS F 74 -1.54 -16.96 30.56
CA HIS F 74 -2.76 -16.49 29.89
C HIS F 74 -2.51 -15.97 28.48
N ASP F 75 -1.33 -16.22 27.91
CA ASP F 75 -1.11 -15.91 26.50
C ASP F 75 -2.20 -16.57 25.68
N GLY F 76 -2.71 -15.84 24.69
CA GLY F 76 -3.76 -16.38 23.85
C GLY F 76 -3.23 -17.43 22.89
N LEU F 77 -4.08 -18.42 22.62
CA LEU F 77 -3.75 -19.49 21.70
C LEU F 77 -4.82 -19.54 20.61
N LEU F 78 -4.53 -20.29 19.56
CA LEU F 78 -5.45 -20.42 18.44
C LEU F 78 -6.14 -21.78 18.55
N VAL F 79 -7.38 -21.83 18.08
CA VAL F 79 -8.14 -23.07 17.98
C VAL F 79 -8.73 -23.11 16.58
N ASN F 80 -8.36 -24.15 15.83
CA ASN F 80 -8.69 -24.22 14.41
C ASN F 80 -8.34 -22.89 13.72
N GLN F 81 -7.15 -22.38 14.04
CA GLN F 81 -6.56 -21.19 13.42
C GLN F 81 -7.35 -19.92 13.69
N THR F 82 -8.23 -19.90 14.68
CA THR F 82 -8.97 -18.69 15.00
C THR F 82 -9.06 -18.55 16.51
N GLU F 83 -9.73 -17.48 16.95
CA GLU F 83 -9.76 -17.12 18.36
C GLU F 83 -10.78 -17.93 19.14
N LEU F 84 -11.95 -18.20 18.55
CA LEU F 84 -13.06 -18.81 19.26
C LEU F 84 -13.49 -20.10 18.59
N PHE F 85 -13.92 -21.06 19.41
CA PHE F 85 -14.41 -22.35 18.95
C PHE F 85 -15.85 -22.54 19.42
N VAL F 86 -16.73 -22.92 18.51
CA VAL F 86 -18.12 -23.19 18.82
C VAL F 86 -18.44 -24.62 18.38
N PRO F 87 -18.75 -25.53 19.31
CA PRO F 87 -19.13 -26.90 18.92
C PRO F 87 -20.37 -26.92 18.05
N SER F 88 -20.39 -27.87 17.12
CA SER F 88 -21.51 -28.03 16.21
C SER F 88 -22.05 -29.46 16.28
N LEU F 89 -22.93 -29.78 15.34
CA LEU F 89 -23.53 -31.09 15.24
C LEU F 89 -22.50 -32.15 14.87
N ASN F 90 -22.52 -33.27 15.59
CA ASN F 90 -21.65 -34.41 15.29
C ASN F 90 -22.27 -35.24 14.17
N VAL F 91 -21.91 -34.89 12.94
CA VAL F 91 -22.32 -35.68 11.78
C VAL F 91 -21.58 -37.02 11.77
N ASP F 92 -22.32 -38.09 11.51
CA ASP F 92 -21.74 -39.44 11.35
C ASP F 92 -20.98 -39.90 12.60
N GLY F 93 -21.39 -39.39 13.78
CA GLY F 93 -20.76 -39.77 15.02
C GLY F 93 -19.34 -39.27 15.23
N GLN F 94 -18.76 -38.57 14.26
CA GLN F 94 -17.42 -38.03 14.46
C GLN F 94 -17.48 -36.86 15.44
N PRO F 95 -16.66 -36.86 16.48
CA PRO F 95 -16.61 -35.69 17.37
C PRO F 95 -15.98 -34.49 16.67
N ILE F 96 -16.36 -33.29 17.13
CA ILE F 96 -15.78 -32.08 16.57
C ILE F 96 -14.34 -31.98 17.03
N PHE F 97 -13.44 -31.61 16.13
CA PHE F 97 -12.04 -31.62 16.48
C PHE F 97 -11.64 -30.16 16.72
N ALA F 98 -11.09 -29.85 17.90
CA ALA F 98 -10.60 -28.51 18.23
C ALA F 98 -9.07 -28.54 18.35
N ASN F 99 -8.37 -27.96 17.37
CA ASN F 99 -6.92 -28.03 17.30
C ASN F 99 -6.32 -26.77 17.91
N ILE F 100 -5.77 -26.90 19.10
CA ILE F 100 -5.23 -25.76 19.82
C ILE F 100 -3.77 -25.62 19.41
N THR F 101 -3.46 -24.52 18.73
CA THR F 101 -2.11 -24.29 18.27
C THR F 101 -1.59 -22.97 18.80
N LEU F 102 -0.28 -22.83 18.80
CA LEU F 102 0.30 -21.59 19.19
C LEU F 102 0.20 -20.68 18.00
N PRO F 103 -0.13 -19.42 18.22
CA PRO F 103 -0.12 -18.45 17.12
C PRO F 103 1.30 -18.02 16.80
N VAL F 104 1.44 -17.30 15.68
CA VAL F 104 2.69 -16.60 15.40
C VAL F 104 2.60 -15.24 16.11
N TYR F 105 3.18 -15.17 17.28
CA TYR F 105 3.23 -13.91 18.00
C TYR F 105 4.16 -12.93 17.28
N THR F 106 3.91 -11.63 17.48
CA THR F 106 4.90 -10.63 17.12
C THR F 106 6.14 -10.81 17.96
N LEU F 107 7.29 -10.41 17.42
CA LEU F 107 8.55 -10.54 18.17
C LEU F 107 8.49 -9.79 19.50
N LYS F 108 7.81 -8.64 19.54
CA LYS F 108 7.70 -7.88 20.79
C LYS F 108 6.92 -8.66 21.84
N GLU F 109 5.75 -9.18 21.48
CA GLU F 109 4.94 -9.92 22.44
C GLU F 109 5.67 -11.18 22.92
N ARG F 110 6.33 -11.89 22.01
CA ARG F 110 7.11 -13.05 22.40
C ARG F 110 8.19 -12.68 23.40
N CYS F 111 8.87 -11.56 23.18
CA CYS F 111 9.90 -11.12 24.13
C CYS F 111 9.30 -10.75 25.47
N LEU F 112 8.16 -10.05 25.48
CA LEU F 112 7.50 -9.75 26.74
C LEU F 112 7.17 -11.03 27.51
N GLN F 113 6.75 -12.08 26.80
CA GLN F 113 6.44 -13.35 27.45
C GLN F 113 7.66 -13.91 28.16
N VAL F 114 8.77 -13.99 27.45
CA VAL F 114 9.99 -14.57 28.02
C VAL F 114 10.44 -13.78 29.25
N VAL F 115 10.42 -12.45 29.17
CA VAL F 115 10.86 -11.65 30.31
C VAL F 115 9.88 -11.82 31.47
N ARG F 116 8.56 -11.75 31.19
CA ARG F 116 7.57 -11.97 32.24
C ARG F 116 7.78 -13.32 32.92
N SER F 117 8.16 -14.34 32.14
CA SER F 117 8.39 -15.65 32.73
C SER F 117 9.66 -15.70 33.54
N LEU F 118 10.54 -14.70 33.40
CA LEU F 118 11.84 -14.73 34.06
C LEU F 118 11.97 -13.73 35.20
N VAL F 119 11.11 -12.72 35.26
CA VAL F 119 11.21 -11.64 36.24
C VAL F 119 9.89 -11.51 36.96
N LYS F 120 9.94 -11.56 38.29
CA LYS F 120 8.77 -11.32 39.09
C LYS F 120 8.22 -9.92 38.84
N PRO F 121 6.90 -9.74 38.92
CA PRO F 121 6.30 -8.44 38.62
C PRO F 121 6.82 -7.30 39.50
N GLU F 122 7.19 -7.58 40.75
CA GLU F 122 7.77 -6.55 41.62
C GLU F 122 9.12 -6.04 41.11
N ASN F 123 9.87 -6.85 40.38
CA ASN F 123 11.20 -6.46 39.90
C ASN F 123 11.21 -5.99 38.45
N TYR F 124 10.05 -5.82 37.81
CA TYR F 124 10.02 -5.37 36.42
C TYR F 124 10.74 -4.04 36.25
N ARG F 125 10.44 -3.09 37.13
CA ARG F 125 11.00 -1.76 37.00
C ARG F 125 12.41 -1.69 37.53
N ARG F 126 13.00 -2.84 37.81
CA ARG F 126 14.38 -2.86 38.25
C ARG F 126 15.20 -3.34 37.08
N LEU F 127 14.56 -3.49 35.93
CA LEU F 127 15.25 -3.90 34.73
C LEU F 127 15.72 -2.67 33.97
N ASP F 128 16.92 -2.71 33.41
CA ASP F 128 17.48 -1.59 32.69
C ASP F 128 16.94 -1.56 31.26
N ILE F 129 15.76 -0.95 31.09
CA ILE F 129 15.08 -0.82 29.81
C ILE F 129 14.33 0.52 29.81
N VAL F 130 13.83 0.89 28.65
CA VAL F 130 13.05 2.10 28.57
C VAL F 130 11.83 1.90 29.41
N ARG F 131 11.33 2.97 30.02
CA ARG F 131 10.20 2.85 30.92
C ARG F 131 8.96 2.36 30.22
N SER F 132 8.79 2.73 28.98
CA SER F 132 7.62 2.34 28.24
C SER F 132 7.44 0.84 28.36
N LEU F 133 8.54 0.11 28.36
CA LEU F 133 8.46 -1.33 28.44
C LEU F 133 7.98 -1.80 29.82
N TYR F 134 8.14 -0.98 30.87
CA TYR F 134 7.59 -1.35 32.17
C TYR F 134 6.09 -1.52 32.09
N GLU F 135 5.40 -0.56 31.48
CA GLU F 135 3.95 -0.67 31.33
C GLU F 135 3.59 -1.85 30.43
N ASP F 136 4.40 -2.12 29.41
CA ASP F 136 4.13 -3.25 28.53
C ASP F 136 4.25 -4.56 29.30
N LEU F 137 5.28 -4.68 30.15
CA LEU F 137 5.44 -5.90 30.95
C LEU F 137 4.27 -6.09 31.91
N GLU F 138 3.82 -5.02 32.57
CA GLU F 138 2.78 -5.16 33.58
C GLU F 138 1.41 -5.45 32.98
N ASP F 139 1.23 -5.19 31.69
CA ASP F 139 -0.05 -5.40 31.00
C ASP F 139 -0.17 -6.87 30.61
N HIS F 140 -0.30 -7.72 31.63
CA HIS F 140 -0.38 -9.15 31.41
C HIS F 140 -1.61 -9.48 30.58
N PRO F 141 -1.53 -10.50 29.72
CA PRO F 141 -2.70 -10.92 28.96
C PRO F 141 -3.88 -11.18 29.88
N ASN F 142 -5.04 -10.68 29.51
CA ASN F 142 -6.21 -10.69 30.37
C ASN F 142 -7.43 -11.02 29.53
N VAL F 143 -8.10 -12.12 29.86
CA VAL F 143 -9.25 -12.56 29.06
C VAL F 143 -10.40 -11.58 29.19
N GLN F 144 -10.67 -11.11 30.42
CA GLN F 144 -11.75 -10.16 30.61
C GLN F 144 -11.53 -8.90 29.79
N LYS F 145 -10.28 -8.41 29.76
CA LYS F 145 -9.98 -7.22 28.96
C LYS F 145 -10.20 -7.50 27.48
N ASP F 146 -9.71 -8.65 26.99
CA ASP F 146 -9.85 -8.97 25.57
C ASP F 146 -11.31 -9.11 25.15
N LEU F 147 -12.15 -9.70 26.00
CA LEU F 147 -13.56 -9.83 25.66
C LEU F 147 -14.23 -8.48 25.53
N GLU F 148 -13.87 -7.54 26.41
CA GLU F 148 -14.40 -6.17 26.31
C GLU F 148 -13.90 -5.49 25.04
N ARG F 149 -12.66 -5.75 24.65
CA ARG F 149 -12.13 -5.20 23.41
C ARG F 149 -12.87 -5.74 22.19
N LEU F 150 -13.09 -7.07 22.13
CA LEU F 150 -13.84 -7.64 21.01
C LEU F 150 -15.27 -7.11 20.99
N THR F 151 -15.88 -6.98 22.18
CA THR F 151 -17.25 -6.45 22.24
C THR F 151 -17.33 -5.01 21.75
N GLN F 152 -16.26 -4.23 21.94
CA GLN F 152 -16.27 -2.85 21.44
C GLN F 152 -16.20 -2.80 19.92
N GLU F 153 -15.45 -3.72 19.31
CA GLU F 153 -15.17 -3.75 17.87
C GLU F 153 -16.34 -3.35 16.96
N MET G 1 -45.14 8.82 24.98
CA MET G 1 -45.06 8.91 23.53
C MET G 1 -44.50 10.25 23.09
N ASP G 2 -43.41 10.22 22.33
CA ASP G 2 -42.78 11.43 21.85
C ASP G 2 -43.52 11.98 20.63
N VAL G 3 -43.73 13.29 20.61
CA VAL G 3 -44.32 13.98 19.47
C VAL G 3 -43.29 14.99 18.97
N PHE G 4 -43.31 15.26 17.66
CA PHE G 4 -42.30 16.09 17.03
C PHE G 4 -42.97 17.27 16.33
N LEU G 5 -42.49 18.48 16.60
CA LEU G 5 -43.26 19.68 16.30
C LEU G 5 -42.42 20.73 15.57
N MET G 6 -43.13 21.51 14.75
CA MET G 6 -42.70 22.77 14.16
C MET G 6 -43.55 23.89 14.74
N ILE G 7 -42.93 24.74 15.56
CA ILE G 7 -43.57 25.91 16.14
C ILE G 7 -43.24 27.10 15.24
N ARG G 8 -44.27 27.70 14.63
CA ARG G 8 -44.07 28.63 13.53
C ARG G 8 -44.77 29.96 13.82
N ARG G 9 -44.03 31.05 13.61
CA ARG G 9 -44.56 32.41 13.69
C ARG G 9 -43.81 33.25 12.68
N HIS G 10 -44.53 33.86 11.75
CA HIS G 10 -43.96 34.70 10.67
C HIS G 10 -42.99 33.84 9.87
N LYS G 11 -41.70 34.18 9.81
CA LYS G 11 -40.70 33.38 9.13
C LYS G 11 -39.81 32.61 10.10
N THR G 12 -40.29 32.35 11.31
CA THR G 12 -39.56 31.60 12.32
C THR G 12 -40.16 30.21 12.47
N THR G 13 -39.29 29.19 12.55
CA THR G 13 -39.70 27.81 12.69
C THR G 13 -38.78 27.12 13.70
N ILE G 14 -39.35 26.59 14.77
CA ILE G 14 -38.60 25.91 15.82
C ILE G 14 -38.91 24.42 15.72
N PHE G 15 -37.87 23.61 15.53
CA PHE G 15 -38.01 22.17 15.55
C PHE G 15 -37.76 21.70 16.97
N THR G 16 -38.74 21.02 17.55
CA THR G 16 -38.61 20.53 18.91
C THR G 16 -39.46 19.28 19.08
N ASP G 17 -39.24 18.60 20.19
CA ASP G 17 -40.01 17.42 20.55
C ASP G 17 -40.63 17.64 21.92
N ALA G 18 -41.68 16.88 22.21
CA ALA G 18 -42.32 16.92 23.52
C ALA G 18 -43.00 15.57 23.71
N LYS G 19 -43.79 15.43 24.76
CA LYS G 19 -44.51 14.20 24.96
C LYS G 19 -45.99 14.44 24.90
N GLU G 20 -46.75 13.43 24.48
CA GLU G 20 -48.21 13.56 24.45
C GLU G 20 -48.76 13.95 25.81
N SER G 21 -48.12 13.50 26.90
CA SER G 21 -48.55 13.85 28.24
C SER G 21 -48.22 15.30 28.61
N SER G 22 -47.20 15.89 27.99
CA SER G 22 -46.85 17.26 28.29
C SER G 22 -47.97 18.22 27.87
N THR G 23 -48.04 19.36 28.53
CA THR G 23 -49.12 20.33 28.36
C THR G 23 -48.71 21.46 27.43
N VAL G 24 -49.72 22.22 26.98
CA VAL G 24 -49.47 23.39 26.16
C VAL G 24 -48.63 24.38 26.94
N PHE G 25 -48.84 24.47 28.25
CA PHE G 25 -48.03 25.36 29.08
C PHE G 25 -46.56 24.92 29.08
N GLU G 26 -46.31 23.62 29.20
CA GLU G 26 -44.93 23.12 29.13
C GLU G 26 -44.31 23.41 27.77
N LEU G 27 -45.11 23.36 26.71
CA LEU G 27 -44.64 23.74 25.38
C LEU G 27 -44.36 25.24 25.30
N LYS G 28 -45.13 26.07 26.00
CA LYS G 28 -44.82 27.50 26.04
C LYS G 28 -43.53 27.76 26.80
N ARG G 29 -43.22 26.94 27.80
CA ARG G 29 -41.95 27.06 28.52
C ARG G 29 -40.76 26.75 27.62
N ILE G 30 -40.90 25.77 26.72
CA ILE G 30 -39.82 25.45 25.79
C ILE G 30 -39.59 26.62 24.83
N VAL G 31 -40.67 27.21 24.32
CA VAL G 31 -40.55 28.39 23.45
C VAL G 31 -39.88 29.54 24.21
N GLU G 32 -40.16 29.66 25.51
CA GLU G 32 -39.58 30.73 26.30
C GLU G 32 -38.07 30.63 26.36
N GLY G 33 -37.54 29.42 26.53
CA GLY G 33 -36.09 29.25 26.53
C GLY G 33 -35.45 29.61 25.21
N ILE G 34 -36.14 29.31 24.10
CA ILE G 34 -35.59 29.57 22.78
C ILE G 34 -35.80 31.03 22.37
N LEU G 35 -37.03 31.53 22.48
CA LEU G 35 -37.38 32.84 21.93
C LEU G 35 -37.48 33.94 22.98
N LYS G 36 -37.21 33.64 24.25
CA LYS G 36 -37.09 34.64 25.31
C LYS G 36 -38.36 35.48 25.46
N ARG G 37 -39.52 34.84 25.38
CA ARG G 37 -40.80 35.52 25.59
C ARG G 37 -41.65 34.71 26.57
N PRO G 38 -42.25 35.35 27.58
CA PRO G 38 -42.91 34.59 28.64
C PRO G 38 -44.20 33.96 28.14
N PRO G 39 -44.64 32.85 28.75
CA PRO G 39 -45.91 32.22 28.32
C PRO G 39 -47.10 33.16 28.27
N ASP G 40 -47.19 34.10 29.22
CA ASP G 40 -48.29 35.07 29.20
C ASP G 40 -48.36 35.81 27.88
N GLU G 41 -47.22 36.05 27.24
CA GLU G 41 -47.16 36.71 25.95
C GLU G 41 -47.10 35.72 24.79
N GLN G 42 -47.50 34.46 25.03
CA GLN G 42 -47.55 33.46 23.97
C GLN G 42 -48.95 32.88 23.90
N ARG G 43 -49.40 32.66 22.68
CA ARG G 43 -50.61 31.91 22.46
C ARG G 43 -50.26 30.84 21.44
N LEU G 44 -50.58 29.60 21.75
CA LEU G 44 -50.26 28.51 20.84
C LEU G 44 -51.53 28.05 20.12
N TYR G 45 -51.38 27.75 18.83
CA TYR G 45 -52.52 27.45 17.97
C TYR G 45 -52.26 26.15 17.22
N LYS G 46 -53.33 25.40 17.01
CA LYS G 46 -53.35 24.31 16.04
C LYS G 46 -54.33 24.70 14.93
N ASP G 47 -53.82 24.94 13.72
CA ASP G 47 -54.59 25.59 12.65
C ASP G 47 -55.14 26.90 13.19
N ASP G 48 -56.45 27.10 13.23
CA ASP G 48 -57.10 28.30 13.70
C ASP G 48 -57.51 28.24 15.17
N GLN G 49 -57.30 27.13 15.85
CA GLN G 49 -57.79 26.93 17.22
C GLN G 49 -56.72 27.26 18.25
N LEU G 50 -57.03 28.19 19.16
CA LEU G 50 -56.21 28.43 20.33
C LEU G 50 -56.17 27.19 21.20
N LEU G 51 -55.03 26.97 21.85
CA LEU G 51 -54.81 25.83 22.73
C LEU G 51 -54.69 26.30 24.18
N ASP G 52 -55.46 25.66 25.06
CA ASP G 52 -55.47 26.00 26.48
C ASP G 52 -54.24 25.45 27.22
N ASP G 53 -53.72 26.24 28.16
CA ASP G 53 -52.49 25.91 28.87
C ASP G 53 -52.56 24.54 29.55
N GLY G 54 -53.73 24.20 30.12
CA GLY G 54 -53.87 22.99 30.91
C GLY G 54 -54.00 21.72 30.12
N LYS G 55 -54.31 21.83 28.83
CA LYS G 55 -54.56 20.65 28.01
C LYS G 55 -53.25 20.00 27.57
N THR G 56 -53.26 18.67 27.50
CA THR G 56 -52.11 17.93 27.01
C THR G 56 -52.03 18.00 25.50
N LEU G 57 -50.81 17.82 24.97
CA LEU G 57 -50.59 17.88 23.53
C LEU G 57 -51.38 16.81 22.79
N GLY G 58 -51.48 15.62 23.38
CA GLY G 58 -52.29 14.57 22.76
C GLY G 58 -53.76 14.95 22.64
N GLU G 59 -54.31 15.59 23.67
CA GLU G 59 -55.69 16.02 23.66
C GLU G 59 -55.95 17.05 22.57
N CAS G 60 -54.92 17.82 22.23
CA CAS G 60 -55.05 18.85 21.21
CB CAS G 60 -54.17 20.06 21.51
C CAS G 60 -54.70 18.30 19.85
O CAS G 60 -54.47 19.10 18.94
SG CAS G 60 -54.60 20.87 23.03
AS CAS G 60 -56.74 21.44 22.68
CE1 CAS G 60 -57.82 20.16 23.75
CE2 CAS G 60 -57.19 23.29 23.27
N GLY G 61 -54.63 16.98 19.71
CA GLY G 61 -54.45 16.38 18.39
C GLY G 61 -53.03 16.08 17.99
N PHE G 62 -52.07 16.35 18.86
CA PHE G 62 -50.66 16.08 18.59
C PHE G 62 -50.32 14.71 19.15
N THR G 63 -50.24 13.72 18.27
CA THR G 63 -49.98 12.35 18.67
C THR G 63 -48.69 11.86 18.02
N SER G 64 -48.11 10.82 18.61
CA SER G 64 -46.83 10.32 18.14
C SER G 64 -46.86 9.93 16.67
N GLN G 65 -48.04 9.61 16.13
CA GLN G 65 -48.15 9.13 14.76
C GLN G 65 -48.61 10.20 13.79
N THR G 66 -49.07 11.36 14.25
CA THR G 66 -49.27 12.50 13.36
C THR G 66 -48.14 13.51 13.44
N ALA G 67 -47.46 13.59 14.57
CA ALA G 67 -46.32 14.49 14.76
C ALA G 67 -45.06 13.62 14.77
N ARG G 68 -44.57 13.33 13.60
CA ARG G 68 -43.48 12.40 13.36
C ARG G 68 -42.19 13.15 13.06
N PRO G 69 -41.02 12.54 13.34
CA PRO G 69 -39.75 13.25 13.08
C PRO G 69 -39.60 13.64 11.62
N GLN G 70 -39.93 12.74 10.72
CA GLN G 70 -39.85 13.00 9.29
C GLN G 70 -41.02 13.82 8.76
N ALA G 71 -41.99 14.15 9.61
CA ALA G 71 -43.14 14.95 9.21
C ALA G 71 -43.77 15.58 10.45
N PRO G 72 -43.16 16.62 11.00
CA PRO G 72 -43.64 17.14 12.28
C PRO G 72 -44.92 17.95 12.14
N ALA G 73 -45.72 17.94 13.20
CA ALA G 73 -46.95 18.71 13.23
C ALA G 73 -46.65 20.17 13.49
N THR G 74 -47.43 21.05 12.86
CA THR G 74 -47.22 22.49 12.96
C THR G 74 -48.05 23.06 14.11
N VAL G 75 -47.38 23.83 14.97
CA VAL G 75 -48.03 24.56 16.05
C VAL G 75 -47.85 26.04 15.79
N GLY G 76 -48.95 26.79 15.81
CA GLY G 76 -48.88 28.22 15.56
C GLY G 76 -48.53 29.01 16.81
N LEU G 77 -47.78 30.09 16.59
CA LEU G 77 -47.33 30.95 17.67
C LEU G 77 -47.65 32.39 17.30
N ALA G 78 -48.26 33.11 18.23
CA ALA G 78 -48.60 34.52 18.09
C ALA G 78 -48.19 35.19 19.38
N PHE G 79 -47.50 36.32 19.27
CA PHE G 79 -46.95 36.99 20.45
C PHE G 79 -47.82 38.19 20.86
N ARG G 80 -47.56 38.67 22.08
CA ARG G 80 -48.21 39.86 22.61
C ARG G 80 -47.20 41.00 22.67
N ALA G 81 -47.57 42.14 22.08
CA ALA G 81 -46.80 43.38 22.20
C ALA G 81 -47.51 44.26 23.22
N ASP G 82 -47.03 44.24 24.46
CA ASP G 82 -47.62 45.01 25.55
C ASP G 82 -49.07 44.64 25.76
N ASP G 83 -49.99 45.39 25.15
CA ASP G 83 -51.41 45.23 25.45
C ASP G 83 -52.03 44.05 24.71
N THR G 84 -52.07 44.12 23.39
CA THR G 84 -52.82 43.13 22.62
C THR G 84 -51.91 42.00 22.13
N PHE G 85 -52.56 40.91 21.68
CA PHE G 85 -51.91 39.85 20.93
C PHE G 85 -52.01 40.10 19.44
N GLU G 86 -50.89 39.87 18.76
CA GLU G 86 -50.89 39.95 17.31
C GLU G 86 -51.73 38.81 16.74
N ALA G 87 -52.21 39.00 15.52
CA ALA G 87 -52.91 37.91 14.85
C ALA G 87 -51.90 36.86 14.42
N LEU G 88 -52.35 35.61 14.39
CA LEU G 88 -51.48 34.52 13.98
C LEU G 88 -51.20 34.63 12.48
N CAS G 89 -49.92 34.79 12.15
CA CAS G 89 -49.49 34.82 10.77
CB CAS G 89 -49.20 36.25 10.31
C CAS G 89 -48.27 33.96 10.60
O CAS G 89 -47.22 34.20 11.23
SG CAS G 89 -48.37 36.24 8.74
AS CAS G 89 -50.05 36.22 7.26
CE1 CAS G 89 -49.98 37.86 6.12
CE2 CAS G 89 -49.89 34.63 6.08
N ILE G 90 -48.41 32.92 9.78
CA ILE G 90 -47.30 32.03 9.47
C ILE G 90 -46.96 32.21 7.99
N GLU G 91 -45.81 32.83 7.73
CA GLU G 91 -45.40 33.05 6.35
C GLU G 91 -45.14 31.71 5.68
N PRO G 92 -45.68 31.48 4.48
CA PRO G 92 -45.50 30.18 3.82
C PRO G 92 -44.07 29.97 3.36
N PHE G 93 -43.70 28.69 3.22
CA PHE G 93 -42.41 28.37 2.65
C PHE G 93 -42.42 28.64 1.13
N SER G 94 -41.24 28.70 0.54
CA SER G 94 -41.12 29.00 -0.88
C SER G 94 -41.73 27.88 -1.73
N SER G 95 -42.00 28.21 -3.00
CA SER G 95 -42.56 27.13 -3.81
C SER G 95 -41.49 26.50 -4.68
N PRO G 96 -41.64 25.20 -4.87
CA PRO G 96 -40.74 24.45 -5.74
C PRO G 96 -40.95 24.83 -7.20
N PRO G 97 -39.95 24.64 -8.04
CA PRO G 97 -40.14 24.86 -9.48
C PRO G 97 -41.06 23.81 -10.08
N GLU G 98 -41.54 24.11 -11.29
CA GLU G 98 -42.28 23.11 -12.04
C GLU G 98 -41.37 21.93 -12.34
N LEU G 99 -41.94 20.73 -12.34
CA LEU G 99 -41.17 19.52 -12.60
C LEU G 99 -40.49 19.59 -13.97
N PRO G 100 -39.18 19.32 -14.06
CA PRO G 100 -38.53 19.26 -15.37
C PRO G 100 -39.13 18.18 -16.26
N ASP G 101 -38.87 18.31 -17.56
CA ASP G 101 -39.48 17.43 -18.56
C ASP G 101 -39.08 15.97 -18.37
N VAL G 102 -37.77 15.71 -18.24
CA VAL G 102 -37.25 14.35 -18.13
C VAL G 102 -37.74 13.64 -16.87
N MET G 103 -38.32 14.38 -15.95
CA MET G 103 -38.79 13.89 -14.66
C MET G 103 -40.30 13.81 -14.49
N LYS G 104 -41.05 14.46 -15.36
CA LYS G 104 -42.51 14.53 -15.22
C LYS G 104 -43.24 13.22 -15.55
N MET H 2 -28.91 23.98 24.07
CA MET H 2 -28.31 24.93 23.13
C MET H 2 -28.89 24.73 21.74
N TYR H 3 -29.34 25.80 21.11
CA TYR H 3 -29.91 25.75 19.77
C TYR H 3 -29.06 26.55 18.78
N VAL H 4 -29.26 26.25 17.50
CA VAL H 4 -28.64 27.00 16.41
C VAL H 4 -29.73 27.46 15.45
N LYS H 5 -29.40 28.47 14.67
CA LYS H 5 -30.31 29.05 13.69
C LYS H 5 -29.77 28.84 12.29
N LEU H 6 -30.62 28.35 11.39
CA LEU H 6 -30.27 28.15 10.00
C LEU H 6 -31.21 28.99 9.15
N ILE H 7 -30.66 29.94 8.39
CA ILE H 7 -31.44 30.87 7.59
C ILE H 7 -31.39 30.44 6.13
N SER H 8 -32.56 30.29 5.52
CA SER H 8 -32.69 29.87 4.14
C SER H 8 -32.43 31.05 3.21
N SER H 9 -32.42 30.76 1.91
CA SER H 9 -32.15 31.81 0.91
C SER H 9 -33.23 32.87 0.93
N ASP H 10 -34.47 32.50 1.24
CA ASP H 10 -35.59 33.44 1.30
C ASP H 10 -35.85 33.96 2.71
N GLY H 11 -34.86 33.88 3.60
CA GLY H 11 -34.94 34.56 4.87
C GLY H 11 -35.69 33.83 5.98
N HIS H 12 -36.19 32.62 5.72
CA HIS H 12 -36.81 31.84 6.78
C HIS H 12 -35.78 31.39 7.80
N GLU H 13 -36.12 31.49 9.07
CA GLU H 13 -35.21 31.16 10.15
C GLU H 13 -35.66 29.87 10.82
N PHE H 14 -34.83 28.84 10.74
CA PHE H 14 -35.11 27.54 11.35
C PHE H 14 -34.21 27.35 12.56
N ILE H 15 -34.81 27.03 13.70
CA ILE H 15 -34.10 26.91 14.96
C ILE H 15 -34.13 25.43 15.33
N VAL H 16 -32.97 24.80 15.35
CA VAL H 16 -32.84 23.37 15.58
C VAL H 16 -31.82 23.13 16.69
N LYS H 17 -31.96 22.00 17.37
CA LYS H 17 -31.01 21.65 18.42
C LYS H 17 -29.61 21.59 17.84
N ARG H 18 -28.66 22.16 18.57
CA ARG H 18 -27.28 22.25 18.08
C ARG H 18 -26.73 20.88 17.69
N GLU H 19 -26.92 19.89 18.56
CA GLU H 19 -26.40 18.55 18.28
C GLU H 19 -26.98 17.99 16.99
N HIS H 20 -28.26 18.26 16.73
CA HIS H 20 -28.89 17.78 15.49
C HIS H 20 -28.25 18.40 14.27
N ALA H 21 -27.95 19.70 14.31
CA ALA H 21 -27.37 20.37 13.16
C ALA H 21 -25.94 19.90 12.89
N LEU H 22 -25.22 19.47 13.93
CA LEU H 22 -23.85 19.00 13.73
C LEU H 22 -23.78 17.64 13.05
N THR H 23 -24.92 17.04 12.72
CA THR H 23 -24.95 15.95 11.75
C THR H 23 -24.17 16.32 10.50
N SER H 24 -24.28 17.57 10.07
CA SER H 24 -23.59 18.05 8.88
C SER H 24 -22.19 18.50 9.25
N GLY H 25 -21.18 17.84 8.68
CA GLY H 25 -19.83 18.35 8.81
C GLY H 25 -19.65 19.70 8.16
N THR H 26 -20.38 19.94 7.06
CA THR H 26 -20.39 21.27 6.46
C THR H 26 -20.88 22.33 7.44
N ILE H 27 -22.02 22.07 8.09
CA ILE H 27 -22.58 23.05 9.03
C ILE H 27 -21.66 23.20 10.23
N LYS H 28 -21.10 22.08 10.69
CA LYS H 28 -20.12 22.08 11.78
C LYS H 28 -18.96 23.04 11.46
N ALA H 29 -18.47 23.01 10.23
CA ALA H 29 -17.37 23.89 9.85
C ALA H 29 -17.82 25.35 9.81
N MET H 30 -19.03 25.61 9.32
CA MET H 30 -19.55 26.98 9.26
C MET H 30 -19.81 27.57 10.64
N LEU H 31 -20.07 26.73 11.65
CA LEU H 31 -20.24 27.24 13.01
C LEU H 31 -18.91 27.48 13.72
N SER H 32 -17.84 26.79 13.32
CA SER H 32 -16.53 26.98 13.93
C SER H 32 -15.46 27.28 12.88
N ASN H 43 -23.39 30.90 16.19
CA ASN H 43 -24.62 30.17 16.47
C ASN H 43 -25.65 30.32 15.34
N GLU H 44 -25.30 31.04 14.28
CA GLU H 44 -26.21 31.32 13.18
C GLU H 44 -25.49 31.02 11.86
N VAL H 45 -26.22 30.50 10.88
CA VAL H 45 -25.67 30.16 9.56
C VAL H 45 -26.64 30.61 8.48
N ASN H 46 -26.11 31.25 7.45
CA ASN H 46 -26.89 31.64 6.27
C ASN H 46 -26.62 30.70 5.10
N PHE H 47 -27.69 30.29 4.41
CA PHE H 47 -27.61 29.44 3.21
C PHE H 47 -28.16 30.20 2.01
N ARG H 48 -27.27 30.87 1.28
CA ARG H 48 -27.74 31.74 0.20
C ARG H 48 -28.28 30.97 -1.00
N GLU H 49 -28.07 29.66 -1.08
CA GLU H 49 -28.59 28.89 -2.21
C GLU H 49 -29.69 27.91 -1.85
N ILE H 50 -30.08 27.80 -0.59
CA ILE H 50 -31.04 26.77 -0.20
C ILE H 50 -32.33 27.45 0.24
N PRO H 51 -33.41 27.33 -0.54
CA PRO H 51 -34.67 27.96 -0.16
C PRO H 51 -35.34 27.24 0.99
N SER H 52 -36.36 27.87 1.55
CA SER H 52 -36.99 27.39 2.77
C SER H 52 -37.72 26.07 2.55
N HIS H 53 -38.24 25.82 1.35
CA HIS H 53 -38.90 24.55 1.09
C HIS H 53 -37.93 23.38 0.98
N VAL H 54 -36.64 23.66 0.92
CA VAL H 54 -35.61 22.63 0.99
C VAL H 54 -35.02 22.55 2.39
N LEU H 55 -34.71 23.70 2.98
CA LEU H 55 -34.07 23.72 4.29
C LEU H 55 -34.99 23.13 5.36
N SER H 56 -36.30 23.30 5.20
CA SER H 56 -37.22 22.66 6.14
C SER H 56 -37.11 21.15 6.06
N LYS H 57 -37.07 20.60 4.85
CA LYS H 57 -36.93 19.16 4.71
C LYS H 57 -35.59 18.68 5.26
N VAL H 58 -34.54 19.48 5.10
CA VAL H 58 -33.25 19.12 5.67
C VAL H 58 -33.36 19.02 7.19
N CYS H 59 -34.07 19.96 7.82
CA CYS H 59 -34.22 19.94 9.27
C CYS H 59 -35.02 18.73 9.74
N MET H 60 -36.05 18.35 8.99
CA MET H 60 -36.78 17.13 9.31
C MET H 60 -35.86 15.91 9.24
N TYR H 61 -34.93 15.90 8.28
CA TYR H 61 -34.03 14.76 8.18
C TYR H 61 -33.15 14.62 9.41
N PHE H 62 -32.69 15.75 9.96
CA PHE H 62 -31.91 15.69 11.21
C PHE H 62 -32.70 14.97 12.29
N THR H 63 -33.97 15.36 12.49
CA THR H 63 -34.78 14.73 13.52
C THR H 63 -34.97 13.25 13.20
N TYR H 64 -35.25 12.95 11.94
CA TYR H 64 -35.45 11.57 11.52
C TYR H 64 -34.20 10.74 11.78
N LYS H 65 -33.03 11.27 11.43
CA LYS H 65 -31.78 10.52 11.57
C LYS H 65 -31.42 10.30 13.04
N VAL H 66 -31.52 11.36 13.85
CA VAL H 66 -31.20 11.22 15.27
C VAL H 66 -32.16 10.24 15.94
N ARG H 67 -33.44 10.25 15.53
CA ARG H 67 -34.43 9.41 16.18
C ARG H 67 -34.25 7.95 15.82
N TYR H 68 -33.98 7.65 14.55
CA TYR H 68 -34.08 6.29 14.05
C TYR H 68 -32.73 5.60 13.84
N THR H 69 -31.61 6.28 14.04
CA THR H 69 -30.31 5.63 13.93
C THR H 69 -30.10 4.68 15.11
N ASN H 70 -29.70 3.45 14.81
CA ASN H 70 -29.49 2.38 15.81
C ASN H 70 -30.72 2.17 16.68
N SER H 71 -31.86 2.03 16.03
CA SER H 71 -33.10 1.71 16.72
C SER H 71 -33.62 0.38 16.18
N SER H 72 -34.12 -0.46 17.07
CA SER H 72 -34.69 -1.73 16.67
C SER H 72 -36.14 -1.63 16.20
N THR H 73 -36.79 -0.49 16.42
CA THR H 73 -38.15 -0.29 15.91
C THR H 73 -38.15 -0.31 14.38
N GLU H 74 -39.35 -0.48 13.82
CA GLU H 74 -39.52 -0.38 12.38
C GLU H 74 -39.19 1.04 11.91
N ILE H 75 -38.33 1.15 10.90
CA ILE H 75 -37.87 2.43 10.40
C ILE H 75 -38.83 2.87 9.29
N PRO H 76 -39.43 4.04 9.38
CA PRO H 76 -40.31 4.52 8.30
C PRO H 76 -39.49 5.12 7.17
N GLU H 77 -40.10 5.11 5.98
CA GLU H 77 -39.48 5.77 4.85
C GLU H 77 -39.37 7.27 5.14
N PHE H 78 -38.30 7.89 4.64
CA PHE H 78 -38.18 9.34 4.71
C PHE H 78 -38.84 9.93 3.46
N PRO H 79 -39.96 10.65 3.59
CA PRO H 79 -40.70 11.07 2.39
C PRO H 79 -40.02 12.26 1.73
N ILE H 80 -39.96 12.22 0.41
CA ILE H 80 -39.42 13.31 -0.40
C ILE H 80 -40.39 13.55 -1.55
N ALA H 81 -41.04 14.71 -1.53
CA ALA H 81 -41.93 15.04 -2.62
C ALA H 81 -41.13 15.16 -3.92
N PRO H 82 -41.65 14.67 -5.03
CA PRO H 82 -40.89 14.76 -6.29
C PRO H 82 -40.53 16.18 -6.66
N GLU H 83 -41.37 17.16 -6.33
CA GLU H 83 -41.15 18.53 -6.76
C GLU H 83 -39.86 19.11 -6.17
N ILE H 84 -39.47 18.65 -4.98
CA ILE H 84 -38.28 19.14 -4.31
C ILE H 84 -37.10 18.18 -4.41
N ALA H 85 -37.26 17.07 -5.14
CA ALA H 85 -36.23 16.03 -5.12
C ALA H 85 -34.90 16.54 -5.66
N LEU H 86 -34.92 17.27 -6.78
CA LEU H 86 -33.67 17.74 -7.37
C LEU H 86 -32.97 18.75 -6.47
N GLU H 87 -33.73 19.69 -5.91
CA GLU H 87 -33.14 20.71 -5.06
C GLU H 87 -32.62 20.12 -3.76
N LEU H 88 -33.38 19.20 -3.16
CA LEU H 88 -32.93 18.51 -1.95
C LEU H 88 -31.63 17.76 -2.19
N LEU H 89 -31.49 17.12 -3.36
CA LEU H 89 -30.28 16.37 -3.66
C LEU H 89 -29.06 17.27 -3.59
N MET H 90 -29.13 18.46 -4.18
CA MET H 90 -27.97 19.34 -4.19
C MET H 90 -27.67 19.87 -2.80
N ALA H 91 -28.71 20.22 -2.03
CA ALA H 91 -28.47 20.63 -0.64
C ALA H 91 -27.81 19.51 0.15
N ALA H 92 -28.36 18.29 0.06
CA ALA H 92 -27.78 17.17 0.80
C ALA H 92 -26.35 16.92 0.36
N ASN H 93 -26.09 17.07 -0.94
CA ASN H 93 -24.74 16.88 -1.46
C ASN H 93 -23.77 17.93 -0.93
N PHE H 94 -24.22 19.19 -0.79
CA PHE H 94 -23.35 20.24 -0.30
C PHE H 94 -23.10 20.10 1.20
N LEU H 95 -24.11 19.68 1.96
CA LEU H 95 -23.99 19.56 3.41
C LEU H 95 -23.38 18.25 3.88
N ASP H 96 -23.25 17.25 2.99
CA ASP H 96 -22.68 15.95 3.32
C ASP H 96 -23.37 15.31 4.53
N CYS H 97 -24.70 15.20 4.45
CA CYS H 97 -25.41 14.41 5.46
C CYS H 97 -26.35 13.40 4.80
N VAL I 11 -14.31 -15.31 -0.30
CA VAL I 11 -14.06 -14.80 1.04
C VAL I 11 -15.37 -14.77 1.85
N LEU I 12 -16.31 -13.89 1.47
CA LEU I 12 -17.64 -13.91 2.07
C LEU I 12 -18.44 -14.98 1.35
N ARG I 13 -18.80 -16.05 2.07
CA ARG I 13 -19.48 -17.19 1.47
C ARG I 13 -20.20 -17.96 2.56
N SER I 14 -21.16 -18.77 2.15
CA SER I 14 -21.80 -19.69 3.08
C SER I 14 -20.87 -20.87 3.32
N VAL I 15 -20.88 -21.36 4.53
CA VAL I 15 -20.15 -22.57 4.86
C VAL I 15 -21.13 -23.73 4.67
N ASN I 16 -20.70 -24.80 4.04
CA ASN I 16 -21.55 -25.98 3.82
C ASN I 16 -21.65 -26.79 5.09
N SER I 17 -22.42 -26.29 6.04
CA SER I 17 -22.50 -26.97 7.34
C SER I 17 -23.37 -28.21 7.28
N ARG I 18 -24.41 -28.20 6.45
CA ARG I 18 -25.35 -29.30 6.39
C ARG I 18 -26.12 -29.41 7.71
N GLU I 19 -26.18 -28.33 8.48
CA GLU I 19 -26.94 -28.32 9.72
C GLU I 19 -28.16 -27.43 9.53
N PRO I 20 -29.37 -27.99 9.50
CA PRO I 20 -30.53 -27.17 9.17
C PRO I 20 -30.74 -26.09 10.22
N SER I 21 -31.26 -24.96 9.76
CA SER I 21 -31.58 -23.85 10.65
C SER I 21 -32.76 -23.13 10.02
N GLN I 22 -33.86 -23.05 10.76
CA GLN I 22 -35.07 -22.43 10.25
C GLN I 22 -35.11 -20.97 10.69
N VAL I 23 -35.52 -20.12 9.76
CA VAL I 23 -35.44 -18.67 9.94
C VAL I 23 -36.80 -18.08 9.63
N ILE I 24 -37.13 -17.01 10.33
CA ILE I 24 -38.30 -16.21 10.01
C ILE I 24 -37.82 -14.94 9.31
N PHE I 25 -38.19 -14.80 8.06
CA PHE I 25 -37.87 -13.59 7.32
C PHE I 25 -38.99 -12.60 7.55
N CAS I 26 -38.74 -11.59 8.37
CA CAS I 26 -39.74 -10.59 8.70
CB CAS I 26 -39.81 -10.35 10.19
C CAS I 26 -39.44 -9.29 8.00
O CAS I 26 -38.52 -8.55 8.41
SG CAS I 26 -41.06 -9.15 10.52
AS CAS I 26 -42.90 -10.42 10.53
CE1 CAS I 26 -44.42 -9.49 9.66
CE2 CAS I 26 -43.36 -10.81 12.42
N ASN I 27 -40.19 -8.98 6.94
CA ASN I 27 -39.99 -7.74 6.21
C ASN I 27 -40.71 -6.53 6.86
N ARG I 28 -40.07 -5.85 7.81
CA ARG I 28 -40.63 -4.63 8.39
C ARG I 28 -40.15 -3.38 7.66
N SER I 29 -40.42 -3.36 6.37
CA SER I 29 -40.06 -2.25 5.53
C SER I 29 -41.16 -2.09 4.51
N PRO I 30 -41.32 -0.89 3.94
CA PRO I 30 -42.31 -0.70 2.88
C PRO I 30 -41.82 -1.14 1.51
N ARG I 31 -40.66 -1.80 1.43
CA ARG I 31 -40.12 -2.25 0.16
C ARG I 31 -40.45 -3.71 -0.06
N VAL I 32 -40.56 -4.08 -1.34
CA VAL I 32 -40.55 -5.49 -1.73
C VAL I 32 -39.10 -5.97 -1.60
N VAL I 33 -38.87 -6.97 -0.76
CA VAL I 33 -37.53 -7.36 -0.37
C VAL I 33 -37.08 -8.53 -1.24
N LEU I 34 -35.85 -8.46 -1.72
CA LEU I 34 -35.23 -9.58 -2.42
C LEU I 34 -34.21 -10.22 -1.49
N PRO I 35 -34.48 -11.47 -1.06
CA PRO I 35 -33.47 -12.14 -0.23
C PRO I 35 -32.36 -12.71 -1.11
N VAL I 36 -31.10 -12.49 -0.73
CA VAL I 36 -29.98 -12.92 -1.54
C VAL I 36 -29.10 -13.82 -0.68
N TRP I 37 -28.96 -15.07 -1.10
CA TRP I 37 -28.11 -16.00 -0.38
C TRP I 37 -26.79 -16.16 -1.10
N LEU I 38 -25.70 -15.98 -0.38
CA LEU I 38 -24.38 -16.15 -0.93
C LEU I 38 -24.04 -17.63 -0.89
N ASN I 39 -23.78 -18.22 -2.06
CA ASN I 39 -23.55 -19.67 -2.10
C ASN I 39 -22.12 -19.98 -1.64
N PHE I 40 -21.75 -21.24 -1.73
CA PHE I 40 -20.43 -21.66 -1.22
C PHE I 40 -19.26 -21.09 -1.98
N ASP I 41 -19.48 -20.65 -3.21
CA ASP I 41 -18.44 -19.94 -3.95
C ASP I 41 -18.48 -18.44 -3.72
N GLY I 42 -19.40 -17.94 -2.89
CA GLY I 42 -19.53 -16.52 -2.69
C GLY I 42 -20.39 -15.80 -3.69
N GLU I 43 -21.06 -16.53 -4.58
CA GLU I 43 -21.93 -15.91 -5.58
C GLU I 43 -23.28 -15.53 -4.96
N PRO I 44 -23.77 -14.32 -5.23
CA PRO I 44 -25.11 -13.97 -4.76
C PRO I 44 -26.17 -14.75 -5.55
N GLN I 45 -27.13 -15.30 -4.82
CA GLN I 45 -28.19 -16.05 -5.44
C GLN I 45 -29.54 -15.53 -4.96
N PRO I 46 -30.35 -15.04 -5.90
CA PRO I 46 -31.64 -14.47 -5.50
C PRO I 46 -32.66 -15.53 -5.15
N TYR I 47 -33.54 -15.19 -4.24
CA TYR I 47 -34.57 -16.11 -3.80
C TYR I 47 -35.93 -15.44 -3.94
N PRO I 48 -37.01 -16.17 -3.65
CA PRO I 48 -38.35 -15.60 -3.78
C PRO I 48 -38.53 -14.30 -3.00
N THR I 49 -39.28 -13.35 -3.55
CA THR I 49 -39.44 -12.05 -2.91
C THR I 49 -40.47 -12.00 -1.78
N LEU I 50 -40.34 -11.00 -0.92
CA LEU I 50 -41.29 -10.84 0.16
C LEU I 50 -41.99 -9.50 0.05
N PRO I 51 -43.32 -9.51 -0.04
CA PRO I 51 -44.07 -8.24 -0.10
C PRO I 51 -43.87 -7.45 1.19
N PRO I 52 -44.10 -6.14 1.16
CA PRO I 52 -43.90 -5.32 2.36
C PRO I 52 -44.77 -5.81 3.52
N GLY I 53 -44.18 -5.80 4.71
CA GLY I 53 -44.88 -6.17 5.93
C GLY I 53 -45.21 -7.63 6.08
N THR I 54 -44.56 -8.51 5.35
CA THR I 54 -44.85 -9.93 5.40
C THR I 54 -43.72 -10.70 6.06
N GLY I 55 -44.07 -11.80 6.70
CA GLY I 55 -43.10 -12.67 7.34
C GLY I 55 -43.28 -14.10 6.89
N ARG I 56 -42.16 -14.80 6.74
CA ARG I 56 -42.19 -16.18 6.32
C ARG I 56 -41.14 -17.04 7.00
N ARG I 57 -41.51 -18.23 7.44
CA ARG I 57 -40.60 -19.20 8.02
C ARG I 57 -39.96 -20.00 6.89
N ILE I 58 -38.65 -19.90 6.79
CA ILE I 58 -37.95 -20.55 5.72
C ILE I 58 -36.92 -21.53 6.25
N HIS I 59 -36.33 -22.32 5.38
CA HIS I 59 -35.35 -23.32 5.78
C HIS I 59 -33.96 -23.03 5.22
N SER I 60 -32.99 -22.80 6.11
CA SER I 60 -31.62 -22.57 5.68
C SER I 60 -30.70 -23.42 6.53
N TYR I 61 -29.44 -23.03 6.61
CA TYR I 61 -28.48 -23.80 7.37
C TYR I 61 -27.55 -22.94 8.19
N ARG I 62 -27.04 -23.49 9.27
CA ARG I 62 -26.10 -22.77 10.12
C ARG I 62 -24.84 -22.42 9.32
N GLY I 63 -24.40 -21.17 9.45
CA GLY I 63 -23.23 -20.69 8.73
C GLY I 63 -23.48 -20.17 7.33
N HIS I 64 -24.73 -20.07 6.92
CA HIS I 64 -25.03 -19.51 5.62
C HIS I 64 -25.12 -17.99 5.70
N LEU I 65 -24.87 -17.31 4.59
CA LEU I 65 -24.85 -15.85 4.55
C LEU I 65 -26.03 -15.33 3.74
N TRP I 66 -26.68 -14.32 4.30
CA TRP I 66 -27.81 -13.72 3.63
C TRP I 66 -27.78 -12.20 3.67
N LEU I 67 -28.17 -11.55 2.59
CA LEU I 67 -28.31 -10.11 2.56
C LEU I 67 -29.67 -9.82 1.93
N PHE I 68 -30.11 -8.57 2.07
CA PHE I 68 -31.48 -8.24 1.69
C PHE I 68 -31.51 -6.91 0.95
N ARG I 69 -32.27 -6.89 -0.15
CA ARG I 69 -32.27 -5.78 -1.09
C ARG I 69 -33.69 -5.44 -1.48
N ASP I 70 -33.87 -4.19 -1.92
CA ASP I 70 -35.11 -3.82 -2.59
C ASP I 70 -35.20 -4.59 -3.91
N ALA I 71 -36.33 -5.27 -4.12
CA ALA I 71 -36.44 -6.15 -5.28
C ALA I 71 -36.47 -5.38 -6.59
N GLY I 72 -36.97 -4.14 -6.57
CA GLY I 72 -37.13 -3.37 -7.79
C GLY I 72 -35.93 -2.49 -8.10
N THR I 73 -35.30 -1.94 -7.07
CA THR I 73 -34.24 -0.96 -7.26
C THR I 73 -32.87 -1.43 -6.80
N HIS I 74 -32.78 -2.52 -6.03
CA HIS I 74 -31.56 -3.07 -5.45
C HIS I 74 -30.98 -2.20 -4.33
N ASP I 75 -31.75 -1.24 -3.82
CA ASP I 75 -31.34 -0.52 -2.63
C ASP I 75 -31.02 -1.50 -1.50
N GLY I 76 -29.94 -1.26 -0.78
CA GLY I 76 -29.58 -2.13 0.31
C GLY I 76 -30.51 -1.96 1.49
N LEU I 77 -30.76 -3.06 2.20
CA LEU I 77 -31.58 -3.06 3.39
C LEU I 77 -30.80 -3.70 4.53
N LEU I 78 -31.29 -3.52 5.75
CA LEU I 78 -30.68 -4.05 6.95
C LEU I 78 -31.45 -5.26 7.45
N VAL I 79 -30.73 -6.18 8.10
CA VAL I 79 -31.32 -7.33 8.76
C VAL I 79 -30.74 -7.41 10.16
N ASN I 80 -31.61 -7.38 11.16
CA ASN I 80 -31.20 -7.27 12.57
C ASN I 80 -30.17 -6.14 12.74
N GLN I 81 -30.46 -5.01 12.10
CA GLN I 81 -29.68 -3.77 12.18
C GLN I 81 -28.30 -3.88 11.55
N THR I 82 -28.05 -4.85 10.68
CA THR I 82 -26.73 -4.96 10.03
C THR I 82 -26.89 -5.42 8.58
N GLU I 83 -25.76 -5.56 7.88
CA GLU I 83 -25.79 -5.82 6.44
C GLU I 83 -26.02 -7.30 6.11
N LEU I 84 -25.47 -8.20 6.89
CA LEU I 84 -25.50 -9.63 6.58
C LEU I 84 -26.15 -10.39 7.73
N PHE I 85 -26.84 -11.48 7.36
CA PHE I 85 -27.49 -12.35 8.32
C PHE I 85 -26.95 -13.77 8.18
N VAL I 86 -26.60 -14.38 9.31
CA VAL I 86 -26.12 -15.76 9.37
C VAL I 86 -27.06 -16.55 10.28
N PRO I 87 -27.78 -17.55 9.78
CA PRO I 87 -28.62 -18.34 10.67
C PRO I 87 -27.77 -19.05 11.70
N SER I 88 -28.30 -19.17 12.89
CA SER I 88 -27.61 -19.83 14.00
C SER I 88 -28.46 -21.00 14.47
N LEU I 89 -28.06 -21.56 15.60
CA LEU I 89 -28.73 -22.72 16.15
C LEU I 89 -30.14 -22.36 16.61
N ASN I 90 -31.11 -23.20 16.23
CA ASN I 90 -32.49 -23.07 16.69
C ASN I 90 -32.62 -23.72 18.07
N VAL I 91 -32.47 -22.92 19.12
CA VAL I 91 -32.66 -23.45 20.47
C VAL I 91 -34.13 -23.79 20.68
N ASP I 92 -34.39 -24.98 21.22
CA ASP I 92 -35.75 -25.44 21.54
C ASP I 92 -36.65 -25.44 20.30
N GLY I 93 -36.06 -25.63 19.13
CA GLY I 93 -36.80 -25.63 17.88
C GLY I 93 -37.33 -24.28 17.45
N GLN I 94 -37.13 -23.22 18.24
CA GLN I 94 -37.60 -21.90 17.85
C GLN I 94 -36.76 -21.39 16.69
N PRO I 95 -37.38 -20.92 15.61
CA PRO I 95 -36.59 -20.38 14.49
C PRO I 95 -35.91 -19.06 14.82
N ILE I 96 -34.80 -18.81 14.13
CA ILE I 96 -34.08 -17.55 14.26
C ILE I 96 -34.89 -16.43 13.62
N PHE I 97 -34.90 -15.25 14.22
CA PHE I 97 -35.69 -14.14 13.71
C PHE I 97 -34.79 -13.19 12.92
N ALA I 98 -35.14 -12.96 11.65
CA ALA I 98 -34.43 -12.01 10.79
C ALA I 98 -35.35 -10.83 10.50
N ASN I 99 -35.04 -9.69 11.11
CA ASN I 99 -35.89 -8.51 11.02
C ASN I 99 -35.33 -7.60 9.93
N ILE I 100 -35.98 -7.61 8.77
CA ILE I 100 -35.50 -6.87 7.62
C ILE I 100 -36.10 -5.48 7.67
N THR I 101 -35.25 -4.47 7.85
CA THR I 101 -35.70 -3.09 7.99
C THR I 101 -34.98 -2.20 7.00
N LEU I 102 -35.59 -1.03 6.77
CA LEU I 102 -34.90 0.02 6.05
C LEU I 102 -33.72 0.49 6.89
N PRO I 103 -32.59 0.80 6.27
CA PRO I 103 -31.54 1.53 6.98
C PRO I 103 -31.95 3.00 7.05
N VAL I 104 -31.21 3.76 7.84
CA VAL I 104 -31.31 5.22 7.81
C VAL I 104 -30.37 5.65 6.70
N TYR I 105 -30.90 5.87 5.50
CA TYR I 105 -30.06 6.32 4.41
C TYR I 105 -29.54 7.73 4.69
N THR I 106 -28.42 8.06 4.08
CA THR I 106 -28.02 9.46 4.01
C THR I 106 -29.07 10.21 3.21
N LEU I 107 -29.23 11.51 3.49
CA LEU I 107 -30.18 12.30 2.72
C LEU I 107 -29.83 12.29 1.24
N LYS I 108 -28.53 12.28 0.91
CA LYS I 108 -28.12 12.24 -0.49
C LYS I 108 -28.57 10.95 -1.18
N GLU I 109 -28.27 9.80 -0.57
CA GLU I 109 -28.71 8.53 -1.16
C GLU I 109 -30.23 8.45 -1.24
N ARG I 110 -30.92 8.91 -0.20
CA ARG I 110 -32.37 8.94 -0.24
C ARG I 110 -32.87 9.82 -1.40
N CYS I 111 -32.21 10.96 -1.63
CA CYS I 111 -32.57 11.81 -2.76
C CYS I 111 -32.24 11.13 -4.09
N LEU I 112 -31.09 10.45 -4.17
CA LEU I 112 -30.76 9.71 -5.39
C LEU I 112 -31.82 8.66 -5.71
N GLN I 113 -32.36 8.00 -4.68
CA GLN I 113 -33.37 6.97 -4.91
C GLN I 113 -34.62 7.56 -5.55
N VAL I 114 -35.16 8.64 -4.97
CA VAL I 114 -36.36 9.28 -5.49
C VAL I 114 -36.15 9.71 -6.94
N VAL I 115 -34.99 10.31 -7.23
CA VAL I 115 -34.72 10.78 -8.58
C VAL I 115 -34.63 9.61 -9.56
N ARG I 116 -33.93 8.53 -9.17
CA ARG I 116 -33.85 7.37 -10.06
C ARG I 116 -35.23 6.81 -10.37
N SER I 117 -36.13 6.80 -9.39
CA SER I 117 -37.46 6.26 -9.61
C SER I 117 -38.31 7.16 -10.51
N LEU I 118 -37.87 8.38 -10.78
CA LEU I 118 -38.67 9.32 -11.55
C LEU I 118 -38.09 9.62 -12.92
N VAL I 119 -36.82 9.34 -13.16
CA VAL I 119 -36.14 9.69 -14.40
C VAL I 119 -35.47 8.43 -14.94
N LYS I 120 -35.70 8.14 -16.21
CA LYS I 120 -35.05 6.99 -16.81
C LYS I 120 -33.57 7.28 -16.90
N PRO I 121 -32.76 6.23 -16.73
CA PRO I 121 -31.32 6.45 -16.72
C PRO I 121 -30.85 7.16 -17.99
N GLU I 122 -31.61 7.04 -19.06
CA GLU I 122 -31.26 7.70 -20.33
C GLU I 122 -31.34 9.23 -20.27
N ASN I 123 -32.26 9.76 -19.48
CA ASN I 123 -32.43 11.21 -19.39
C ASN I 123 -31.62 11.84 -18.27
N TYR I 124 -30.69 11.09 -17.70
CA TYR I 124 -29.94 11.61 -16.56
C TYR I 124 -29.07 12.78 -16.96
N ARG I 125 -28.17 12.56 -17.92
CA ARG I 125 -27.29 13.63 -18.34
C ARG I 125 -28.03 14.88 -18.80
N ARG I 126 -29.36 14.85 -18.83
CA ARG I 126 -30.16 16.00 -19.18
C ARG I 126 -30.66 16.75 -17.95
N LEU I 127 -30.25 16.31 -16.76
CA LEU I 127 -30.60 16.98 -15.51
C LEU I 127 -29.61 18.10 -15.20
N ASP I 128 -30.14 19.21 -14.68
CA ASP I 128 -29.34 20.40 -14.38
C ASP I 128 -28.72 20.28 -12.99
N ILE I 129 -27.60 19.57 -12.93
CA ILE I 129 -26.85 19.33 -11.71
C ILE I 129 -25.38 19.16 -12.04
N VAL I 130 -24.54 19.22 -11.00
CA VAL I 130 -23.11 19.08 -11.16
C VAL I 130 -22.81 17.71 -11.77
N ARG I 131 -21.70 17.64 -12.52
CA ARG I 131 -21.37 16.40 -13.21
C ARG I 131 -21.22 15.25 -12.23
N SER I 132 -20.73 15.52 -11.02
CA SER I 132 -20.60 14.46 -10.02
C SER I 132 -21.94 13.83 -9.71
N LEU I 133 -23.02 14.63 -9.72
CA LEU I 133 -24.36 14.09 -9.47
C LEU I 133 -24.87 13.27 -10.65
N TYR I 134 -24.42 13.57 -11.87
CA TYR I 134 -24.77 12.72 -13.00
C TYR I 134 -24.20 11.32 -12.81
N GLU I 135 -22.92 11.23 -12.45
CA GLU I 135 -22.32 9.93 -12.17
C GLU I 135 -22.89 9.29 -10.91
N ASP I 136 -23.30 10.10 -9.93
CA ASP I 136 -23.88 9.54 -8.71
C ASP I 136 -25.20 8.82 -9.02
N LEU I 137 -26.05 9.43 -9.85
CA LEU I 137 -27.32 8.80 -10.22
C LEU I 137 -27.10 7.52 -11.03
N GLU I 138 -26.14 7.54 -11.95
CA GLU I 138 -25.94 6.41 -12.84
C GLU I 138 -25.31 5.22 -12.12
N ASP I 139 -24.71 5.45 -10.96
CA ASP I 139 -24.03 4.39 -10.22
C ASP I 139 -25.05 3.67 -9.35
N HIS I 140 -25.91 2.89 -9.99
CA HIS I 140 -27.01 2.21 -9.32
C HIS I 140 -26.52 1.22 -8.27
N PRO I 141 -27.29 1.02 -7.19
CA PRO I 141 -26.91 0.01 -6.19
C PRO I 141 -26.66 -1.32 -6.87
N ASN I 142 -25.57 -1.97 -6.46
CA ASN I 142 -25.08 -3.18 -7.12
C ASN I 142 -24.58 -4.14 -6.04
N VAL I 143 -25.13 -5.35 -6.00
CA VAL I 143 -24.79 -6.27 -4.92
C VAL I 143 -23.31 -6.66 -4.98
N GLN I 144 -22.82 -6.99 -6.18
CA GLN I 144 -21.41 -7.37 -6.29
C GLN I 144 -20.50 -6.24 -5.83
N LYS I 145 -20.81 -5.00 -6.23
CA LYS I 145 -19.98 -3.88 -5.82
C LYS I 145 -19.97 -3.71 -4.30
N ASP I 146 -21.15 -3.78 -3.68
CA ASP I 146 -21.22 -3.63 -2.23
C ASP I 146 -20.47 -4.74 -1.51
N LEU I 147 -20.50 -5.97 -2.04
CA LEU I 147 -19.75 -7.05 -1.42
C LEU I 147 -18.24 -6.79 -1.51
N GLU I 148 -17.77 -6.26 -2.64
CA GLU I 148 -16.36 -5.92 -2.77
C GLU I 148 -15.97 -4.81 -1.81
N ARG I 149 -16.86 -3.84 -1.61
CA ARG I 149 -16.60 -2.75 -0.67
C ARG I 149 -16.51 -3.28 0.75
N LEU I 150 -17.46 -4.14 1.15
CA LEU I 150 -17.38 -4.72 2.49
C LEU I 150 -16.12 -5.57 2.65
N THR I 151 -15.80 -6.38 1.64
CA THR I 151 -14.62 -7.24 1.74
C THR I 151 -13.34 -6.43 1.80
N GLN I 152 -13.30 -5.27 1.16
CA GLN I 152 -12.12 -4.40 1.21
C GLN I 152 -11.94 -3.79 2.60
N MET J 1 31.51 8.16 -9.96
CA MET J 1 31.96 8.56 -8.65
C MET J 1 32.91 9.74 -8.73
N ASP J 2 32.51 10.85 -8.12
CA ASP J 2 33.32 12.07 -8.10
C ASP J 2 34.37 11.99 -7.00
N VAL J 3 35.59 12.41 -7.33
CA VAL J 3 36.66 12.53 -6.34
C VAL J 3 37.10 13.99 -6.30
N PHE J 4 37.54 14.44 -5.13
CA PHE J 4 37.85 15.85 -4.92
C PHE J 4 39.30 16.01 -4.49
N LEU J 5 40.01 16.91 -5.18
CA LEU J 5 41.47 16.92 -5.13
C LEU J 5 42.00 18.32 -4.90
N MET J 6 43.17 18.38 -4.24
CA MET J 6 44.02 19.57 -4.19
C MET J 6 45.29 19.23 -4.95
N ILE J 7 45.51 19.87 -6.09
CA ILE J 7 46.73 19.72 -6.88
C ILE J 7 47.72 20.79 -6.44
N ARG J 8 48.87 20.38 -5.91
CA ARG J 8 49.74 21.30 -5.19
C ARG J 8 51.15 21.32 -5.76
N ARG J 9 51.66 22.53 -5.98
CA ARG J 9 53.06 22.74 -6.37
C ARG J 9 53.52 24.06 -5.77
N HIS J 10 54.59 24.02 -4.98
CA HIS J 10 55.18 25.21 -4.33
C HIS J 10 54.08 25.88 -3.51
N LYS J 11 53.73 27.12 -3.80
CA LYS J 11 52.65 27.82 -3.10
C LYS J 11 51.39 27.91 -3.95
N THR J 12 51.23 27.00 -4.90
CA THR J 12 50.05 26.88 -5.74
C THR J 12 49.23 25.67 -5.31
N THR J 13 47.92 25.85 -5.21
CA THR J 13 47.00 24.79 -4.86
C THR J 13 45.77 24.92 -5.74
N ILE J 14 45.44 23.87 -6.48
CA ILE J 14 44.28 23.86 -7.35
C ILE J 14 43.25 22.93 -6.73
N PHE J 15 42.07 23.47 -6.45
CA PHE J 15 40.95 22.66 -6.01
C PHE J 15 40.17 22.26 -7.24
N THR J 16 40.02 20.96 -7.46
CA THR J 16 39.27 20.48 -8.60
C THR J 16 38.69 19.13 -8.28
N ASP J 17 37.76 18.69 -9.12
CA ASP J 17 37.16 17.38 -9.00
C ASP J 17 37.34 16.66 -10.32
N ALA J 18 37.22 15.35 -10.27
CA ALA J 18 37.26 14.52 -11.47
C ALA J 18 36.54 13.24 -11.12
N LYS J 19 36.57 12.27 -12.02
CA LYS J 19 35.87 11.04 -11.77
C LYS J 19 36.90 10.01 -11.33
N GLU J 20 36.43 9.05 -10.55
CA GLU J 20 37.29 7.95 -10.14
C GLU J 20 37.79 7.18 -11.36
N SER J 21 36.94 7.09 -12.40
CA SER J 21 37.30 6.42 -13.64
C SER J 21 38.27 7.23 -14.49
N SER J 22 38.33 8.55 -14.33
CA SER J 22 39.21 9.36 -15.15
C SER J 22 40.67 8.99 -14.86
N THR J 23 41.53 9.25 -15.84
CA THR J 23 42.93 8.87 -15.79
C THR J 23 43.79 10.02 -15.30
N VAL J 24 45.03 9.68 -14.95
CA VAL J 24 46.00 10.67 -14.50
C VAL J 24 46.31 11.67 -15.61
N PHE J 25 46.42 11.21 -16.86
CA PHE J 25 46.70 12.11 -17.96
C PHE J 25 45.59 13.13 -18.13
N GLU J 26 44.33 12.69 -18.00
CA GLU J 26 43.22 13.63 -18.06
C GLU J 26 43.31 14.65 -16.94
N LEU J 27 43.86 14.26 -15.77
CA LEU J 27 44.13 15.23 -14.72
C LEU J 27 45.21 16.22 -15.12
N LYS J 28 46.19 15.78 -15.92
CA LYS J 28 47.18 16.72 -16.45
C LYS J 28 46.55 17.70 -17.43
N ARG J 29 45.51 17.26 -18.14
CA ARG J 29 44.79 18.16 -19.04
C ARG J 29 44.08 19.27 -18.25
N ILE J 30 43.52 18.94 -17.09
CA ILE J 30 42.89 19.98 -16.27
C ILE J 30 43.94 20.97 -15.78
N VAL J 31 45.09 20.45 -15.32
CA VAL J 31 46.16 21.34 -14.86
C VAL J 31 46.61 22.24 -15.99
N GLU J 32 46.58 21.72 -17.20
CA GLU J 32 47.02 22.51 -18.34
C GLU J 32 46.13 23.71 -18.55
N GLY J 33 44.83 23.50 -18.53
CA GLY J 33 43.91 24.60 -18.76
C GLY J 33 44.09 25.74 -17.78
N ILE J 34 44.44 25.41 -16.53
CA ILE J 34 44.58 26.43 -15.50
C ILE J 34 45.95 27.11 -15.57
N LEU J 35 47.00 26.32 -15.62
CA LEU J 35 48.36 26.88 -15.61
C LEU J 35 49.07 26.91 -16.96
N LYS J 36 48.35 26.64 -18.05
CA LYS J 36 48.93 26.72 -19.39
C LYS J 36 50.26 26.00 -19.54
N ARG J 37 50.38 24.83 -18.94
CA ARG J 37 51.59 24.04 -19.09
C ARG J 37 51.21 22.68 -19.61
N PRO J 38 51.85 22.25 -20.70
CA PRO J 38 51.52 20.97 -21.33
C PRO J 38 51.81 19.76 -20.45
N PRO J 39 51.02 18.70 -20.60
CA PRO J 39 51.22 17.49 -19.80
C PRO J 39 52.64 16.92 -19.94
N ASP J 40 53.24 17.03 -21.12
CA ASP J 40 54.58 16.50 -21.33
C ASP J 40 55.56 17.07 -20.33
N GLU J 41 55.33 18.31 -19.92
CA GLU J 41 56.18 18.93 -18.92
C GLU J 41 55.53 18.91 -17.55
N GLN J 42 54.62 17.96 -17.34
CA GLN J 42 54.00 17.82 -16.03
C GLN J 42 54.25 16.46 -15.43
N ARG J 43 54.47 16.43 -14.14
CA ARG J 43 54.63 15.16 -13.45
C ARG J 43 53.74 15.19 -12.21
N LEU J 44 52.85 14.21 -12.10
CA LEU J 44 51.92 14.19 -10.97
C LEU J 44 52.29 13.15 -9.94
N TYR J 45 51.99 13.44 -8.68
CA TYR J 45 52.41 12.56 -7.61
C TYR J 45 51.46 12.27 -6.48
N LYS J 46 51.47 11.04 -6.00
CA LYS J 46 50.73 10.72 -4.79
C LYS J 46 51.79 10.49 -3.73
N ASP J 47 51.87 11.41 -2.76
CA ASP J 47 52.99 11.46 -1.84
C ASP J 47 54.29 11.53 -2.64
N ASP J 48 55.14 10.52 -2.51
CA ASP J 48 56.40 10.54 -3.23
C ASP J 48 56.33 9.70 -4.48
N GLN J 49 55.18 9.11 -4.75
CA GLN J 49 55.07 8.20 -5.87
C GLN J 49 54.61 8.84 -7.16
N LEU J 50 55.37 8.65 -8.22
CA LEU J 50 54.99 9.16 -9.51
C LEU J 50 53.80 8.37 -10.01
N LEU J 51 52.89 9.05 -10.69
CA LEU J 51 51.70 8.39 -11.17
C LEU J 51 51.75 8.24 -12.68
N ASP J 52 51.32 7.10 -13.18
CA ASP J 52 51.37 6.84 -14.62
C ASP J 52 50.19 7.44 -15.36
N ASP J 53 50.47 8.08 -16.48
CA ASP J 53 49.41 8.77 -17.22
C ASP J 53 48.22 7.86 -17.48
N GLY J 54 48.44 6.56 -17.68
CA GLY J 54 47.37 5.64 -18.03
C GLY J 54 46.50 5.18 -16.89
N LYS J 55 46.94 5.33 -15.64
CA LYS J 55 46.22 4.79 -14.49
C LYS J 55 45.03 5.67 -14.11
N THR J 56 43.94 5.03 -13.66
CA THR J 56 42.78 5.78 -13.20
C THR J 56 43.03 6.30 -11.80
N LEU J 57 42.32 7.37 -11.44
CA LEU J 57 42.48 7.97 -10.13
C LEU J 57 42.10 6.99 -9.03
N GLY J 58 41.09 6.15 -9.26
CA GLY J 58 40.76 5.13 -8.28
C GLY J 58 41.89 4.14 -8.06
N GLU J 59 42.54 3.70 -9.14
CA GLU J 59 43.66 2.79 -9.03
C GLU J 59 44.82 3.46 -8.31
N CAS J 60 44.89 4.78 -8.37
CA CAS J 60 45.98 5.49 -7.72
CB CAS J 60 46.35 6.69 -8.59
C CAS J 60 45.59 5.85 -6.32
O CAS J 60 46.29 6.67 -5.69
SG CAS J 60 47.02 6.14 -10.11
AS CAS J 60 48.79 4.95 -9.43
CE1 CAS J 60 48.31 3.01 -9.43
CE2 CAS J 60 50.32 5.22 -10.66
N GLY J 61 44.49 5.30 -5.80
CA GLY J 61 44.13 5.50 -4.42
C GLY J 61 43.15 6.63 -4.13
N PHE J 62 42.70 7.33 -5.18
CA PHE J 62 41.76 8.44 -5.00
C PHE J 62 40.35 7.91 -5.19
N THR J 63 39.65 7.71 -4.08
CA THR J 63 38.31 7.15 -4.06
C THR J 63 37.33 8.15 -3.48
N SER J 64 36.04 7.91 -3.73
CA SER J 64 35.00 8.84 -3.32
C SER J 64 35.06 9.11 -1.82
N GLN J 65 35.57 8.18 -1.03
CA GLN J 65 35.56 8.33 0.41
C GLN J 65 36.92 8.74 0.99
N THR J 66 37.99 8.74 0.21
CA THR J 66 39.24 9.34 0.66
C THR J 66 39.47 10.73 0.08
N ALA J 67 38.90 11.02 -1.08
CA ALA J 67 39.02 12.32 -1.73
C ALA J 67 37.66 12.98 -1.63
N ARG J 68 37.39 13.62 -0.48
CA ARG J 68 36.08 14.16 -0.14
C ARG J 68 36.03 15.67 -0.32
N PRO J 69 34.85 16.22 -0.62
CA PRO J 69 34.76 17.67 -0.84
C PRO J 69 35.24 18.47 0.36
N GLN J 70 34.83 18.08 1.57
CA GLN J 70 35.27 18.76 2.77
C GLN J 70 36.67 18.34 3.20
N ALA J 71 37.30 17.39 2.50
CA ALA J 71 38.65 16.95 2.83
C ALA J 71 39.30 16.32 1.60
N PRO J 72 39.74 17.12 0.63
CA PRO J 72 40.23 16.54 -0.61
C PRO J 72 41.62 15.94 -0.46
N ALA J 73 41.88 14.95 -1.31
CA ALA J 73 43.19 14.33 -1.37
C ALA J 73 44.18 15.21 -2.11
N THR J 74 45.43 15.18 -1.67
CA THR J 74 46.47 16.02 -2.25
C THR J 74 47.19 15.27 -3.37
N VAL J 75 47.31 15.91 -4.53
CA VAL J 75 48.09 15.42 -5.66
C VAL J 75 49.23 16.39 -5.90
N GLY J 76 50.47 15.87 -5.90
CA GLY J 76 51.62 16.73 -6.11
C GLY J 76 51.90 16.97 -7.58
N LEU J 77 52.39 18.17 -7.89
CA LEU J 77 52.66 18.57 -9.27
C LEU J 77 54.06 19.12 -9.36
N ALA J 78 54.80 18.67 -10.37
CA ALA J 78 56.16 19.15 -10.64
C ALA J 78 56.28 19.44 -12.12
N PHE J 79 56.82 20.60 -12.46
CA PHE J 79 56.95 21.00 -13.85
C PHE J 79 58.34 20.76 -14.37
N ARG J 80 58.49 20.72 -15.69
CA ARG J 80 59.79 20.51 -16.29
C ARG J 80 60.25 21.77 -16.99
N ALA J 81 61.43 22.23 -16.63
CA ALA J 81 61.96 23.40 -17.28
C ALA J 81 62.88 22.96 -18.41
N ASP J 82 62.49 23.22 -19.65
CA ASP J 82 63.30 22.85 -20.80
C ASP J 82 63.76 21.40 -20.71
N ASP J 83 64.96 21.17 -20.20
CA ASP J 83 65.56 19.84 -20.25
C ASP J 83 65.03 18.93 -19.14
N THR J 84 65.31 19.28 -17.88
CA THR J 84 65.04 18.41 -16.75
C THR J 84 63.72 18.77 -16.05
N PHE J 85 63.27 17.84 -15.21
CA PHE J 85 62.13 18.07 -14.31
C PHE J 85 62.64 18.53 -12.96
N GLU J 86 61.98 19.53 -12.40
CA GLU J 86 62.31 19.94 -11.04
C GLU J 86 61.95 18.84 -10.06
N ALA J 87 62.54 18.90 -8.87
CA ALA J 87 62.11 18.00 -7.81
C ALA J 87 60.75 18.45 -7.28
N LEU J 88 60.00 17.50 -6.74
CA LEU J 88 58.67 17.81 -6.19
C LEU J 88 58.82 18.64 -4.91
N CAS J 89 58.32 19.88 -4.95
CA CAS J 89 58.33 20.75 -3.78
CB CAS J 89 59.31 21.92 -3.97
C CAS J 89 56.94 21.27 -3.53
O CAS J 89 56.32 21.88 -4.42
SG CAS J 89 59.09 23.15 -2.72
AS CAS J 89 60.22 22.33 -0.97
CE1 CAS J 89 61.69 23.58 -0.46
CE2 CAS J 89 59.00 22.06 0.57
N ILE J 90 56.43 21.02 -2.33
CA ILE J 90 55.13 21.54 -1.93
C ILE J 90 55.34 22.39 -0.68
N GLU J 91 55.23 23.71 -0.82
CA GLU J 91 55.41 24.59 0.34
C GLU J 91 54.27 24.37 1.33
N PRO J 92 54.57 24.15 2.59
CA PRO J 92 53.50 23.90 3.57
C PRO J 92 52.67 25.15 3.85
N PHE J 93 51.47 24.92 4.35
CA PHE J 93 50.64 26.01 4.83
C PHE J 93 51.21 26.53 6.15
N SER J 94 50.73 27.71 6.55
CA SER J 94 51.18 28.36 7.78
C SER J 94 50.76 27.55 9.01
N SER J 95 51.38 27.89 10.14
CA SER J 95 50.97 27.12 11.31
C SER J 95 49.96 27.90 12.12
N PRO J 96 48.95 27.22 12.66
CA PRO J 96 47.97 27.88 13.52
C PRO J 96 48.62 28.26 14.84
N PRO J 97 48.07 29.23 15.57
CA PRO J 97 48.61 29.54 16.89
C PRO J 97 48.37 28.38 17.85
N GLU J 98 49.13 28.39 18.95
CA GLU J 98 48.90 27.41 20.02
C GLU J 98 47.50 27.60 20.58
N LEU J 99 46.87 26.48 20.97
CA LEU J 99 45.52 26.61 21.54
C LEU J 99 45.54 27.56 22.73
N PRO J 100 44.61 28.51 22.77
CA PRO J 100 44.44 29.35 23.95
C PRO J 100 44.10 28.50 25.16
N ASP J 101 44.29 29.09 26.34
CA ASP J 101 44.08 28.37 27.59
C ASP J 101 42.63 27.91 27.70
N VAL J 102 41.69 28.80 27.41
CA VAL J 102 40.27 28.53 27.53
C VAL J 102 39.79 27.42 26.61
N MET J 103 40.61 26.97 25.66
CA MET J 103 40.23 25.89 24.76
C MET J 103 40.95 24.58 25.06
N LYS J 104 42.03 24.61 25.83
CA LYS J 104 42.79 23.40 26.15
C LYS J 104 42.06 22.54 27.17
N MET K 2 35.96 28.18 -15.88
CA MET K 2 36.68 29.38 -15.45
C MET K 2 37.01 29.30 -13.97
N TYR K 3 38.27 29.56 -13.64
CA TYR K 3 38.74 29.53 -12.26
C TYR K 3 39.15 30.93 -11.82
N VAL K 4 39.23 31.10 -10.50
CA VAL K 4 39.71 32.33 -9.89
C VAL K 4 40.83 31.96 -8.93
N LYS K 5 41.67 32.94 -8.62
CA LYS K 5 42.81 32.75 -7.73
C LYS K 5 42.59 33.54 -6.44
N LEU K 6 42.78 32.86 -5.30
CA LEU K 6 42.65 33.46 -3.97
C LEU K 6 44.00 33.36 -3.28
N ILE K 7 44.59 34.51 -2.95
CA ILE K 7 45.91 34.56 -2.36
C ILE K 7 45.79 34.84 -0.87
N SER K 8 46.44 34.02 -0.06
CA SER K 8 46.42 34.14 1.37
C SER K 8 47.41 35.22 1.84
N SER K 9 47.38 35.51 3.14
CA SER K 9 48.26 36.53 3.69
C SER K 9 49.73 36.16 3.53
N ASP K 10 50.04 34.86 3.57
CA ASP K 10 51.40 34.38 3.41
C ASP K 10 51.71 33.97 1.97
N GLY K 11 50.95 34.43 0.98
CA GLY K 11 51.36 34.24 -0.39
C GLY K 11 50.99 32.93 -1.02
N HIS K 12 50.27 32.06 -0.32
CA HIS K 12 49.76 30.85 -0.95
C HIS K 12 48.65 31.20 -1.92
N GLU K 13 48.67 30.57 -3.09
CA GLU K 13 47.70 30.86 -4.15
C GLU K 13 46.78 29.66 -4.33
N PHE K 14 45.49 29.87 -4.09
CA PHE K 14 44.46 28.85 -4.22
C PHE K 14 43.63 29.11 -5.46
N ILE K 15 43.48 28.10 -6.30
CA ILE K 15 42.77 28.22 -7.57
C ILE K 15 41.50 27.38 -7.46
N VAL K 16 40.35 28.03 -7.47
CA VAL K 16 39.06 27.38 -7.27
C VAL K 16 38.14 27.79 -8.40
N LYS K 17 37.17 26.94 -8.70
CA LYS K 17 36.19 27.29 -9.71
C LYS K 17 35.48 28.57 -9.32
N ARG K 18 35.35 29.48 -10.30
CA ARG K 18 34.78 30.79 -10.01
C ARG K 18 33.44 30.66 -9.32
N GLU K 19 32.56 29.85 -9.88
CA GLU K 19 31.23 29.68 -9.29
C GLU K 19 31.31 29.13 -7.86
N HIS K 20 32.30 28.30 -7.54
CA HIS K 20 32.45 27.87 -6.16
C HIS K 20 32.79 29.06 -5.26
N ALA K 21 33.69 29.93 -5.73
CA ALA K 21 34.12 31.08 -4.92
C ALA K 21 33.01 32.10 -4.75
N LEU K 22 32.10 32.17 -5.72
CA LEU K 22 30.99 33.12 -5.64
C LEU K 22 29.95 32.71 -4.59
N THR K 23 30.16 31.58 -3.92
CA THR K 23 29.43 31.27 -2.69
C THR K 23 29.48 32.44 -1.71
N SER K 24 30.63 33.09 -1.61
CA SER K 24 30.83 34.24 -0.74
C SER K 24 30.45 35.52 -1.48
N GLY K 25 29.42 36.22 -0.97
CA GLY K 25 29.11 37.54 -1.51
C GLY K 25 30.22 38.55 -1.31
N THR K 26 30.97 38.42 -0.21
CA THR K 26 32.18 39.23 -0.04
C THR K 26 33.13 39.02 -1.21
N ILE K 27 33.38 37.76 -1.57
CA ILE K 27 34.29 37.48 -2.68
C ILE K 27 33.69 37.96 -3.99
N LYS K 28 32.38 37.75 -4.17
CA LYS K 28 31.68 38.23 -5.36
C LYS K 28 31.91 39.73 -5.58
N ALA K 29 31.84 40.50 -4.50
CA ALA K 29 32.02 41.95 -4.62
C ALA K 29 33.46 42.32 -4.97
N MET K 30 34.43 41.60 -4.41
CA MET K 30 35.83 41.89 -4.71
C MET K 30 36.21 41.56 -6.15
N LEU K 31 35.48 40.67 -6.81
CA LEU K 31 35.76 40.37 -8.21
C LEU K 31 35.20 41.41 -9.17
N SER K 32 34.17 42.15 -8.78
CA SER K 32 33.61 43.19 -9.63
C SER K 32 33.59 44.53 -8.90
N ASN K 43 39.49 37.97 -11.51
CA ASN K 43 40.78 37.33 -11.73
C ASN K 43 41.42 36.80 -10.44
N GLU K 44 41.99 37.70 -9.65
CA GLU K 44 42.79 37.34 -8.49
C GLU K 44 42.28 38.16 -7.32
N VAL K 45 42.34 37.61 -6.11
CA VAL K 45 41.99 38.38 -4.92
C VAL K 45 42.99 38.09 -3.81
N ASN K 46 43.52 39.16 -3.22
CA ASN K 46 44.38 39.08 -2.02
C ASN K 46 43.57 39.31 -0.76
N PHE K 47 43.81 38.44 0.21
CA PHE K 47 43.27 38.49 1.56
C PHE K 47 44.48 38.70 2.47
N ARG K 48 44.78 39.96 2.77
CA ARG K 48 45.99 40.29 3.51
C ARG K 48 45.90 39.90 4.98
N GLU K 49 44.72 39.53 5.48
CA GLU K 49 44.62 39.09 6.87
C GLU K 49 44.25 37.62 7.02
N ILE K 50 44.11 36.85 5.95
CA ILE K 50 43.66 35.47 6.02
C ILE K 50 44.81 34.54 5.64
N PRO K 51 45.39 33.81 6.59
CA PRO K 51 46.53 32.94 6.28
C PRO K 51 46.12 31.68 5.54
N SER K 52 47.14 30.98 5.02
CA SER K 52 46.89 29.84 4.14
C SER K 52 46.26 28.66 4.85
N HIS K 53 46.55 28.47 6.15
CA HIS K 53 45.93 27.36 6.87
C HIS K 53 44.46 27.60 7.18
N VAL K 54 43.95 28.80 6.92
CA VAL K 54 42.52 29.07 7.03
C VAL K 54 41.86 29.11 5.67
N LEU K 55 42.47 29.79 4.70
CA LEU K 55 41.86 29.96 3.40
C LEU K 55 41.72 28.62 2.66
N SER K 56 42.65 27.68 2.90
CA SER K 56 42.48 26.35 2.32
C SER K 56 41.22 25.69 2.85
N LYS K 57 40.99 25.80 4.16
CA LYS K 57 39.76 25.26 4.74
C LYS K 57 38.54 25.99 4.21
N VAL K 58 38.66 27.29 3.96
CA VAL K 58 37.55 28.03 3.36
C VAL K 58 37.25 27.47 1.97
N CYS K 59 38.30 27.18 1.19
CA CYS K 59 38.09 26.63 -0.15
C CYS K 59 37.46 25.25 -0.10
N MET K 60 37.86 24.42 0.88
CA MET K 60 37.20 23.14 1.05
C MET K 60 35.72 23.31 1.39
N TYR K 61 35.40 24.31 2.22
CA TYR K 61 34.01 24.54 2.56
C TYR K 61 33.19 24.91 1.33
N PHE K 62 33.78 25.66 0.40
CA PHE K 62 33.10 25.96 -0.86
C PHE K 62 32.67 24.66 -1.53
N THR K 63 33.60 23.72 -1.65
CA THR K 63 33.31 22.45 -2.34
C THR K 63 32.23 21.69 -1.59
N TYR K 64 32.34 21.65 -0.26
CA TYR K 64 31.35 20.98 0.57
C TYR K 64 29.96 21.57 0.38
N LYS K 65 29.87 22.90 0.37
CA LYS K 65 28.58 23.55 0.23
C LYS K 65 27.98 23.30 -1.14
N VAL K 66 28.78 23.40 -2.20
CA VAL K 66 28.26 23.19 -3.55
C VAL K 66 27.79 21.74 -3.72
N ARG K 67 28.52 20.78 -3.16
CA ARG K 67 28.13 19.38 -3.37
C ARG K 67 26.88 19.02 -2.58
N TYR K 68 26.78 19.47 -1.33
CA TYR K 68 25.80 18.95 -0.40
C TYR K 68 24.57 19.84 -0.24
N THR K 69 24.54 21.00 -0.88
CA THR K 69 23.33 21.80 -0.84
C THR K 69 22.24 21.13 -1.65
N ASN K 70 21.06 21.00 -1.05
CA ASN K 70 19.90 20.35 -1.66
C ASN K 70 20.25 18.94 -2.14
N SER K 71 20.79 18.16 -1.22
CA SER K 71 21.09 16.75 -1.45
C SER K 71 20.26 15.91 -0.50
N SER K 72 19.71 14.81 -1.02
CA SER K 72 18.95 13.86 -0.21
C SER K 72 19.84 12.82 0.46
N THR K 73 21.10 12.72 0.07
CA THR K 73 22.03 11.83 0.75
C THR K 73 22.25 12.27 2.19
N GLU K 74 22.79 11.35 3.00
CA GLU K 74 23.23 11.73 4.32
C GLU K 74 24.37 12.73 4.18
N ILE K 75 24.26 13.88 4.84
CA ILE K 75 25.26 14.94 4.74
C ILE K 75 26.26 14.77 5.87
N PRO K 76 27.55 14.68 5.59
CA PRO K 76 28.55 14.54 6.64
C PRO K 76 28.84 15.87 7.32
N GLU K 77 29.36 15.76 8.53
CA GLU K 77 29.82 16.92 9.28
C GLU K 77 30.94 17.61 8.55
N PHE K 78 31.01 18.94 8.67
CA PHE K 78 32.16 19.67 8.18
C PHE K 78 33.19 19.74 9.31
N PRO K 79 34.33 19.06 9.21
CA PRO K 79 35.27 19.00 10.34
C PRO K 79 36.10 20.27 10.47
N ILE K 80 36.27 20.72 11.72
CA ILE K 80 37.07 21.91 11.99
C ILE K 80 37.97 21.61 13.20
N ALA K 81 39.27 21.57 12.96
CA ALA K 81 40.22 21.36 14.05
C ALA K 81 40.16 22.51 15.04
N PRO K 82 40.28 22.23 16.34
CA PRO K 82 40.18 23.31 17.34
C PRO K 82 41.18 24.43 17.16
N GLU K 83 42.40 24.13 16.67
CA GLU K 83 43.46 25.13 16.58
C GLU K 83 43.13 26.22 15.57
N ILE K 84 42.35 25.90 14.53
CA ILE K 84 42.01 26.87 13.49
C ILE K 84 40.63 27.44 13.67
N ALA K 85 39.91 27.03 14.72
CA ALA K 85 38.50 27.39 14.86
C ALA K 85 38.33 28.90 15.02
N LEU K 86 39.17 29.55 15.83
CA LEU K 86 39.01 30.98 16.05
C LEU K 86 39.31 31.79 14.80
N GLU K 87 40.38 31.42 14.08
CA GLU K 87 40.72 32.15 12.86
C GLU K 87 39.70 31.90 11.75
N LEU K 88 39.28 30.63 11.61
CA LEU K 88 38.26 30.29 10.61
C LEU K 88 36.98 31.06 10.84
N LEU K 89 36.55 31.20 12.10
CA LEU K 89 35.32 31.93 12.39
C LEU K 89 35.41 33.36 11.90
N MET K 90 36.54 34.03 12.14
CA MET K 90 36.66 35.43 11.74
C MET K 90 36.71 35.57 10.22
N ALA K 91 37.45 34.68 9.55
CA ALA K 91 37.42 34.67 8.08
C ALA K 91 36.00 34.40 7.57
N ALA K 92 35.30 33.42 8.17
CA ALA K 92 33.95 33.11 7.74
C ALA K 92 33.01 34.30 7.96
N ASN K 93 33.18 35.00 9.09
CA ASN K 93 32.37 36.17 9.37
C ASN K 93 32.64 37.29 8.38
N PHE K 94 33.91 37.45 7.97
CA PHE K 94 34.23 38.51 7.01
C PHE K 94 33.74 38.17 5.61
N LEU K 95 33.82 36.89 5.21
CA LEU K 95 33.44 36.48 3.86
C LEU K 95 31.94 36.24 3.70
N ASP K 96 31.19 36.19 4.79
CA ASP K 96 29.75 35.96 4.76
C ASP K 96 29.39 34.68 4.01
N CYS K 97 30.00 33.58 4.43
CA CYS K 97 29.58 32.27 3.95
C CYS K 97 29.39 31.30 5.13
N VAL L 11 -0.05 29.40 16.90
CA VAL L 11 0.09 29.47 15.46
C VAL L 11 0.69 28.16 14.90
N LEU L 12 1.96 27.90 15.20
CA LEU L 12 2.54 26.60 14.84
C LEU L 12 2.20 25.62 15.95
N ARG L 13 1.36 24.62 15.66
CA ARG L 13 0.94 23.69 16.69
C ARG L 13 0.41 22.42 16.05
N SER L 14 0.36 21.37 16.87
CA SER L 14 -0.30 20.14 16.47
C SER L 14 -1.81 20.33 16.56
N VAL L 15 -2.53 19.72 15.63
CA VAL L 15 -3.98 19.64 15.71
C VAL L 15 -4.35 18.34 16.40
N ASN L 16 -5.30 18.38 17.31
CA ASN L 16 -5.74 17.17 17.98
C ASN L 16 -6.64 16.38 17.06
N SER L 17 -6.03 15.71 16.11
CA SER L 17 -6.80 14.97 15.11
C SER L 17 -7.36 13.68 15.69
N ARG L 18 -6.60 13.05 16.58
CA ARG L 18 -6.98 11.77 17.18
C ARG L 18 -6.92 10.66 16.15
N GLU L 19 -6.26 10.93 15.04
CA GLU L 19 -6.12 9.94 13.97
C GLU L 19 -4.68 9.46 13.93
N PRO L 20 -4.42 8.20 14.30
CA PRO L 20 -3.03 7.75 14.49
C PRO L 20 -2.22 7.78 13.21
N SER L 21 -0.91 7.91 13.38
CA SER L 21 0.06 7.88 12.30
C SER L 21 1.34 7.30 12.87
N GLN L 22 1.83 6.24 12.24
CA GLN L 22 3.07 5.60 12.68
C GLN L 22 4.23 6.13 11.85
N VAL L 23 5.34 6.46 12.53
CA VAL L 23 6.44 7.15 11.89
C VAL L 23 7.75 6.46 12.23
N ILE L 24 8.68 6.50 11.29
CA ILE L 24 10.05 6.07 11.53
C ILE L 24 10.91 7.30 11.69
N PHE L 25 11.51 7.44 12.86
CA PHE L 25 12.43 8.53 13.08
C PHE L 25 13.81 7.97 12.73
N CAS L 26 14.36 8.40 11.60
CA CAS L 26 15.65 7.90 11.12
CB CAS L 26 15.57 7.54 9.64
C CAS L 26 16.73 8.93 11.32
O CAS L 26 16.77 9.94 10.57
SG CAS L 26 17.12 6.89 9.10
AS CAS L 26 16.98 4.74 9.70
CE1 CAS L 26 18.72 4.10 10.40
CE2 CAS L 26 16.50 3.70 8.07
N ASN L 27 17.61 8.74 12.30
CA ASN L 27 18.66 9.72 12.54
C ASN L 27 19.87 9.51 11.61
N ARG L 28 19.83 10.09 10.42
CA ARG L 28 20.96 9.99 9.49
C ARG L 28 21.90 11.18 9.66
N SER L 29 22.36 11.35 10.88
CA SER L 29 23.28 12.41 11.26
C SER L 29 24.21 11.87 12.34
N PRO L 30 25.39 12.48 12.52
CA PRO L 30 26.27 12.07 13.62
C PRO L 30 25.95 12.68 14.96
N ARG L 31 24.84 13.40 15.11
CA ARG L 31 24.50 14.03 16.37
C ARG L 31 23.49 13.19 17.13
N VAL L 32 23.53 13.28 18.46
CA VAL L 32 22.43 12.75 19.26
C VAL L 32 21.24 13.68 19.08
N VAL L 33 20.14 13.15 18.56
CA VAL L 33 19.01 13.95 18.12
C VAL L 33 17.97 13.99 19.23
N LEU L 34 17.45 15.19 19.49
CA LEU L 34 16.33 15.36 20.40
C LEU L 34 15.09 15.63 19.57
N PRO L 35 14.12 14.70 19.60
CA PRO L 35 12.86 15.00 18.92
C PRO L 35 11.99 15.93 19.75
N VAL L 36 11.39 16.92 19.11
CA VAL L 36 10.60 17.92 19.82
C VAL L 36 9.20 17.96 19.20
N TRP L 37 8.19 17.66 20.01
CA TRP L 37 6.83 17.73 19.55
C TRP L 37 6.17 19.00 20.00
N LEU L 38 5.56 19.72 19.08
CA LEU L 38 4.81 20.91 19.43
C LEU L 38 3.42 20.50 19.87
N ASN L 39 3.05 20.81 21.11
CA ASN L 39 1.79 20.32 21.63
C ASN L 39 0.64 21.16 21.05
N PHE L 40 -0.58 20.96 21.51
CA PHE L 40 -1.73 21.66 20.94
C PHE L 40 -1.71 23.14 21.25
N ASP L 41 -0.96 23.55 22.26
CA ASP L 41 -0.73 24.96 22.54
C ASP L 41 0.50 25.53 21.82
N GLY L 42 1.22 24.73 21.06
CA GLY L 42 2.42 25.18 20.40
C GLY L 42 3.67 25.10 21.25
N GLU L 43 3.58 24.52 22.42
CA GLU L 43 4.72 24.40 23.31
C GLU L 43 5.62 23.26 22.85
N PRO L 44 6.95 23.48 22.80
CA PRO L 44 7.87 22.38 22.50
C PRO L 44 7.94 21.39 23.64
N GLN L 45 7.77 20.11 23.33
CA GLN L 45 7.89 19.06 24.33
C GLN L 45 8.94 18.07 23.90
N PRO L 46 9.97 17.89 24.72
CA PRO L 46 11.04 16.98 24.33
C PRO L 46 10.62 15.53 24.49
N TYR L 47 11.15 14.69 23.62
CA TYR L 47 10.87 13.28 23.65
C TYR L 47 12.21 12.58 23.74
N PRO L 48 12.20 11.26 23.89
CA PRO L 48 13.48 10.55 24.06
C PRO L 48 14.49 10.76 22.93
N THR L 49 15.79 10.79 23.25
CA THR L 49 16.78 11.08 22.23
C THR L 49 17.06 9.86 21.37
N LEU L 50 17.67 10.12 20.22
CA LEU L 50 18.07 9.05 19.33
C LEU L 50 19.57 9.11 19.12
N PRO L 51 20.28 8.00 19.39
CA PRO L 51 21.72 7.96 19.12
C PRO L 51 21.99 8.13 17.63
N PRO L 52 23.20 8.52 17.26
CA PRO L 52 23.50 8.73 15.83
C PRO L 52 23.25 7.48 15.00
N GLY L 53 22.63 7.68 13.84
CA GLY L 53 22.42 6.57 12.93
C GLY L 53 21.38 5.56 13.34
N THR L 54 20.45 5.91 14.23
CA THR L 54 19.45 4.97 14.69
C THR L 54 18.10 5.33 14.10
N GLY L 55 17.28 4.31 13.91
CA GLY L 55 15.91 4.50 13.43
C GLY L 55 14.93 3.76 14.32
N ARG L 56 13.76 4.36 14.51
CA ARG L 56 12.78 3.77 15.38
C ARG L 56 11.33 4.06 15.01
N ARG L 57 10.46 3.07 15.12
CA ARG L 57 9.02 3.27 14.97
C ARG L 57 8.38 3.79 16.25
N ILE L 58 7.73 4.93 16.08
CA ILE L 58 7.08 5.56 17.19
C ILE L 58 5.67 5.84 16.71
N HIS L 59 4.78 6.08 17.63
CA HIS L 59 3.40 6.35 17.27
C HIS L 59 3.04 7.80 17.49
N SER L 60 2.67 8.48 16.41
CA SER L 60 2.23 9.86 16.53
C SER L 60 0.83 9.95 15.94
N TYR L 61 0.44 11.13 15.51
CA TYR L 61 -0.88 11.33 14.96
C TYR L 61 -0.86 12.26 13.77
N ARG L 62 -1.83 12.12 12.89
CA ARG L 62 -1.90 12.98 11.73
C ARG L 62 -2.09 14.43 12.14
N GLY L 63 -1.35 15.33 11.50
CA GLY L 63 -1.47 16.74 11.80
C GLY L 63 -0.66 17.23 12.97
N HIS L 64 0.20 16.38 13.50
CA HIS L 64 1.06 16.80 14.59
C HIS L 64 2.34 17.43 14.04
N LEU L 65 2.97 18.31 14.80
CA LEU L 65 4.17 18.99 14.36
C LEU L 65 5.38 18.51 15.14
N TRP L 66 6.45 18.25 14.40
CA TRP L 66 7.68 17.81 15.00
C TRP L 66 8.89 18.53 14.44
N LEU L 67 9.86 18.83 15.28
CA LEU L 67 11.12 19.38 14.84
C LEU L 67 12.22 18.61 15.57
N PHE L 68 13.46 18.79 15.12
CA PHE L 68 14.55 17.95 15.60
C PHE L 68 15.79 18.79 15.83
N ARG L 69 16.45 18.54 16.97
CA ARG L 69 17.57 19.34 17.44
C ARG L 69 18.67 18.43 17.95
N ASP L 70 19.90 18.96 17.94
CA ASP L 70 20.96 18.28 18.65
C ASP L 70 20.65 18.29 20.15
N ALA L 71 20.73 17.11 20.77
CA ALA L 71 20.28 17.00 22.17
C ALA L 71 21.20 17.76 23.12
N GLY L 72 22.47 17.94 22.77
CA GLY L 72 23.44 18.55 23.66
C GLY L 72 23.58 20.06 23.49
N THR L 73 23.47 20.53 22.25
CA THR L 73 23.71 21.94 21.93
C THR L 73 22.48 22.66 21.41
N HIS L 74 21.41 21.94 21.06
CA HIS L 74 20.18 22.49 20.49
C HIS L 74 20.38 23.04 19.08
N ASP L 75 21.50 22.70 18.43
CA ASP L 75 21.65 23.01 17.00
C ASP L 75 20.43 22.46 16.26
N GLY L 76 19.91 23.25 15.33
CA GLY L 76 18.77 22.80 14.55
C GLY L 76 19.16 21.77 13.50
N LEU L 77 18.25 20.82 13.26
CA LEU L 77 18.48 19.79 12.26
C LEU L 77 17.31 19.80 11.28
N LEU L 78 17.50 19.09 10.16
CA LEU L 78 16.50 19.00 9.11
C LEU L 78 15.80 17.65 9.15
N VAL L 79 14.54 17.63 8.73
CA VAL L 79 13.78 16.40 8.59
C VAL L 79 13.13 16.40 7.21
N ASN L 80 13.45 15.39 6.41
CA ASN L 80 13.05 15.38 5.01
C ASN L 80 13.37 16.72 4.34
N GLN L 81 14.57 17.23 4.62
CA GLN L 81 15.11 18.45 4.01
C GLN L 81 14.35 19.72 4.38
N THR L 82 13.59 19.68 5.45
CA THR L 82 12.88 20.86 5.89
C THR L 82 12.98 20.96 7.40
N GLU L 83 12.43 22.02 7.96
CA GLU L 83 12.53 22.22 9.40
C GLU L 83 11.44 21.53 10.21
N LEU L 84 10.27 21.37 9.62
CA LEU L 84 9.17 20.76 10.35
C LEU L 84 8.61 19.51 9.68
N PHE L 85 8.23 18.53 10.49
CA PHE L 85 7.70 17.27 9.99
C PHE L 85 6.29 17.11 10.53
N VAL L 86 5.35 16.82 9.64
CA VAL L 86 3.97 16.62 10.04
C VAL L 86 3.57 15.21 9.66
N PRO L 87 3.28 14.32 10.60
CA PRO L 87 2.88 12.96 10.23
C PRO L 87 1.60 13.01 9.40
N SER L 88 1.55 12.14 8.42
CA SER L 88 0.42 12.10 7.52
C SER L 88 -0.18 10.70 7.51
N LEU L 89 -1.13 10.48 6.61
CA LEU L 89 -1.83 9.21 6.54
C LEU L 89 -0.86 8.12 6.09
N ASN L 90 -0.87 6.99 6.79
CA ASN L 90 -0.04 5.87 6.39
C ASN L 90 -0.77 5.17 5.26
N VAL L 91 -0.54 5.63 4.04
CA VAL L 91 -1.12 4.96 2.88
C VAL L 91 -0.47 3.60 2.76
N ASP L 92 -1.28 2.58 2.50
CA ASP L 92 -0.82 1.20 2.36
C ASP L 92 -0.16 0.67 3.63
N GLY L 93 -0.57 1.19 4.78
CA GLY L 93 -0.10 0.75 6.08
C GLY L 93 1.37 0.96 6.35
N GLN L 94 2.15 1.40 5.37
CA GLN L 94 3.56 1.65 5.60
C GLN L 94 3.74 2.89 6.47
N PRO L 95 4.60 2.83 7.47
CA PRO L 95 4.82 4.03 8.30
C PRO L 95 5.52 5.13 7.51
N ILE L 96 5.26 6.36 7.92
CA ILE L 96 5.88 7.52 7.29
C ILE L 96 7.35 7.59 7.67
N PHE L 97 8.19 7.98 6.72
CA PHE L 97 9.63 8.07 6.94
C PHE L 97 10.02 9.51 7.23
N ALA L 98 10.66 9.73 8.39
CA ALA L 98 11.23 11.01 8.76
C ALA L 98 12.74 10.91 8.74
N ASN L 99 13.36 11.49 7.72
CA ASN L 99 14.80 11.38 7.52
C ASN L 99 15.46 12.60 8.16
N ILE L 100 16.08 12.38 9.31
CA ILE L 100 16.69 13.46 10.09
C ILE L 100 18.15 13.58 9.66
N THR L 101 18.49 14.71 9.03
CA THR L 101 19.85 14.91 8.51
C THR L 101 20.44 16.19 9.08
N LEU L 102 21.76 16.28 9.04
CA LEU L 102 22.39 17.56 9.28
C LEU L 102 21.98 18.52 8.18
N PRO L 103 21.76 19.79 8.49
CA PRO L 103 21.69 20.80 7.43
C PRO L 103 23.09 21.10 6.94
N VAL L 104 23.18 21.85 5.84
CA VAL L 104 24.45 22.45 5.44
C VAL L 104 24.53 23.78 6.18
N TYR L 105 25.23 23.79 7.31
CA TYR L 105 25.36 25.04 8.05
C TYR L 105 26.21 26.04 7.28
N THR L 106 26.02 27.31 7.57
CA THR L 106 26.99 28.30 7.17
C THR L 106 28.31 27.99 7.86
N LEU L 107 29.42 28.38 7.22
CA LEU L 107 30.71 28.19 7.88
C LEU L 107 30.77 28.94 9.20
N LYS L 108 30.11 30.11 9.27
CA LYS L 108 30.13 30.87 10.52
C LYS L 108 29.44 30.11 11.65
N GLU L 109 28.23 29.62 11.40
CA GLU L 109 27.52 28.86 12.44
C GLU L 109 28.29 27.61 12.83
N ARG L 110 28.81 26.89 11.83
CA ARG L 110 29.60 25.70 12.11
C ARG L 110 30.82 26.05 12.96
N CYS L 111 31.46 27.19 12.68
CA CYS L 111 32.58 27.63 13.52
C CYS L 111 32.12 27.99 14.93
N LEU L 112 30.97 28.68 15.05
CA LEU L 112 30.44 28.99 16.38
C LEU L 112 30.21 27.70 17.16
N GLN L 113 29.75 26.64 16.47
CA GLN L 113 29.48 25.37 17.14
C GLN L 113 30.75 24.80 17.76
N VAL L 114 31.83 24.73 16.97
CA VAL L 114 33.08 24.16 17.46
C VAL L 114 33.60 24.95 18.66
N VAL L 115 33.55 26.28 18.58
CA VAL L 115 34.05 27.10 19.69
C VAL L 115 33.19 26.89 20.94
N ARG L 116 31.87 26.89 20.77
CA ARG L 116 30.99 26.64 21.92
C ARG L 116 31.29 25.28 22.54
N SER L 117 31.61 24.28 21.72
CA SER L 117 31.93 22.96 22.25
C SER L 117 33.30 22.91 22.92
N LEU L 118 34.13 23.94 22.75
CA LEU L 118 35.46 23.94 23.32
C LEU L 118 35.66 24.92 24.46
N VAL L 119 34.77 25.91 24.62
CA VAL L 119 34.94 26.97 25.61
C VAL L 119 33.67 27.09 26.45
N LYS L 120 33.83 27.07 27.77
CA LYS L 120 32.70 27.37 28.62
C LYS L 120 32.22 28.80 28.36
N PRO L 121 30.90 29.04 28.49
CA PRO L 121 30.37 30.39 28.26
C PRO L 121 30.99 31.43 29.17
N GLU L 122 31.42 31.01 30.37
CA GLU L 122 32.17 31.81 31.32
C GLU L 122 33.21 32.64 30.59
N ASN L 123 34.01 31.91 29.81
CA ASN L 123 35.32 32.31 29.32
C ASN L 123 35.28 32.85 27.90
N TYR L 124 34.09 33.08 27.34
CA TYR L 124 34.00 33.60 25.98
C TYR L 124 34.77 34.91 25.85
N ARG L 125 34.60 35.82 26.82
CA ARG L 125 35.27 37.11 26.74
C ARG L 125 36.78 37.02 26.94
N ARG L 126 37.31 35.83 27.22
CA ARG L 126 38.74 35.62 27.35
C ARG L 126 39.37 35.19 26.03
N LEU L 127 38.55 35.11 24.98
CA LEU L 127 38.97 34.87 23.62
C LEU L 127 39.23 36.23 22.95
N ASP L 128 40.29 36.33 22.17
CA ASP L 128 40.61 37.59 21.49
C ASP L 128 39.91 37.61 20.14
N ILE L 129 38.70 38.16 20.12
CA ILE L 129 37.88 38.23 18.91
C ILE L 129 37.12 39.55 18.94
N VAL L 130 36.53 39.91 17.79
CA VAL L 130 35.75 41.14 17.71
C VAL L 130 34.57 41.03 18.67
N ARG L 131 34.16 42.19 19.21
CA ARG L 131 33.09 42.18 20.20
C ARG L 131 31.80 41.61 19.63
N SER L 132 31.54 41.83 18.33
CA SER L 132 30.35 41.26 17.71
C SER L 132 30.38 39.74 17.73
N LEU L 133 31.57 39.15 17.63
CA LEU L 133 31.67 37.69 17.68
C LEU L 133 31.42 37.16 19.08
N TYR L 134 31.66 37.96 20.11
CA TYR L 134 31.29 37.57 21.46
C TYR L 134 29.78 37.40 21.57
N GLU L 135 29.03 38.37 21.07
CA GLU L 135 27.57 38.28 21.12
C GLU L 135 27.03 37.16 20.24
N ASP L 136 27.67 36.89 19.10
CA ASP L 136 27.22 35.80 18.23
C ASP L 136 27.38 34.45 18.92
N LEU L 137 28.52 34.22 19.57
CA LEU L 137 28.74 32.97 20.27
C LEU L 137 27.76 32.78 21.43
N GLU L 138 27.48 33.85 22.16
CA GLU L 138 26.86 33.64 23.45
C GLU L 138 25.38 33.35 23.22
N ASP L 139 24.91 33.67 22.01
CA ASP L 139 23.54 33.52 21.53
C ASP L 139 23.30 32.08 21.06
N HIS L 140 23.24 31.19 22.05
CA HIS L 140 23.11 29.77 21.82
C HIS L 140 21.79 29.45 21.09
N PRO L 141 21.80 28.41 20.25
CA PRO L 141 20.56 28.02 19.56
C PRO L 141 19.44 27.80 20.55
N ASN L 142 18.26 28.32 20.21
CA ASN L 142 17.12 28.34 21.12
C ASN L 142 15.87 27.99 20.33
N VAL L 143 15.18 26.94 20.78
CA VAL L 143 14.02 26.45 20.05
C VAL L 143 12.89 27.49 20.05
N GLN L 144 12.64 28.15 21.18
CA GLN L 144 11.59 29.16 21.23
C GLN L 144 11.85 30.32 20.26
N LYS L 145 13.09 30.82 20.21
CA LYS L 145 13.42 31.88 19.24
C LYS L 145 13.26 31.36 17.82
N ASP L 146 13.75 30.15 17.58
CA ASP L 146 13.60 29.57 16.26
C ASP L 146 12.14 29.37 15.92
N LEU L 147 11.29 29.01 16.89
CA LEU L 147 9.88 28.94 16.55
C LEU L 147 9.35 30.33 16.18
N GLU L 148 9.77 31.37 16.89
CA GLU L 148 9.27 32.72 16.61
C GLU L 148 9.71 33.19 15.22
N ARG L 149 10.94 32.87 14.83
CA ARG L 149 11.40 33.24 13.49
C ARG L 149 10.62 32.49 12.42
N LEU L 150 10.45 31.17 12.59
CA LEU L 150 9.65 30.40 11.63
C LEU L 150 8.21 30.88 11.62
N THR L 151 7.64 31.15 12.79
CA THR L 151 6.25 31.59 12.88
C THR L 151 6.05 32.92 12.15
N GLN L 152 7.09 33.76 12.08
CA GLN L 152 6.97 35.02 11.36
C GLN L 152 6.84 34.78 9.86
N GLU L 153 7.50 33.74 9.34
CA GLU L 153 7.41 33.40 7.92
C GLU L 153 6.05 32.77 7.60
C13 VH3 M . -27.92 -27.39 -13.61
C15 VH3 M . -25.37 -28.14 -13.62
C20 VH3 M . -28.85 -26.96 -14.56
C22 VH3 M . -30.21 -27.11 -14.32
C26 VH3 M . -36.27 -24.40 -13.66
C28 VH3 M . -37.08 -22.85 -11.85
C02 VH3 M . -33.83 -22.84 -16.04
C03 VH3 M . -33.01 -24.22 -15.53
C04 VH3 M . -33.93 -25.01 -14.98
C05 VH3 M . -33.32 -25.74 -13.80
C07 VH3 M . -32.16 -27.81 -12.91
C08 VH3 M . -30.65 -27.68 -13.12
C09 VH3 M . -29.74 -28.10 -12.17
C11 VH3 M . -29.70 -28.02 -9.82
C12 VH3 M . -28.37 -27.95 -12.40
C14 VH3 M . -26.42 -27.21 -13.90
C16 VH3 M . -25.55 -29.51 -12.94
C18 VH3 M . -24.25 -26.33 -14.64
C23 VH3 M . -32.58 -29.28 -12.95
C27 VH3 M . -37.32 -23.37 -13.28
C29 VH3 M . -35.60 -22.42 -11.68
C30 VH3 M . -37.41 -23.95 -10.81
C31 VH3 M . -38.01 -21.62 -11.61
C33 VH3 M . -39.47 -23.85 -14.51
C34 VH3 M . -40.83 -24.59 -14.54
C36 VH3 M . -41.46 -24.75 -15.92
C37 VH3 M . -42.05 -23.75 -14.91
C40 VH3 M . -34.78 -22.60 -15.09
F21 VH3 M . -28.43 -26.40 -15.73
F35 VH3 M . -41.06 -25.60 -13.66
N06 VH3 M . -32.78 -27.09 -13.99
N17 VH3 M . -24.08 -27.59 -14.07
N25 VH3 M . -35.12 -24.02 -14.49
N32 VH3 M . -38.60 -24.04 -13.34
O01 VH3 M . -34.44 -23.09 -17.25
O10 VH3 M . -30.18 -28.68 -10.97
O24 VH3 M . -33.28 -25.23 -12.73
O38 VH3 M . -39.15 -23.15 -15.39
O39 VH3 M . -36.37 -25.52 -13.30
S19 VH3 M . -25.81 -25.91 -14.61
C13 VH3 N . -13.68 -30.89 30.60
C15 VH3 N . -11.13 -31.60 30.62
C20 VH3 N . -14.62 -30.52 29.64
C22 VH3 N . -15.99 -30.69 29.89
C26 VH3 N . -22.03 -27.99 30.72
C28 VH3 N . -22.85 -26.48 32.58
C02 VH3 N . -19.62 -26.38 28.32
C03 VH3 N . -18.77 -27.74 28.82
C04 VH3 N . -19.69 -28.54 29.36
C05 VH3 N . -19.06 -29.30 30.51
C07 VH3 N . -17.91 -31.40 31.35
C08 VH3 N . -16.41 -31.23 31.11
C09 VH3 N . -15.48 -31.60 32.08
C11 VH3 N . -15.28 -31.54 34.41
C12 VH3 N . -14.11 -31.42 31.83
C14 VH3 N . -12.18 -30.68 30.30
C16 VH3 N . -11.30 -32.96 31.32
C18 VH3 N . -10.01 -29.80 29.57
C23 VH3 N . -18.31 -32.87 31.26
C27 VH3 N . -23.09 -26.99 31.13
C29 VH3 N . -23.89 -25.37 32.89
C30 VH3 N . -21.42 -25.90 32.70
C31 VH3 N . -23.03 -27.64 33.59
C33 VH3 N . -25.29 -27.45 29.98
C34 VH3 N . -26.62 -28.24 29.98
C36 VH3 N . -27.28 -28.45 28.62
C37 VH3 N . -27.87 -27.44 29.62
C40 VH3 N . -20.56 -26.16 29.30
F21 VH3 N . -14.23 -30.00 28.45
F35 VH3 N . -26.79 -29.24 30.89
N06 VH3 N . -18.55 -30.66 30.28
N17 VH3 N . -9.84 -31.05 30.18
N25 VH3 N . -20.88 -27.58 29.87
N32 VH3 N . -24.36 -27.68 31.08
O01 VH3 N . -20.25 -26.66 27.13
O10 VH3 N . -15.90 -32.15 33.30
O24 VH3 N . -18.98 -28.80 31.59
O38 VH3 N . -25.04 -26.68 29.11
O39 VH3 N . -22.11 -29.12 31.05
S19 VH3 N . -11.58 -29.39 29.57
C13 VH3 O . -37.37 -19.38 0.55
C15 VH3 O . -39.44 -17.74 0.76
C20 VH3 O . -36.27 -19.59 1.37
C22 VH3 O . -35.65 -20.85 1.38
C26 VH3 O . -30.28 -24.95 0.51
C28 VH3 O . -29.05 -25.50 -1.62
C02 VH3 O . -29.71 -21.49 1.81
C03 VH3 O . -31.38 -21.54 1.69
C04 VH3 O . -31.68 -22.83 1.63
C05 VH3 O . -32.92 -23.02 0.75
C07 VH3 O . -35.44 -23.25 0.61
C08 VH3 O . -36.13 -21.88 0.57
C09 VH3 O . -37.24 -21.65 -0.25
C11 VH3 O . -37.96 -22.28 -2.40
C12 VH3 O . -37.85 -20.40 -0.26
C14 VH3 O . -38.05 -17.99 0.53
C16 VH3 O . -40.50 -18.82 1.06
C18 VH3 O . -38.54 -15.58 0.40
C23 VH3 O . -36.35 -24.28 1.26
C27 VH3 O . -28.98 -25.47 -0.08
C29 VH3 O . -27.62 -25.78 -2.18
C30 VH3 O . -29.54 -24.12 -2.16
C31 VH3 O . -30.02 -26.61 -2.08
C33 VH3 O . -27.78 -27.08 1.46
C34 VH3 O . -27.62 -28.52 1.99
C36 VH3 O . -27.01 -28.63 3.39
C37 VH3 O . -26.18 -29.01 2.16
C40 VH3 O . -29.27 -22.43 0.93
F21 VH3 O . -35.79 -18.59 2.15
F35 VH3 O . -28.55 -29.47 1.67
N06 VH3 O . -34.24 -23.09 1.40
N17 VH3 O . -39.71 -16.30 0.68
N25 VH3 O . -30.38 -23.54 0.97
N32 VH3 O . -28.80 -26.81 0.42
O01 VH3 O . -29.33 -21.85 3.09
O10 VH3 O . -37.74 -22.68 -1.07
O24 VH3 O . -32.81 -23.13 -0.42
O38 VH3 O . -27.11 -26.20 1.87
O39 VH3 O . -31.21 -25.66 0.61
S19 VH3 O . -37.29 -16.60 0.27
C13 VH3 P . 8.75 8.22 21.26
C15 VH3 P . 11.19 7.22 20.93
C20 VH3 P . 7.82 8.83 20.43
C22 VH3 P . 6.46 8.75 20.73
C26 VH3 P . 0.49 11.52 21.97
C28 VH3 P . -0.19 12.97 23.93
C02 VH3 P . 2.76 13.19 19.50
C03 VH3 P . 3.64 11.83 19.93
C04 VH3 P . 2.73 11.00 20.43
C05 VH3 P . 3.40 10.15 21.52
C07 VH3 P . 4.53 8.00 22.17
C08 VH3 P . 6.03 8.06 21.87
C09 VH3 P . 6.97 7.45 22.70
C11 VH3 P . 7.34 6.99 24.99
C12 VH3 P . 8.33 7.53 22.41
C14 VH3 P . 10.26 8.32 20.91
C16 VH3 P . 10.85 5.77 21.31
C18 VH3 P . 12.50 9.06 20.25
C23 VH3 P . 4.02 6.56 22.06
C27 VH3 P . -0.52 12.54 22.49
C29 VH3 P . -1.23 14.05 24.36
C30 VH3 P . 1.25 13.57 24.00
C31 VH3 P . -0.29 11.76 24.90
C33 VH3 P . -2.80 12.26 21.45
C34 VH3 P . -4.17 11.56 21.46
C36 VH3 P . -4.90 11.52 20.11
C37 VH3 P . -5.39 12.45 21.23
C40 VH3 P . 1.90 13.39 20.55
F21 VH3 P . 8.23 9.50 19.32
F35 VH3 P . -4.37 10.47 22.27
N06 VH3 P . 3.89 8.82 21.17
N17 VH3 P . 12.52 7.69 20.54
N25 VH3 P . 1.59 11.95 21.08
N32 VH3 P . -1.80 11.89 22.48
O01 VH3 P . 2.05 12.93 18.35
O10 VH3 P . 6.54 6.75 23.86
O24 VH3 P . 3.49 10.56 22.63
O38 VH3 P . -2.55 13.09 20.66
O39 VH3 P . 0.40 10.38 22.27
S19 VH3 P . 11.01 9.65 20.46
#